data_1LB1
#
_entry.id   1LB1
#
_cell.length_a   158.897
_cell.length_b   158.897
_cell.length_c   151.791
_cell.angle_alpha   90.00
_cell.angle_beta   90.00
_cell.angle_gamma   90.00
#
_symmetry.space_group_name_H-M   'P 43'
#
loop_
_entity.id
_entity.type
_entity.pdbx_description
1 polymer 'Guanine nucleotide exchange factor DBS'
2 polymer 'Transforming protein RhoA'
#
loop_
_entity_poly.entity_id
_entity_poly.type
_entity_poly.pdbx_seq_one_letter_code
_entity_poly.pdbx_strand_id
1 'polypeptide(L)'
;MGEEEESLAILRRHVMNELLDTERAYVEELLCVLEGYAAEMDNPLMAHLISTGLQNKKNILFGNMEEIYHFHNRIFLREL
ESCIDCPELVGRCFLERMEEFQIYEKYCQNKPRSESLWRQCSDCPFFQECQKKLDHKLSLDSYLLKPVQRITKYQLLLKE
MLKYSKHCEGAEDLQEALSSILGILKAVNDSMHLIAITGYDGNLGDLGKLLMQGSFSVWTDHKKGHTKVKELARFKPMQR
HLFLHEKAVLFCKKREENGEGYEKAPSYSYKQSLNMTAVGITENVKGDTKKFEIWYNAREEVYIIQAPTPEIKAAWVNEI
RKVLTSQLQACREASQHRALEQSHSLEHHHHHH
;
A,C,E,G
2 'polypeptide(L)'
;GAMAAIRKKLVIVGDGACGKTCLLIVFSKDQFPEVYVPTVFENYVADIEVDGKQVELALWDTAGQEDYDRLRPLSYPDTD
VILMCFSIDSPDSLENIPEKWTPEVKHFCPNVPIILVGNKKDLRNDEHTRRELAKMKQEPVKPEEGRDMANRIGAFGYME
CSAKTKDGVREVFEMATRAALQARRGKKKSGS
;
B,D,F,H
#
# COMPACT_ATOMS: atom_id res chain seq x y z
N GLU A 3 81.60 4.58 27.44
CA GLU A 3 80.62 4.99 26.40
C GLU A 3 81.08 6.28 25.76
N GLU A 4 80.37 6.75 24.74
CA GLU A 4 80.77 7.97 24.06
C GLU A 4 80.47 9.22 24.91
N GLU A 5 79.29 9.29 25.50
CA GLU A 5 78.94 10.43 26.32
C GLU A 5 80.00 10.61 27.37
N GLU A 6 80.57 9.48 27.78
CA GLU A 6 81.62 9.38 28.79
C GLU A 6 82.88 10.16 28.39
N SER A 7 83.49 9.73 27.30
CA SER A 7 84.71 10.32 26.80
C SER A 7 84.60 11.78 26.35
N LEU A 8 83.46 12.14 25.77
CA LEU A 8 83.28 13.50 25.31
C LEU A 8 83.28 14.45 26.52
N ALA A 9 82.73 13.99 27.63
CA ALA A 9 82.70 14.84 28.81
C ALA A 9 84.10 14.97 29.40
N ILE A 10 84.94 13.98 29.11
CA ILE A 10 86.33 13.97 29.56
C ILE A 10 87.06 15.00 28.72
N LEU A 11 86.82 14.99 27.41
CA LEU A 11 87.43 15.93 26.49
C LEU A 11 86.94 17.37 26.74
N ARG A 12 85.69 17.50 27.18
CA ARG A 12 85.15 18.83 27.48
C ARG A 12 85.96 19.34 28.66
N ARG A 13 86.32 18.40 29.55
CA ARG A 13 87.09 18.69 30.76
C ARG A 13 88.50 19.17 30.38
N HIS A 14 89.13 18.52 29.41
CA HIS A 14 90.46 18.88 28.98
C HIS A 14 90.46 20.29 28.41
N VAL A 15 89.52 20.57 27.51
CA VAL A 15 89.44 21.89 26.90
C VAL A 15 89.22 22.95 27.96
N MET A 16 88.37 22.65 28.94
CA MET A 16 88.09 23.61 30.00
C MET A 16 89.34 23.86 30.82
N ASN A 17 90.15 22.80 31.00
CA ASN A 17 91.37 22.95 31.78
C ASN A 17 92.37 23.81 31.04
N GLU A 18 92.63 23.50 29.77
CA GLU A 18 93.58 24.30 29.03
C GLU A 18 93.11 25.75 28.98
N LEU A 19 91.80 25.94 28.89
CA LEU A 19 91.24 27.28 28.84
C LEU A 19 91.60 28.05 30.11
N LEU A 20 91.35 27.44 31.27
CA LEU A 20 91.64 28.05 32.58
C LEU A 20 93.13 28.19 32.88
N ASP A 21 93.93 27.19 32.51
CA ASP A 21 95.36 27.23 32.74
C ASP A 21 95.99 28.33 31.90
N THR A 22 95.78 28.27 30.59
CA THR A 22 96.36 29.27 29.72
C THR A 22 95.89 30.68 30.09
N GLU A 23 94.67 30.79 30.61
CA GLU A 23 94.11 32.08 31.01
C GLU A 23 94.86 32.65 32.22
N ARG A 24 95.13 31.80 33.21
CA ARG A 24 95.86 32.21 34.40
C ARG A 24 97.27 32.65 34.01
N ALA A 25 97.89 31.86 33.15
CA ALA A 25 99.23 32.15 32.67
C ALA A 25 99.23 33.46 31.90
N TYR A 26 98.20 33.66 31.08
CA TYR A 26 98.12 34.89 30.31
C TYR A 26 98.06 36.08 31.24
N VAL A 27 97.24 35.98 32.28
CA VAL A 27 97.13 37.07 33.23
C VAL A 27 98.44 37.28 33.99
N GLU A 28 99.11 36.20 34.36
CA GLU A 28 100.38 36.29 35.08
C GLU A 28 101.40 36.98 34.21
N GLU A 29 101.60 36.46 33.01
CA GLU A 29 102.57 37.01 32.08
C GLU A 29 102.38 38.50 31.82
N LEU A 30 101.15 38.95 31.70
CA LEU A 30 100.92 40.36 31.46
C LEU A 30 101.36 41.18 32.69
N LEU A 31 100.93 40.76 33.88
CA LEU A 31 101.29 41.45 35.10
C LEU A 31 102.82 41.51 35.22
N CYS A 32 103.44 40.38 34.91
CA CYS A 32 104.88 40.21 34.96
C CYS A 32 105.60 41.30 34.17
N VAL A 33 105.05 41.66 33.02
CA VAL A 33 105.62 42.66 32.15
C VAL A 33 105.23 44.08 32.58
N LEU A 34 104.02 44.23 33.09
CA LEU A 34 103.51 45.52 33.54
C LEU A 34 104.26 46.04 34.76
N GLU A 35 104.90 45.12 35.49
CA GLU A 35 105.65 45.51 36.69
C GLU A 35 107.14 45.41 36.45
N GLY A 36 107.57 44.32 35.83
CA GLY A 36 108.98 44.12 35.58
C GLY A 36 109.60 44.99 34.49
N TYR A 37 108.77 45.71 33.74
CA TYR A 37 109.26 46.59 32.68
C TYR A 37 108.56 47.94 32.72
N ALA A 38 107.26 47.94 32.49
CA ALA A 38 106.51 49.19 32.47
C ALA A 38 106.63 50.02 33.74
N ALA A 39 106.43 49.39 34.89
CA ALA A 39 106.53 50.11 36.15
C ALA A 39 107.96 50.49 36.47
N GLU A 40 108.91 49.66 36.04
CA GLU A 40 110.31 49.92 36.28
C GLU A 40 110.79 51.17 35.56
N MET A 41 110.03 51.62 34.57
CA MET A 41 110.39 52.82 33.82
C MET A 41 110.27 54.06 34.68
N ASP A 42 109.49 53.96 35.76
CA ASP A 42 109.29 55.08 36.67
C ASP A 42 109.95 54.80 38.01
N ASN A 43 110.92 53.90 37.99
CA ASN A 43 111.67 53.55 39.18
C ASN A 43 112.99 54.33 39.16
N PRO A 44 113.20 55.20 40.16
CA PRO A 44 114.42 56.01 40.27
C PRO A 44 115.71 55.19 40.13
N LEU A 45 115.76 54.07 40.83
CA LEU A 45 116.93 53.18 40.78
C LEU A 45 117.29 52.71 39.37
N MET A 46 116.40 52.96 38.41
CA MET A 46 116.63 52.54 37.02
C MET A 46 116.79 53.73 36.09
N ALA A 47 116.34 54.91 36.52
CA ALA A 47 116.40 56.12 35.71
C ALA A 47 117.73 56.39 35.01
N HIS A 48 118.81 55.83 35.53
CA HIS A 48 120.13 56.04 34.92
C HIS A 48 120.36 55.16 33.70
N LEU A 49 119.41 54.27 33.42
CA LEU A 49 119.50 53.36 32.27
C LEU A 49 118.47 53.72 31.18
N ILE A 50 117.63 54.71 31.47
CA ILE A 50 116.60 55.10 30.53
C ILE A 50 116.55 56.61 30.28
N SER A 51 116.48 56.98 28.99
CA SER A 51 116.41 58.38 28.59
C SER A 51 115.00 58.90 28.81
N THR A 52 114.82 60.22 28.66
CA THR A 52 113.51 60.81 28.89
C THR A 52 112.56 60.52 27.71
N GLY A 53 113.14 60.42 26.53
CA GLY A 53 112.35 60.16 25.33
C GLY A 53 111.63 58.83 25.42
N LEU A 54 112.38 57.76 25.71
CA LEU A 54 111.83 56.43 25.83
C LEU A 54 110.77 56.37 26.92
N GLN A 55 111.04 57.06 28.02
CA GLN A 55 110.14 57.09 29.15
C GLN A 55 108.76 57.63 28.78
N ASN A 56 108.73 58.58 27.85
CA ASN A 56 107.48 59.19 27.42
C ASN A 56 106.72 58.28 26.45
N LYS A 57 107.47 57.52 25.66
CA LYS A 57 106.90 56.57 24.69
C LYS A 57 106.39 55.30 25.37
N LYS A 58 106.28 55.31 26.69
CA LYS A 58 105.82 54.13 27.40
C LYS A 58 104.47 53.64 26.88
N ASN A 59 103.58 54.57 26.57
CA ASN A 59 102.28 54.20 26.07
C ASN A 59 102.30 53.61 24.67
N ILE A 60 103.26 54.04 23.85
CA ILE A 60 103.37 53.49 22.50
C ILE A 60 103.89 52.06 22.63
N LEU A 61 104.86 51.86 23.51
CA LEU A 61 105.43 50.54 23.68
C LEU A 61 104.45 49.51 24.22
N PHE A 62 103.69 49.89 25.24
CA PHE A 62 102.74 48.96 25.87
C PHE A 62 101.29 49.03 25.41
N GLY A 63 100.93 50.09 24.71
CA GLY A 63 99.55 50.20 24.27
C GLY A 63 98.62 50.17 25.47
N ASN A 64 97.50 49.47 25.35
CA ASN A 64 96.59 49.41 26.50
C ASN A 64 96.67 48.08 27.20
N MET A 65 97.88 47.52 27.29
CA MET A 65 98.06 46.23 27.95
C MET A 65 97.43 46.23 29.32
N GLU A 66 97.63 47.30 30.07
CA GLU A 66 97.08 47.37 31.40
C GLU A 66 95.56 47.25 31.41
N GLU A 67 94.91 47.97 30.50
CA GLU A 67 93.46 47.91 30.42
C GLU A 67 93.05 46.44 30.23
N ILE A 68 93.76 45.76 29.33
CA ILE A 68 93.50 44.36 29.01
C ILE A 68 93.73 43.45 30.21
N TYR A 69 94.80 43.71 30.93
CA TYR A 69 95.13 42.92 32.10
C TYR A 69 94.03 43.04 33.17
N HIS A 70 93.52 44.24 33.40
CA HIS A 70 92.49 44.41 34.41
C HIS A 70 91.22 43.65 34.01
N PHE A 71 90.87 43.70 32.72
CA PHE A 71 89.68 42.98 32.26
C PHE A 71 89.76 41.47 32.58
N HIS A 72 90.86 40.86 32.20
CA HIS A 72 91.05 39.44 32.42
C HIS A 72 91.27 39.07 33.87
N ASN A 73 91.97 39.92 34.61
CA ASN A 73 92.26 39.67 36.02
C ASN A 73 91.07 39.93 36.94
N ARG A 74 90.31 41.00 36.66
CA ARG A 74 89.16 41.36 37.47
C ARG A 74 87.85 40.70 37.02
N ILE A 75 87.75 40.39 35.74
CA ILE A 75 86.50 39.85 35.23
C ILE A 75 86.47 38.50 34.51
N PHE A 76 87.15 38.42 33.38
CA PHE A 76 87.09 37.20 32.60
C PHE A 76 87.60 35.91 33.22
N LEU A 77 88.72 35.96 33.94
CA LEU A 77 89.24 34.73 34.54
C LEU A 77 88.29 34.26 35.62
N ARG A 78 87.70 35.22 36.32
CA ARG A 78 86.76 34.97 37.40
C ARG A 78 85.51 34.27 36.84
N GLU A 79 85.05 34.71 35.68
CA GLU A 79 83.87 34.11 35.08
C GLU A 79 84.13 32.76 34.41
N LEU A 80 85.33 32.56 33.90
CA LEU A 80 85.66 31.28 33.29
C LEU A 80 85.69 30.21 34.37
N GLU A 81 86.14 30.58 35.58
CA GLU A 81 86.24 29.63 36.67
C GLU A 81 84.89 29.19 37.15
N SER A 82 83.91 30.05 37.01
CA SER A 82 82.56 29.74 37.45
C SER A 82 81.94 28.69 36.53
N CYS A 83 82.66 28.30 35.48
CA CYS A 83 82.17 27.29 34.54
C CYS A 83 82.93 25.99 34.69
N ILE A 84 83.79 25.92 35.70
CA ILE A 84 84.59 24.73 35.91
C ILE A 84 83.67 23.52 36.00
N ASP A 85 82.50 23.73 36.59
CA ASP A 85 81.50 22.68 36.76
C ASP A 85 80.75 22.31 35.48
N CYS A 86 80.29 23.33 34.76
CA CYS A 86 79.56 23.09 33.53
C CYS A 86 80.34 23.71 32.37
N PRO A 87 81.34 22.98 31.86
CA PRO A 87 82.19 23.41 30.75
C PRO A 87 81.53 23.72 29.42
N GLU A 88 80.35 23.20 29.18
CA GLU A 88 79.66 23.46 27.91
C GLU A 88 79.10 24.88 27.96
N LEU A 89 78.96 25.42 29.17
CA LEU A 89 78.39 26.75 29.34
C LEU A 89 79.41 27.90 29.30
N VAL A 90 80.64 27.60 28.94
CA VAL A 90 81.64 28.64 28.89
C VAL A 90 81.30 29.58 27.74
N GLY A 91 80.49 29.11 26.81
CA GLY A 91 80.10 29.94 25.67
C GLY A 91 79.39 31.20 26.12
N ARG A 92 78.67 31.11 27.23
CA ARG A 92 77.93 32.24 27.76
C ARG A 92 78.84 33.31 28.33
N CYS A 93 80.03 32.94 28.81
CA CYS A 93 80.97 33.93 29.34
C CYS A 93 81.37 34.89 28.24
N PHE A 94 81.80 34.34 27.11
CA PHE A 94 82.20 35.21 26.02
C PHE A 94 81.01 36.05 25.57
N LEU A 95 79.84 35.44 25.44
CA LEU A 95 78.65 36.14 24.98
C LEU A 95 78.34 37.35 25.83
N GLU A 96 78.46 37.21 27.15
CA GLU A 96 78.18 38.32 28.06
C GLU A 96 79.33 39.31 28.20
N ARG A 97 80.38 39.15 27.39
CA ARG A 97 81.54 40.05 27.45
C ARG A 97 82.05 40.48 26.09
N MET A 98 81.30 40.17 25.03
CA MET A 98 81.73 40.54 23.69
C MET A 98 82.09 42.01 23.56
N GLU A 99 81.49 42.85 24.38
CA GLU A 99 81.77 44.27 24.31
C GLU A 99 83.17 44.52 24.87
N GLU A 100 83.44 44.00 26.06
CA GLU A 100 84.73 44.16 26.72
C GLU A 100 85.91 43.77 25.83
N PHE A 101 85.67 42.82 24.92
CA PHE A 101 86.73 42.35 24.02
C PHE A 101 87.12 43.36 22.98
N GLN A 102 86.32 44.41 22.85
CA GLN A 102 86.60 45.47 21.88
C GLN A 102 87.94 46.13 22.20
N ILE A 103 88.38 46.05 23.45
CA ILE A 103 89.64 46.67 23.81
C ILE A 103 90.82 46.11 23.04
N TYR A 104 90.66 44.92 22.43
CA TYR A 104 91.74 44.30 21.65
C TYR A 104 92.01 45.01 20.30
N GLU A 105 91.05 45.77 19.83
CA GLU A 105 91.23 46.46 18.58
C GLU A 105 92.29 47.55 18.79
N LYS A 106 92.18 48.28 19.89
CA LYS A 106 93.11 49.35 20.19
C LYS A 106 94.51 48.81 20.32
N TYR A 107 94.63 47.63 20.92
CA TYR A 107 95.94 47.03 21.12
C TYR A 107 96.59 46.60 19.84
N CYS A 108 95.81 45.98 18.96
CA CYS A 108 96.36 45.51 17.70
C CYS A 108 96.72 46.65 16.76
N GLN A 109 95.88 47.68 16.73
CA GLN A 109 96.13 48.82 15.88
C GLN A 109 97.40 49.57 16.26
N ASN A 110 97.71 49.56 17.56
CA ASN A 110 98.90 50.23 18.07
C ASN A 110 100.13 49.32 18.02
N LYS A 111 99.93 48.02 17.89
CA LYS A 111 101.07 47.12 17.88
C LYS A 111 102.15 47.46 16.87
N PRO A 112 101.78 47.82 15.64
CA PRO A 112 102.83 48.15 14.69
C PRO A 112 103.64 49.39 15.11
N ARG A 113 102.98 50.31 15.83
CA ARG A 113 103.64 51.52 16.32
C ARG A 113 104.66 51.06 17.38
N SER A 114 104.25 50.14 18.25
CA SER A 114 105.13 49.62 19.29
C SER A 114 106.29 48.88 18.64
N GLU A 115 105.98 48.09 17.62
CA GLU A 115 106.98 47.30 16.91
C GLU A 115 108.08 48.20 16.36
N SER A 116 107.71 49.32 15.77
CA SER A 116 108.69 50.25 15.23
C SER A 116 109.57 50.81 16.34
N LEU A 117 108.93 51.18 17.45
CA LEU A 117 109.64 51.74 18.60
C LEU A 117 110.63 50.72 19.14
N TRP A 118 110.16 49.50 19.39
CA TRP A 118 111.00 48.45 19.93
C TRP A 118 112.26 48.23 19.09
N ARG A 119 112.13 48.41 17.80
CA ARG A 119 113.24 48.21 16.89
C ARG A 119 114.33 49.24 17.17
N GLN A 120 113.92 50.44 17.58
CA GLN A 120 114.87 51.51 17.85
C GLN A 120 115.39 51.50 19.29
N CYS A 121 114.64 50.93 20.21
CA CYS A 121 115.04 50.94 21.61
C CYS A 121 115.33 49.60 22.27
N SER A 122 115.34 48.51 21.52
CA SER A 122 115.57 47.21 22.15
C SER A 122 116.95 47.07 22.78
N ASP A 123 117.98 47.59 22.10
CA ASP A 123 119.36 47.50 22.58
C ASP A 123 119.62 48.42 23.78
N CYS A 124 118.60 49.17 24.19
CA CYS A 124 118.70 50.07 25.33
C CYS A 124 119.01 49.26 26.59
N PRO A 125 119.95 49.75 27.42
CA PRO A 125 120.40 49.12 28.66
C PRO A 125 119.28 48.72 29.63
N PHE A 126 118.25 49.55 29.70
CA PHE A 126 117.11 49.31 30.58
C PHE A 126 116.47 47.93 30.44
N PHE A 127 116.13 47.55 29.22
CA PHE A 127 115.50 46.27 28.98
C PHE A 127 116.40 45.09 29.33
N GLN A 128 117.66 45.15 28.91
CA GLN A 128 118.61 44.08 29.21
C GLN A 128 118.67 43.88 30.73
N GLU A 129 118.50 44.98 31.48
CA GLU A 129 118.53 44.90 32.93
C GLU A 129 117.25 44.30 33.53
N CYS A 130 116.08 44.79 33.08
CA CYS A 130 114.79 44.28 33.56
C CYS A 130 114.69 42.79 33.26
N GLN A 131 115.15 42.40 32.08
CA GLN A 131 115.08 40.99 31.70
C GLN A 131 115.87 40.18 32.71
N LYS A 132 117.12 40.59 32.96
CA LYS A 132 117.97 39.91 33.93
C LYS A 132 117.25 39.78 35.28
N LYS A 133 116.74 40.89 35.80
CA LYS A 133 116.02 40.85 37.08
C LYS A 133 114.91 39.81 37.05
N LEU A 134 114.07 39.88 36.02
CA LEU A 134 112.96 38.95 35.87
C LEU A 134 113.40 37.51 35.61
N ASP A 135 114.63 37.35 35.16
CA ASP A 135 115.16 36.02 34.87
C ASP A 135 114.39 35.40 33.70
N HIS A 136 114.23 36.17 32.63
CA HIS A 136 113.51 35.71 31.44
C HIS A 136 114.46 35.36 30.31
N LYS A 137 114.26 34.20 29.69
CA LYS A 137 115.10 33.81 28.57
C LYS A 137 114.60 34.54 27.32
N LEU A 138 113.44 35.20 27.45
CA LEU A 138 112.83 35.94 26.35
C LEU A 138 112.74 37.44 26.63
N SER A 139 112.82 38.22 25.55
CA SER A 139 112.76 39.66 25.67
C SER A 139 111.33 40.21 25.66
N LEU A 140 111.20 41.47 26.08
CA LEU A 140 109.92 42.13 26.14
C LEU A 140 109.08 41.95 24.88
N ASP A 141 109.73 41.79 23.73
CA ASP A 141 109.01 41.64 22.47
C ASP A 141 108.09 40.40 22.43
N SER A 142 108.53 39.32 23.05
CA SER A 142 107.77 38.09 23.09
C SER A 142 106.53 38.27 23.97
N TYR A 143 106.65 39.10 25.00
CA TYR A 143 105.52 39.35 25.88
C TYR A 143 104.54 40.35 25.30
N LEU A 144 105.05 41.34 24.56
CA LEU A 144 104.19 42.36 23.96
C LEU A 144 103.26 41.82 22.89
N LEU A 145 103.50 40.59 22.43
CA LEU A 145 102.67 39.99 21.38
C LEU A 145 101.57 39.12 21.98
N LYS A 146 101.68 38.82 23.26
CA LYS A 146 100.73 37.95 23.93
C LYS A 146 99.26 38.34 23.81
N PRO A 147 98.94 39.63 23.91
CA PRO A 147 97.51 39.91 23.78
C PRO A 147 96.99 39.52 22.40
N VAL A 148 97.82 39.69 21.38
CA VAL A 148 97.46 39.35 20.02
C VAL A 148 97.41 37.85 19.87
N GLN A 149 98.33 37.14 20.52
CA GLN A 149 98.35 35.68 20.42
C GLN A 149 97.18 35.08 21.18
N ARG A 150 96.80 35.70 22.29
CA ARG A 150 95.72 35.18 23.13
C ARG A 150 94.35 35.37 22.46
N ILE A 151 94.08 36.57 21.98
CA ILE A 151 92.80 36.85 21.36
C ILE A 151 92.59 35.89 20.19
N THR A 152 93.69 35.49 19.55
CA THR A 152 93.60 34.57 18.42
C THR A 152 93.73 33.07 18.79
N LYS A 153 93.37 32.72 20.02
CA LYS A 153 93.39 31.34 20.46
C LYS A 153 91.98 30.98 21.01
N TYR A 154 91.19 32.00 21.31
CA TYR A 154 89.87 31.76 21.85
C TYR A 154 88.95 31.02 20.88
N GLN A 155 88.99 31.33 19.58
CA GLN A 155 88.13 30.61 18.63
C GLN A 155 88.55 29.14 18.57
N LEU A 156 89.86 28.90 18.61
CA LEU A 156 90.35 27.56 18.57
C LEU A 156 89.81 26.78 19.75
N LEU A 157 89.85 27.38 20.93
CA LEU A 157 89.37 26.74 22.14
C LEU A 157 87.85 26.54 22.12
N LEU A 158 87.12 27.55 21.67
CA LEU A 158 85.67 27.44 21.60
C LEU A 158 85.28 26.39 20.55
N LYS A 159 86.07 26.29 19.48
CA LYS A 159 85.78 25.32 18.43
C LYS A 159 85.97 23.91 18.98
N GLU A 160 86.94 23.77 19.87
CA GLU A 160 87.26 22.49 20.48
C GLU A 160 86.15 22.12 21.44
N MET A 161 85.70 23.07 22.22
CA MET A 161 84.62 22.81 23.17
C MET A 161 83.34 22.41 22.44
N LEU A 162 83.07 23.10 21.33
CA LEU A 162 81.86 22.85 20.53
C LEU A 162 81.87 21.47 19.91
N LYS A 163 83.06 20.99 19.56
CA LYS A 163 83.20 19.68 18.94
C LYS A 163 82.83 18.58 19.91
N TYR A 164 83.08 18.82 21.20
CA TYR A 164 82.80 17.85 22.25
C TYR A 164 81.47 18.11 22.96
N SER A 165 80.68 19.05 22.44
CA SER A 165 79.41 19.38 23.08
C SER A 165 78.19 19.36 22.18
N LYS A 166 78.30 18.71 21.02
CA LYS A 166 77.20 18.61 20.05
C LYS A 166 75.84 18.27 20.65
N HIS A 167 75.83 17.47 21.71
CA HIS A 167 74.59 17.06 22.36
C HIS A 167 74.37 17.61 23.74
N CYS A 168 75.05 18.71 24.07
CA CYS A 168 74.93 19.33 25.39
C CYS A 168 73.92 20.47 25.38
N GLU A 169 73.44 20.88 26.55
CA GLU A 169 72.47 21.96 26.62
C GLU A 169 73.10 23.34 26.35
N GLY A 170 74.33 23.37 25.85
CA GLY A 170 74.96 24.64 25.56
C GLY A 170 75.58 24.73 24.18
N ALA A 171 75.38 23.70 23.36
CA ALA A 171 75.93 23.66 22.01
C ALA A 171 75.60 24.89 21.18
N GLU A 172 74.43 25.47 21.40
CA GLU A 172 74.04 26.66 20.65
C GLU A 172 74.80 27.90 21.12
N ASP A 173 74.88 28.11 22.44
CA ASP A 173 75.60 29.27 22.94
C ASP A 173 77.07 29.21 22.56
N LEU A 174 77.60 28.01 22.43
CA LEU A 174 78.99 27.83 22.06
C LEU A 174 79.19 28.29 20.63
N GLN A 175 78.36 27.78 19.73
CA GLN A 175 78.43 28.17 18.33
C GLN A 175 78.30 29.69 18.17
N GLU A 176 77.44 30.30 18.96
CA GLU A 176 77.24 31.74 18.89
C GLU A 176 78.51 32.45 19.38
N ALA A 177 79.02 32.03 20.53
CA ALA A 177 80.24 32.61 21.08
C ALA A 177 81.36 32.48 20.05
N LEU A 178 81.51 31.29 19.45
CA LEU A 178 82.54 31.07 18.45
C LEU A 178 82.43 32.09 17.32
N SER A 179 81.20 32.27 16.84
CA SER A 179 80.92 33.21 15.77
C SER A 179 81.21 34.64 16.19
N SER A 180 80.85 34.97 17.43
CA SER A 180 81.08 36.31 17.96
C SER A 180 82.57 36.63 18.04
N ILE A 181 83.38 35.67 18.47
CA ILE A 181 84.81 35.91 18.54
C ILE A 181 85.36 36.00 17.14
N LEU A 182 84.97 35.08 16.27
CA LEU A 182 85.45 35.12 14.89
C LEU A 182 85.10 36.48 14.28
N GLY A 183 83.97 37.03 14.68
CA GLY A 183 83.54 38.32 14.18
C GLY A 183 84.40 39.46 14.67
N ILE A 184 84.78 39.41 15.94
CA ILE A 184 85.63 40.42 16.53
C ILE A 184 87.02 40.38 15.88
N LEU A 185 87.50 39.15 15.64
CA LEU A 185 88.80 38.96 15.02
C LEU A 185 88.80 39.50 13.60
N LYS A 186 87.70 39.30 12.88
CA LYS A 186 87.62 39.80 11.52
C LYS A 186 87.56 41.32 11.55
N ALA A 187 86.76 41.87 12.45
CA ALA A 187 86.66 43.31 12.53
C ALA A 187 88.02 43.92 12.84
N VAL A 188 88.72 43.38 13.83
CA VAL A 188 90.04 43.90 14.20
C VAL A 188 90.97 43.81 13.00
N ASN A 189 90.99 42.67 12.33
CA ASN A 189 91.85 42.51 11.17
C ASN A 189 91.48 43.50 10.06
N ASP A 190 90.19 43.75 9.86
CA ASP A 190 89.79 44.70 8.84
C ASP A 190 90.27 46.11 9.19
N SER A 191 90.14 46.48 10.46
CA SER A 191 90.53 47.82 10.87
C SER A 191 92.02 48.05 10.67
N MET A 192 92.81 46.98 10.68
CA MET A 192 94.25 47.13 10.45
C MET A 192 94.49 47.71 9.06
N HIS A 193 93.79 47.17 8.07
CA HIS A 193 93.87 47.65 6.68
C HIS A 193 93.37 49.09 6.59
N LEU A 194 92.27 49.38 7.27
CA LEU A 194 91.67 50.70 7.24
C LEU A 194 92.60 51.82 7.66
N ILE A 195 93.30 51.65 8.77
CA ILE A 195 94.20 52.69 9.24
C ILE A 195 95.43 52.87 8.34
N ALA A 196 95.58 52.01 7.35
CA ALA A 196 96.70 52.09 6.42
C ALA A 196 96.32 52.84 5.14
N ILE A 197 95.08 53.30 5.07
CA ILE A 197 94.62 54.05 3.90
C ILE A 197 95.22 55.45 3.97
N THR A 198 95.72 55.94 2.85
CA THR A 198 96.32 57.28 2.80
C THR A 198 95.63 58.16 1.79
N GLY A 199 95.67 59.47 2.04
CA GLY A 199 95.08 60.41 1.12
C GLY A 199 93.57 60.53 1.11
N TYR A 200 92.92 60.15 2.21
CA TYR A 200 91.48 60.26 2.22
C TYR A 200 91.01 61.67 2.59
N ASP A 201 90.33 62.30 1.63
CA ASP A 201 89.79 63.65 1.78
C ASP A 201 88.55 63.59 2.66
N GLY A 202 88.76 63.62 3.97
CA GLY A 202 87.62 63.57 4.89
C GLY A 202 87.75 62.60 6.04
N ASN A 203 86.65 62.41 6.78
CA ASN A 203 86.65 61.50 7.91
C ASN A 203 86.10 60.14 7.51
N LEU A 204 86.80 59.09 7.91
CA LEU A 204 86.39 57.73 7.58
C LEU A 204 85.28 57.27 8.51
N GLY A 205 85.28 57.83 9.71
CA GLY A 205 84.28 57.47 10.71
C GLY A 205 82.84 57.61 10.26
N ASP A 206 82.51 58.73 9.64
CA ASP A 206 81.13 58.97 9.18
C ASP A 206 80.75 58.22 7.90
N LEU A 207 81.54 57.22 7.56
CA LEU A 207 81.29 56.37 6.40
C LEU A 207 80.51 55.17 6.88
N GLY A 208 80.28 55.10 8.19
CA GLY A 208 79.56 53.97 8.78
C GLY A 208 80.57 52.89 9.13
N LYS A 209 80.06 51.73 9.52
CA LYS A 209 80.90 50.59 9.89
C LYS A 209 81.62 49.98 8.67
N LEU A 210 82.88 49.56 8.89
CA LEU A 210 83.65 48.89 7.85
C LEU A 210 83.16 47.43 7.84
N LEU A 211 82.61 46.99 6.72
CA LEU A 211 82.07 45.64 6.59
C LEU A 211 82.99 44.63 5.92
N MET A 212 83.72 45.05 4.90
CA MET A 212 84.62 44.14 4.21
C MET A 212 85.79 44.91 3.61
N GLN A 213 86.88 44.21 3.37
CA GLN A 213 88.02 44.81 2.71
C GLN A 213 88.77 43.68 2.02
N GLY A 214 89.41 43.97 0.90
CA GLY A 214 90.16 42.93 0.20
C GLY A 214 90.73 43.43 -1.10
N SER A 215 91.72 42.73 -1.61
CA SER A 215 92.33 43.09 -2.89
C SER A 215 91.68 42.28 -4.01
N PHE A 216 91.36 42.96 -5.11
CA PHE A 216 90.78 42.27 -6.25
C PHE A 216 91.31 42.84 -7.57
N SER A 217 91.12 42.06 -8.63
CA SER A 217 91.46 42.50 -9.97
C SER A 217 90.15 43.15 -10.37
N VAL A 218 90.20 44.38 -10.85
CA VAL A 218 88.97 45.05 -11.23
C VAL A 218 88.93 45.52 -12.70
N TRP A 219 87.85 45.19 -13.37
CA TRP A 219 87.63 45.57 -14.75
C TRP A 219 86.52 46.62 -14.72
N THR A 220 86.50 47.50 -15.72
CA THR A 220 85.45 48.50 -15.80
C THR A 220 84.68 48.23 -17.09
N ASP A 221 83.48 48.75 -17.16
CA ASP A 221 82.63 48.59 -18.32
C ASP A 221 81.61 49.71 -18.26
N HIS A 222 82.11 50.92 -18.10
CA HIS A 222 81.32 52.14 -18.01
C HIS A 222 80.58 52.43 -19.31
N LYS A 223 79.68 53.42 -19.30
CA LYS A 223 78.91 53.78 -20.49
C LYS A 223 79.65 54.70 -21.43
N LYS A 224 79.91 55.92 -20.97
CA LYS A 224 80.62 56.92 -21.77
C LYS A 224 81.29 57.98 -20.92
N GLY A 225 82.20 58.74 -21.54
CA GLY A 225 82.92 59.79 -20.84
C GLY A 225 82.07 60.63 -19.90
N LEU A 232 89.32 53.43 -19.25
CA LEU A 232 90.49 52.60 -18.77
C LEU A 232 90.25 51.49 -17.72
N ALA A 233 90.76 50.30 -18.03
CA ALA A 233 90.69 49.07 -17.21
C ALA A 233 89.59 48.19 -17.83
N ARG A 234 89.43 48.30 -19.15
CA ARG A 234 88.44 47.51 -19.91
C ARG A 234 88.95 46.10 -20.29
N PHE A 235 90.28 45.95 -20.38
CA PHE A 235 90.84 44.64 -20.75
C PHE A 235 91.91 44.16 -19.79
N LYS A 236 92.77 45.08 -19.37
CA LYS A 236 93.84 44.79 -18.43
C LYS A 236 93.22 45.29 -17.11
N PRO A 237 92.93 44.37 -16.18
CA PRO A 237 92.34 44.76 -14.90
C PRO A 237 93.28 45.56 -14.06
N MET A 238 92.73 46.38 -13.18
CA MET A 238 93.54 47.18 -12.28
C MET A 238 93.48 46.48 -10.91
N GLN A 239 94.51 46.67 -10.10
CA GLN A 239 94.54 46.06 -8.79
C GLN A 239 94.15 47.08 -7.73
N ARG A 240 92.97 46.88 -7.15
CA ARG A 240 92.50 47.79 -6.11
C ARG A 240 92.20 47.04 -4.83
N HIS A 241 92.26 47.77 -3.71
CA HIS A 241 91.92 47.19 -2.41
C HIS A 241 90.62 47.89 -2.06
N LEU A 242 89.57 47.10 -1.84
CA LEU A 242 88.27 47.69 -1.52
C LEU A 242 87.92 47.69 -0.04
N PHE A 243 87.14 48.68 0.36
CA PHE A 243 86.68 48.80 1.73
C PHE A 243 85.19 49.03 1.63
N LEU A 244 84.40 48.03 2.03
CA LEU A 244 82.95 48.14 2.00
C LEU A 244 82.51 48.78 3.30
N HIS A 245 81.88 49.95 3.20
CA HIS A 245 81.39 50.68 4.37
C HIS A 245 79.87 50.77 4.26
N GLU A 246 79.19 51.11 5.34
CA GLU A 246 77.75 51.22 5.27
C GLU A 246 77.34 52.31 4.30
N LYS A 247 78.10 53.41 4.30
CA LYS A 247 77.80 54.55 3.43
C LYS A 247 78.44 54.46 2.04
N ALA A 248 79.60 53.82 1.91
CA ALA A 248 80.22 53.76 0.60
C ALA A 248 81.26 52.66 0.43
N VAL A 249 81.69 52.46 -0.82
CA VAL A 249 82.72 51.49 -1.15
C VAL A 249 83.94 52.32 -1.57
N LEU A 250 85.07 52.11 -0.91
CA LEU A 250 86.27 52.88 -1.27
C LEU A 250 87.19 52.05 -2.12
N PHE A 251 87.78 52.68 -3.14
CA PHE A 251 88.72 52.00 -4.01
C PHE A 251 90.09 52.58 -3.72
N CYS A 252 91.04 51.72 -3.38
CA CYS A 252 92.40 52.16 -3.06
C CYS A 252 93.42 51.40 -3.87
N LYS A 253 94.57 52.04 -4.07
CA LYS A 253 95.63 51.39 -4.80
C LYS A 253 96.72 51.06 -3.80
N LYS A 254 97.07 49.78 -3.76
CA LYS A 254 98.10 49.28 -2.87
C LYS A 254 99.39 50.03 -3.17
N ARG A 255 99.96 50.65 -2.15
CA ARG A 255 101.22 51.40 -2.28
C ARG A 255 102.26 50.65 -1.48
N GLU A 256 103.28 50.15 -2.17
CA GLU A 256 104.33 49.39 -1.50
C GLU A 256 105.22 50.24 -0.62
N GLU A 257 105.37 49.85 0.64
CA GLU A 257 106.20 50.57 1.59
C GLU A 257 107.41 49.70 1.93
N ASN A 258 108.54 50.33 2.26
CA ASN A 258 109.73 49.57 2.60
C ASN A 258 110.18 49.92 4.01
N GLY A 259 110.80 48.95 4.66
CA GLY A 259 111.25 49.14 6.02
C GLY A 259 111.72 47.82 6.61
N GLU A 260 111.71 47.70 7.93
CA GLU A 260 112.18 46.49 8.58
C GLU A 260 111.18 45.36 8.80
N GLY A 261 110.05 45.62 9.44
CA GLY A 261 109.11 44.54 9.67
C GLY A 261 107.71 44.84 9.17
N TYR A 262 106.82 45.23 10.08
CA TYR A 262 105.46 45.55 9.70
C TYR A 262 105.49 46.79 8.80
N GLU A 263 106.64 47.47 8.77
CA GLU A 263 106.79 48.65 7.92
C GLU A 263 106.73 48.18 6.46
N LYS A 264 107.02 46.91 6.24
CA LYS A 264 106.96 46.34 4.91
C LYS A 264 105.50 46.22 4.43
N ALA A 265 104.57 46.17 5.38
CA ALA A 265 103.16 46.07 5.01
C ALA A 265 102.80 47.32 4.20
N PRO A 266 102.12 47.14 3.06
CA PRO A 266 101.73 48.26 2.20
C PRO A 266 100.73 49.22 2.81
N SER A 267 100.57 50.36 2.17
CA SER A 267 99.61 51.36 2.61
C SER A 267 98.61 51.40 1.47
N TYR A 268 97.50 52.11 1.63
CA TYR A 268 96.51 52.17 0.58
C TYR A 268 96.19 53.60 0.18
N SER A 269 96.54 53.92 -1.05
CA SER A 269 96.29 55.26 -1.58
C SER A 269 94.84 55.36 -2.03
N TYR A 270 94.11 56.24 -1.37
CA TYR A 270 92.71 56.44 -1.71
C TYR A 270 92.57 56.89 -3.16
N LYS A 271 91.70 56.23 -3.92
CA LYS A 271 91.48 56.62 -5.31
C LYS A 271 90.06 57.16 -5.42
N GLN A 272 89.07 56.29 -5.60
CA GLN A 272 87.70 56.76 -5.70
C GLN A 272 86.80 56.24 -4.61
N SER A 273 85.53 56.65 -4.66
CA SER A 273 84.56 56.24 -3.65
C SER A 273 83.13 56.22 -4.19
N LEU A 274 82.46 55.08 -4.11
CA LEU A 274 81.09 54.96 -4.59
C LEU A 274 80.10 55.07 -3.42
N ASN A 275 79.22 56.06 -3.46
CA ASN A 275 78.23 56.23 -2.41
C ASN A 275 77.20 55.09 -2.54
N MET A 276 76.96 54.36 -1.44
CA MET A 276 76.04 53.24 -1.46
C MET A 276 74.63 53.54 -1.93
N THR A 277 74.14 54.76 -1.71
CA THR A 277 72.78 55.11 -2.15
C THR A 277 72.60 54.98 -3.65
N ALA A 278 73.69 54.98 -4.40
CA ALA A 278 73.60 54.87 -5.85
C ALA A 278 74.19 53.54 -6.38
N VAL A 279 74.71 52.73 -5.46
CA VAL A 279 75.30 51.43 -5.81
C VAL A 279 74.24 50.38 -6.13
N GLY A 280 74.57 49.52 -7.07
CA GLY A 280 73.69 48.44 -7.48
C GLY A 280 74.60 47.24 -7.59
N ILE A 281 74.05 46.02 -7.67
CA ILE A 281 74.94 44.87 -7.75
C ILE A 281 74.45 43.76 -8.68
N THR A 282 75.40 43.17 -9.41
CA THR A 282 75.09 42.07 -10.31
C THR A 282 75.78 40.86 -9.73
N GLU A 283 74.99 39.90 -9.29
CA GLU A 283 75.54 38.71 -8.65
C GLU A 283 76.13 37.69 -9.63
N ASN A 284 75.44 37.47 -10.73
CA ASN A 284 75.89 36.50 -11.70
C ASN A 284 76.40 37.11 -12.98
N VAL A 285 77.59 36.70 -13.38
CA VAL A 285 78.21 37.22 -14.58
C VAL A 285 78.53 36.05 -15.50
N LYS A 286 78.23 36.22 -16.78
CA LYS A 286 78.47 35.18 -17.78
C LYS A 286 79.95 34.79 -17.87
N GLY A 287 80.21 33.49 -17.79
CA GLY A 287 81.58 33.01 -17.92
C GLY A 287 82.45 32.85 -16.70
N ASP A 288 82.08 33.48 -15.59
CA ASP A 288 82.88 33.37 -14.37
C ASP A 288 81.98 33.43 -13.14
N THR A 289 81.93 32.33 -12.40
CA THR A 289 81.11 32.28 -11.20
C THR A 289 81.78 33.02 -10.05
N LYS A 290 83.05 33.39 -10.24
CA LYS A 290 83.80 34.12 -9.22
C LYS A 290 83.75 35.63 -9.42
N LYS A 291 83.12 36.10 -10.49
CA LYS A 291 83.01 37.53 -10.73
C LYS A 291 81.66 38.01 -10.24
N PHE A 292 81.61 39.29 -9.88
CA PHE A 292 80.37 39.94 -9.47
C PHE A 292 80.63 41.40 -9.75
N GLU A 293 79.58 42.12 -10.15
CA GLU A 293 79.71 43.53 -10.51
C GLU A 293 79.11 44.50 -9.52
N ILE A 294 79.88 45.53 -9.21
CA ILE A 294 79.43 46.59 -8.34
C ILE A 294 79.25 47.78 -9.27
N TRP A 295 78.02 48.10 -9.64
CA TRP A 295 77.84 49.25 -10.53
C TRP A 295 77.35 50.48 -9.80
N TYR A 296 77.41 51.62 -10.48
CA TYR A 296 77.04 52.91 -9.90
C TYR A 296 76.09 53.66 -10.83
N ASN A 297 75.29 54.55 -10.24
CA ASN A 297 74.33 55.36 -10.98
C ASN A 297 73.66 54.69 -12.17
N ALA A 298 72.54 54.02 -11.91
CA ALA A 298 71.79 53.37 -12.97
C ALA A 298 72.64 52.49 -13.89
N ARG A 299 73.81 52.09 -13.40
CA ARG A 299 74.69 51.21 -14.17
C ARG A 299 75.47 51.93 -15.27
N GLU A 300 75.68 53.23 -15.11
CA GLU A 300 76.43 53.98 -16.11
C GLU A 300 77.91 53.85 -15.79
N GLU A 301 78.20 53.14 -14.71
CA GLU A 301 79.55 52.91 -14.28
C GLU A 301 79.56 51.50 -13.69
N VAL A 302 80.25 50.59 -14.34
CA VAL A 302 80.30 49.21 -13.90
C VAL A 302 81.69 48.69 -13.56
N TYR A 303 81.81 48.08 -12.37
CA TYR A 303 83.09 47.52 -11.94
C TYR A 303 82.94 46.02 -11.74
N ILE A 304 83.74 45.27 -12.48
CA ILE A 304 83.69 43.83 -12.41
C ILE A 304 84.76 43.38 -11.45
N ILE A 305 84.33 42.76 -10.35
CA ILE A 305 85.26 42.32 -9.32
C ILE A 305 85.61 40.84 -9.47
N GLN A 306 86.89 40.55 -9.45
CA GLN A 306 87.36 39.18 -9.59
C GLN A 306 87.62 38.58 -8.20
N ALA A 307 86.64 37.90 -7.65
CA ALA A 307 86.77 37.29 -6.34
C ALA A 307 87.68 36.07 -6.40
N PRO A 308 88.67 36.02 -5.53
CA PRO A 308 89.60 34.88 -5.53
C PRO A 308 88.96 33.53 -5.24
N THR A 309 87.84 33.53 -4.53
CA THR A 309 87.15 32.28 -4.22
C THR A 309 85.66 32.51 -4.10
N PRO A 310 84.87 31.42 -4.12
CA PRO A 310 83.42 31.52 -4.00
C PRO A 310 83.00 32.11 -2.67
N GLU A 311 83.67 31.67 -1.61
CA GLU A 311 83.36 32.14 -0.25
C GLU A 311 83.46 33.66 -0.15
N ILE A 312 84.53 34.23 -0.74
CA ILE A 312 84.73 35.68 -0.72
C ILE A 312 83.66 36.39 -1.53
N LYS A 313 83.37 35.85 -2.70
CA LYS A 313 82.33 36.45 -3.53
C LYS A 313 81.04 36.51 -2.73
N ALA A 314 80.67 35.38 -2.14
CA ALA A 314 79.44 35.28 -1.38
C ALA A 314 79.40 36.27 -0.23
N ALA A 315 80.50 36.36 0.53
CA ALA A 315 80.53 37.30 1.65
C ALA A 315 80.27 38.72 1.18
N TRP A 316 80.98 39.14 0.13
CA TRP A 316 80.79 40.49 -0.40
C TRP A 316 79.38 40.70 -0.94
N VAL A 317 78.88 39.75 -1.72
CA VAL A 317 77.53 39.90 -2.26
C VAL A 317 76.53 40.05 -1.12
N ASN A 318 76.66 39.19 -0.13
CA ASN A 318 75.79 39.22 1.03
C ASN A 318 75.85 40.54 1.79
N GLU A 319 77.05 41.02 2.07
CA GLU A 319 77.20 42.29 2.76
C GLU A 319 76.60 43.45 1.97
N ILE A 320 76.84 43.48 0.65
CA ILE A 320 76.30 44.56 -0.18
C ILE A 320 74.78 44.53 -0.10
N ARG A 321 74.19 43.35 -0.28
CA ARG A 321 72.74 43.24 -0.24
C ARG A 321 72.15 43.61 1.11
N LYS A 322 72.83 43.28 2.22
CA LYS A 322 72.26 43.65 3.51
C LYS A 322 72.17 45.18 3.53
N VAL A 323 73.27 45.84 3.16
CA VAL A 323 73.30 47.30 3.16
C VAL A 323 72.22 47.88 2.24
N LEU A 324 72.12 47.34 1.02
CA LEU A 324 71.12 47.81 0.08
C LEU A 324 69.72 47.57 0.63
N THR A 325 69.54 46.48 1.39
CA THR A 325 68.24 46.18 1.97
C THR A 325 67.88 47.18 3.06
N SER A 326 68.86 47.59 3.87
CA SER A 326 68.62 48.56 4.94
C SER A 326 68.24 49.91 4.35
N GLN A 327 68.99 50.30 3.33
CA GLN A 327 68.80 51.56 2.63
C GLN A 327 67.35 51.67 2.25
N LEU A 328 66.82 50.55 1.74
CA LEU A 328 65.43 50.45 1.34
C LEU A 328 64.51 50.75 2.51
N GLN A 329 64.57 49.90 3.55
CA GLN A 329 63.75 50.05 4.74
C GLN A 329 63.92 51.41 5.42
N ALA A 330 64.96 52.16 5.03
CA ALA A 330 65.20 53.47 5.63
C ALA A 330 64.72 54.59 4.71
N CYS A 331 64.72 54.34 3.40
CA CYS A 331 64.28 55.32 2.40
C CYS A 331 62.76 55.39 2.33
N ARG A 332 62.11 54.98 3.41
CA ARG A 332 60.65 55.00 3.49
C ARG A 332 60.16 54.44 4.83
N ALA B 5 125.08 31.69 25.98
CA ALA B 5 124.43 30.80 24.98
C ALA B 5 123.88 31.61 23.79
N ILE B 6 123.81 30.96 22.63
CA ILE B 6 123.31 31.59 21.42
C ILE B 6 121.78 31.57 21.42
N ARG B 7 121.17 32.69 21.06
CA ARG B 7 119.71 32.80 21.01
C ARG B 7 119.19 32.95 19.59
N LYS B 8 118.27 32.09 19.20
CA LYS B 8 117.68 32.11 17.86
C LYS B 8 116.14 32.00 17.92
N LYS B 9 115.48 32.71 17.02
CA LYS B 9 114.01 32.72 16.94
C LYS B 9 113.46 31.89 15.79
N LEU B 10 112.62 30.92 16.13
CA LEU B 10 111.98 30.08 15.13
C LEU B 10 110.46 30.38 15.10
N VAL B 11 109.96 30.70 13.92
CA VAL B 11 108.53 30.97 13.77
C VAL B 11 108.03 29.90 12.81
N ILE B 12 107.05 29.12 13.26
CA ILE B 12 106.49 28.06 12.41
C ILE B 12 105.23 28.56 11.69
N VAL B 13 105.22 28.50 10.37
CA VAL B 13 104.06 28.97 9.61
C VAL B 13 103.35 27.88 8.78
N GLY B 14 102.18 28.22 8.25
CA GLY B 14 101.45 27.26 7.44
C GLY B 14 99.98 27.16 7.81
N ASP B 15 99.22 26.45 6.98
CA ASP B 15 97.78 26.26 7.17
C ASP B 15 97.41 25.71 8.54
N GLY B 16 96.23 26.07 9.02
CA GLY B 16 95.79 25.55 10.31
C GLY B 16 95.46 24.09 10.11
N ALA B 17 95.48 23.30 11.17
CA ALA B 17 95.19 21.86 11.05
C ALA B 17 96.15 21.14 10.12
N CYS B 18 97.39 21.61 10.07
CA CYS B 18 98.41 20.98 9.26
C CYS B 18 99.45 20.42 10.24
N GLY B 19 99.12 20.50 11.53
CA GLY B 19 100.00 19.96 12.57
C GLY B 19 100.99 20.85 13.29
N LYS B 20 101.06 22.15 12.97
CA LYS B 20 102.00 23.09 13.59
C LYS B 20 102.15 23.00 15.11
N THR B 21 101.08 23.27 15.84
CA THR B 21 101.14 23.22 17.30
C THR B 21 101.54 21.87 17.84
N CYS B 22 101.09 20.81 17.19
CA CYS B 22 101.40 19.46 17.67
C CYS B 22 102.90 19.16 17.53
N LEU B 23 103.47 19.59 16.40
CA LEU B 23 104.88 19.37 16.15
C LEU B 23 105.70 20.03 17.24
N LEU B 24 105.36 21.28 17.57
CA LEU B 24 106.06 22.01 18.63
C LEU B 24 105.87 21.28 19.96
N ILE B 25 104.66 20.79 20.21
CA ILE B 25 104.38 20.08 21.46
C ILE B 25 105.30 18.85 21.56
N VAL B 26 105.30 18.03 20.53
CA VAL B 26 106.10 16.83 20.52
C VAL B 26 107.60 17.12 20.69
N PHE B 27 108.10 18.10 19.96
CA PHE B 27 109.52 18.45 20.06
C PHE B 27 109.92 18.97 21.43
N SER B 28 109.24 20.01 21.91
CA SER B 28 109.57 20.59 23.21
C SER B 28 109.41 19.65 24.39
N LYS B 29 108.51 18.68 24.27
CA LYS B 29 108.26 17.73 25.36
C LYS B 29 108.72 16.30 25.03
N ASP B 30 109.10 16.09 23.78
CA ASP B 30 109.56 14.78 23.32
C ASP B 30 108.59 13.65 23.67
N GLN B 31 107.30 13.87 23.41
CA GLN B 31 106.28 12.88 23.66
C GLN B 31 104.93 13.34 23.11
N PHE B 32 104.36 12.52 22.25
CA PHE B 32 103.07 12.80 21.61
C PHE B 32 101.91 12.65 22.59
N PRO B 33 101.06 13.69 22.70
CA PRO B 33 99.91 13.62 23.61
C PRO B 33 99.01 12.49 23.12
N GLU B 34 98.40 11.74 24.04
CA GLU B 34 97.55 10.64 23.61
C GLU B 34 96.06 10.94 23.68
N VAL B 35 95.59 11.42 24.83
CA VAL B 35 94.18 11.74 25.02
C VAL B 35 93.77 13.04 24.34
N TYR B 36 94.28 14.14 24.87
CA TYR B 36 93.96 15.48 24.37
C TYR B 36 95.20 16.19 23.82
N VAL B 37 95.09 16.71 22.60
CA VAL B 37 96.19 17.46 21.99
C VAL B 37 95.98 18.94 22.29
N PRO B 38 96.89 19.54 23.06
CA PRO B 38 96.76 20.97 23.41
C PRO B 38 96.55 21.84 22.18
N THR B 39 95.83 22.93 22.38
CA THR B 39 95.52 23.88 21.33
C THR B 39 96.48 25.05 21.43
N VAL B 40 96.83 25.40 22.67
CA VAL B 40 97.72 26.50 22.97
C VAL B 40 99.18 26.12 23.18
N PHE B 41 100.08 26.84 22.52
CA PHE B 41 101.52 26.64 22.66
C PHE B 41 102.13 28.04 22.71
N GLU B 42 102.26 28.58 23.92
CA GLU B 42 102.83 29.91 24.11
C GLU B 42 104.33 29.89 23.92
N ASN B 43 104.88 31.02 23.48
CA ASN B 43 106.32 31.20 23.26
C ASN B 43 107.16 30.44 24.29
N TYR B 44 107.93 29.47 23.80
CA TYR B 44 108.78 28.61 24.61
C TYR B 44 110.21 28.55 24.07
N VAL B 45 111.18 28.54 24.98
CA VAL B 45 112.58 28.47 24.57
C VAL B 45 113.08 27.05 24.83
N ALA B 46 113.53 26.40 23.76
CA ALA B 46 114.04 25.03 23.89
C ALA B 46 115.56 24.98 23.77
N ASP B 47 116.16 24.17 24.63
CA ASP B 47 117.61 23.99 24.63
C ASP B 47 117.96 22.85 23.67
N ILE B 48 118.69 23.20 22.62
CA ILE B 48 119.09 22.24 21.60
C ILE B 48 120.56 22.51 21.32
N GLU B 49 121.31 21.47 20.95
CA GLU B 49 122.72 21.64 20.63
C GLU B 49 123.09 20.99 19.31
N VAL B 50 123.64 21.77 18.39
CA VAL B 50 124.05 21.24 17.10
C VAL B 50 125.44 21.77 16.79
N ASP B 51 126.25 20.94 16.12
CA ASP B 51 127.61 21.34 15.76
C ASP B 51 128.33 21.79 17.01
N GLY B 52 128.11 21.04 18.10
CA GLY B 52 128.75 21.35 19.37
C GLY B 52 128.57 22.78 19.83
N LYS B 53 127.43 23.39 19.50
CA LYS B 53 127.15 24.76 19.91
C LYS B 53 125.80 24.83 20.61
N GLN B 54 125.81 25.29 21.86
CA GLN B 54 124.58 25.41 22.64
C GLN B 54 123.69 26.56 22.18
N VAL B 55 122.47 26.22 21.77
CA VAL B 55 121.52 27.21 21.31
C VAL B 55 120.22 27.22 22.12
N GLU B 56 119.68 28.43 22.31
CA GLU B 56 118.42 28.63 23.02
C GLU B 56 117.44 29.03 21.93
N LEU B 57 116.73 28.04 21.40
CA LEU B 57 115.77 28.23 20.32
C LEU B 57 114.40 28.64 20.82
N ALA B 58 114.01 29.86 20.51
CA ALA B 58 112.71 30.41 20.90
C ALA B 58 111.68 29.94 19.87
N LEU B 59 110.69 29.18 20.33
CA LEU B 59 109.65 28.65 19.44
C LEU B 59 108.37 29.48 19.52
N TRP B 60 107.99 30.06 18.38
CA TRP B 60 106.79 30.88 18.28
C TRP B 60 105.73 30.17 17.43
N ASP B 61 104.59 29.86 18.05
CA ASP B 61 103.51 29.21 17.32
C ASP B 61 102.70 30.27 16.59
N THR B 62 102.00 29.89 15.54
CA THR B 62 101.16 30.85 14.81
C THR B 62 99.75 30.31 14.67
N ALA B 63 99.48 29.17 15.29
CA ALA B 63 98.16 28.56 15.23
C ALA B 63 97.13 29.55 15.69
N GLY B 64 96.05 29.66 14.93
CA GLY B 64 94.98 30.56 15.30
C GLY B 64 95.01 31.89 14.56
N GLN B 65 96.08 32.17 13.82
CA GLN B 65 96.12 33.45 13.14
C GLN B 65 96.24 33.37 11.61
N GLU B 66 96.13 32.15 11.09
CA GLU B 66 96.20 31.92 9.64
C GLU B 66 95.26 32.78 8.80
N ASP B 67 94.07 33.06 9.32
CA ASP B 67 93.10 33.86 8.57
C ASP B 67 93.22 35.36 8.70
N TYR B 68 94.23 35.87 9.42
CA TYR B 68 94.36 37.32 9.56
C TYR B 68 95.67 37.85 9.01
N ASP B 69 95.61 38.34 7.79
CA ASP B 69 96.80 38.82 7.11
C ASP B 69 97.51 40.02 7.71
N ARG B 70 96.83 40.79 8.56
CA ARG B 70 97.44 41.95 9.17
C ARG B 70 97.85 41.74 10.63
N LEU B 71 97.49 40.58 11.20
CA LEU B 71 97.88 40.25 12.57
C LEU B 71 99.01 39.22 12.47
N ARG B 72 99.05 38.50 11.36
CA ARG B 72 100.06 37.49 11.12
C ARG B 72 101.51 38.01 11.09
N PRO B 73 101.76 39.14 10.38
CA PRO B 73 103.11 39.72 10.28
C PRO B 73 103.69 40.18 11.61
N LEU B 74 102.81 40.46 12.56
CA LEU B 74 103.21 40.89 13.88
C LEU B 74 104.16 39.88 14.54
N SER B 75 104.23 38.65 14.03
CA SER B 75 105.11 37.64 14.60
C SER B 75 106.48 37.55 13.91
N TYR B 76 106.57 38.01 12.68
CA TYR B 76 107.79 37.92 11.89
C TYR B 76 109.05 38.71 12.27
N PRO B 77 108.90 39.84 12.99
CA PRO B 77 110.12 40.57 13.33
C PRO B 77 111.25 39.72 13.92
N ASP B 78 112.47 39.98 13.45
CA ASP B 78 113.67 39.30 13.90
C ASP B 78 113.62 37.79 13.98
N THR B 79 113.15 37.16 12.91
CA THR B 79 113.06 35.71 12.88
C THR B 79 114.33 35.16 12.26
N ASP B 80 114.96 34.19 12.93
CA ASP B 80 116.19 33.60 12.43
C ASP B 80 115.96 32.45 11.45
N VAL B 81 114.89 31.70 11.65
CA VAL B 81 114.55 30.60 10.76
C VAL B 81 113.04 30.37 10.76
N ILE B 82 112.52 30.00 9.60
CA ILE B 82 111.08 29.76 9.45
C ILE B 82 110.76 28.33 9.09
N LEU B 83 109.97 27.67 9.93
CA LEU B 83 109.55 26.30 9.66
C LEU B 83 108.21 26.37 8.93
N MET B 84 108.25 26.42 7.61
CA MET B 84 107.04 26.47 6.81
C MET B 84 106.56 25.06 6.53
N CYS B 85 105.36 24.71 6.96
CA CYS B 85 104.88 23.35 6.72
C CYS B 85 103.46 23.14 6.23
N PHE B 86 103.24 21.93 5.70
CA PHE B 86 101.94 21.50 5.18
C PHE B 86 101.68 20.09 5.72
N SER B 87 100.48 19.58 5.52
CA SER B 87 100.14 18.24 6.01
C SER B 87 100.26 17.22 4.88
N ILE B 88 100.99 16.14 5.14
CA ILE B 88 101.19 15.08 4.14
C ILE B 88 99.85 14.59 3.59
N ASP B 89 98.83 14.53 4.45
CA ASP B 89 97.52 14.06 4.05
C ASP B 89 96.62 15.20 3.61
N SER B 90 97.19 16.20 2.96
CA SER B 90 96.42 17.34 2.47
C SER B 90 97.13 18.06 1.34
N PRO B 91 96.95 17.59 0.11
CA PRO B 91 97.62 18.24 -1.03
C PRO B 91 97.19 19.70 -1.14
N ASP B 92 96.13 20.05 -0.40
CA ASP B 92 95.60 21.40 -0.39
C ASP B 92 96.56 22.32 0.37
N SER B 93 96.92 21.90 1.58
CA SER B 93 97.81 22.69 2.41
C SER B 93 99.11 22.94 1.68
N LEU B 94 99.53 21.97 0.87
CA LEU B 94 100.76 22.11 0.11
C LEU B 94 100.65 23.19 -0.96
N GLU B 95 99.49 23.26 -1.59
CA GLU B 95 99.28 24.26 -2.63
C GLU B 95 99.43 25.68 -2.07
N ASN B 96 99.19 25.85 -0.78
CA ASN B 96 99.32 27.17 -0.17
C ASN B 96 100.77 27.57 0.07
N ILE B 97 101.64 26.57 0.23
CA ILE B 97 103.05 26.85 0.45
C ILE B 97 103.59 27.86 -0.58
N PRO B 98 103.33 27.62 -1.87
CA PRO B 98 103.83 28.55 -2.88
C PRO B 98 102.85 29.70 -3.16
N GLU B 99 101.56 29.39 -3.10
CA GLU B 99 100.52 30.35 -3.37
C GLU B 99 100.34 31.42 -2.28
N LYS B 100 100.46 31.01 -1.02
CA LYS B 100 100.26 31.90 0.12
C LYS B 100 101.45 32.21 1.03
N TRP B 101 101.84 31.20 1.80
CA TRP B 101 102.92 31.34 2.75
C TRP B 101 104.25 31.87 2.23
N THR B 102 104.83 31.22 1.23
CA THR B 102 106.12 31.67 0.71
C THR B 102 106.20 33.14 0.31
N PRO B 103 105.29 33.61 -0.52
CA PRO B 103 105.36 35.02 -0.91
C PRO B 103 105.39 35.93 0.32
N GLU B 104 104.63 35.56 1.34
CA GLU B 104 104.54 36.35 2.56
C GLU B 104 105.81 36.26 3.39
N VAL B 105 106.21 35.04 3.71
CA VAL B 105 107.40 34.78 4.49
C VAL B 105 108.63 35.44 3.87
N LYS B 106 108.67 35.51 2.54
CA LYS B 106 109.79 36.14 1.85
C LYS B 106 109.75 37.66 1.85
N HIS B 107 108.55 38.21 2.00
CA HIS B 107 108.39 39.66 2.00
C HIS B 107 108.70 40.30 3.36
N PHE B 108 108.34 39.62 4.44
CA PHE B 108 108.58 40.14 5.78
C PHE B 108 109.87 39.60 6.36
N CYS B 109 110.30 38.45 5.87
CA CYS B 109 111.53 37.83 6.37
C CYS B 109 112.52 37.55 5.24
N PRO B 110 112.90 38.58 4.48
CA PRO B 110 113.86 38.37 3.38
C PRO B 110 115.15 37.71 3.84
N ASN B 111 115.67 36.81 3.02
CA ASN B 111 116.91 36.11 3.28
C ASN B 111 116.92 35.31 4.57
N VAL B 112 115.75 34.97 5.07
CA VAL B 112 115.67 34.16 6.28
C VAL B 112 115.44 32.72 5.80
N PRO B 113 116.31 31.79 6.21
CA PRO B 113 116.20 30.39 5.81
C PRO B 113 114.83 29.78 6.08
N ILE B 114 114.36 28.99 5.13
CA ILE B 114 113.07 28.32 5.24
C ILE B 114 113.23 26.79 5.19
N ILE B 115 112.61 26.10 6.15
CA ILE B 115 112.68 24.64 6.18
C ILE B 115 111.29 24.10 5.85
N LEU B 116 111.08 23.63 4.62
CA LEU B 116 109.79 23.07 4.25
C LEU B 116 109.57 21.78 5.03
N VAL B 117 108.37 21.61 5.58
CA VAL B 117 108.09 20.42 6.37
C VAL B 117 106.78 19.75 6.02
N GLY B 118 106.79 18.42 5.99
CA GLY B 118 105.60 17.65 5.70
C GLY B 118 105.23 16.96 6.99
N ASN B 119 104.14 17.40 7.64
CA ASN B 119 103.71 16.79 8.89
C ASN B 119 102.81 15.61 8.64
N LYS B 120 102.67 14.77 9.66
CA LYS B 120 101.80 13.60 9.57
C LYS B 120 102.17 12.65 8.43
N LYS B 121 103.45 12.31 8.31
CA LYS B 121 103.89 11.40 7.25
C LYS B 121 103.26 10.03 7.45
N ASP B 122 103.02 9.66 8.71
CA ASP B 122 102.42 8.38 9.05
C ASP B 122 101.06 8.16 8.40
N LEU B 123 100.38 9.23 8.03
CA LEU B 123 99.06 9.13 7.41
C LEU B 123 99.14 8.91 5.90
N ARG B 124 100.35 8.77 5.39
CA ARG B 124 100.54 8.54 3.95
C ARG B 124 100.13 7.13 3.59
N ASN B 125 100.46 6.18 4.47
CA ASN B 125 100.15 4.78 4.26
C ASN B 125 98.84 4.39 4.94
N ASP B 126 98.22 5.34 5.63
CA ASP B 126 96.95 5.10 6.32
C ASP B 126 95.81 4.97 5.30
N GLU B 127 95.16 3.81 5.29
CA GLU B 127 94.07 3.59 4.34
C GLU B 127 92.90 4.53 4.58
N HIS B 128 92.58 4.78 5.85
CA HIS B 128 91.46 5.67 6.17
C HIS B 128 91.57 7.03 5.48
N THR B 129 92.72 7.68 5.58
CA THR B 129 92.92 8.98 4.96
C THR B 129 93.00 8.83 3.42
N ARG B 130 93.52 7.70 2.97
CA ARG B 130 93.64 7.44 1.54
C ARG B 130 92.23 7.39 0.95
N ARG B 131 91.31 6.81 1.72
CA ARG B 131 89.91 6.67 1.31
C ARG B 131 89.23 8.03 1.24
N GLU B 132 89.22 8.73 2.37
CA GLU B 132 88.61 10.06 2.45
C GLU B 132 89.09 10.99 1.36
N LEU B 133 90.40 10.95 1.09
CA LEU B 133 91.00 11.79 0.06
C LEU B 133 90.44 11.45 -1.31
N ALA B 134 90.38 10.16 -1.60
CA ALA B 134 89.85 9.66 -2.87
C ALA B 134 88.52 10.32 -3.20
N LYS B 135 87.62 10.38 -2.23
CA LYS B 135 86.31 10.99 -2.41
C LYS B 135 86.47 12.40 -2.97
N MET B 136 87.45 13.12 -2.47
CA MET B 136 87.72 14.49 -2.90
C MET B 136 88.57 14.49 -4.18
N LYS B 137 88.79 13.30 -4.73
CA LYS B 137 89.60 13.16 -5.93
C LYS B 137 91.04 13.54 -5.64
N GLN B 138 91.54 13.08 -4.49
CA GLN B 138 92.91 13.37 -4.09
C GLN B 138 93.58 12.17 -3.42
N GLU B 139 94.89 12.26 -3.28
CA GLU B 139 95.69 11.22 -2.66
C GLU B 139 96.80 11.87 -1.85
N PRO B 140 97.33 11.18 -0.82
CA PRO B 140 98.41 11.72 0.01
C PRO B 140 99.51 12.39 -0.80
N VAL B 141 100.32 13.22 -0.15
CA VAL B 141 101.40 13.90 -0.85
C VAL B 141 102.61 12.98 -0.89
N LYS B 142 103.16 12.84 -2.10
CA LYS B 142 104.33 11.99 -2.32
C LYS B 142 105.62 12.74 -2.11
N PRO B 143 106.59 12.11 -1.42
CA PRO B 143 107.89 12.72 -1.13
C PRO B 143 108.43 13.50 -2.32
N GLU B 144 108.33 12.92 -3.51
CA GLU B 144 108.81 13.56 -4.72
C GLU B 144 108.22 14.96 -4.85
N GLU B 145 106.94 15.08 -4.51
CA GLU B 145 106.23 16.36 -4.57
C GLU B 145 106.79 17.35 -3.55
N GLY B 146 107.15 16.84 -2.38
CA GLY B 146 107.70 17.67 -1.32
C GLY B 146 109.01 18.32 -1.73
N ARG B 147 110.00 17.48 -2.08
CA ARG B 147 111.30 17.98 -2.50
C ARG B 147 111.16 18.98 -3.64
N ASP B 148 110.25 18.71 -4.58
CA ASP B 148 110.04 19.62 -5.70
C ASP B 148 109.64 20.98 -5.19
N MET B 149 108.61 21.02 -4.35
CA MET B 149 108.13 22.27 -3.78
C MET B 149 109.25 22.93 -2.99
N ALA B 150 109.94 22.14 -2.18
CA ALA B 150 111.05 22.63 -1.37
C ALA B 150 112.06 23.40 -2.21
N ASN B 151 112.37 22.89 -3.40
CA ASN B 151 113.32 23.56 -4.27
C ASN B 151 112.66 24.66 -5.06
N ARG B 152 111.38 24.46 -5.37
CA ARG B 152 110.61 25.46 -6.13
C ARG B 152 110.58 26.79 -5.38
N ILE B 153 110.37 26.71 -4.06
CA ILE B 153 110.31 27.91 -3.23
C ILE B 153 111.70 28.34 -2.81
N GLY B 154 112.66 27.43 -2.93
CA GLY B 154 114.02 27.76 -2.56
C GLY B 154 114.32 27.50 -1.10
N ALA B 155 113.65 26.51 -0.52
CA ALA B 155 113.86 26.17 0.88
C ALA B 155 115.32 25.83 1.18
N PHE B 156 115.64 25.76 2.45
CA PHE B 156 116.98 25.41 2.93
C PHE B 156 117.00 23.89 3.05
N GLY B 157 115.87 23.27 2.71
CA GLY B 157 115.79 21.83 2.79
C GLY B 157 114.38 21.34 3.03
N TYR B 158 114.10 20.13 2.57
CA TYR B 158 112.80 19.51 2.74
C TYR B 158 112.91 18.49 3.87
N MET B 159 111.81 18.19 4.53
CA MET B 159 111.82 17.24 5.62
C MET B 159 110.43 16.76 6.00
N GLU B 160 110.33 15.51 6.44
CA GLU B 160 109.06 14.93 6.84
C GLU B 160 109.18 14.39 8.26
N CYS B 161 108.03 14.27 8.94
CA CYS B 161 108.00 13.77 10.30
C CYS B 161 106.60 13.35 10.70
N SER B 162 106.51 12.72 11.86
CA SER B 162 105.25 12.26 12.40
C SER B 162 105.20 12.60 13.88
N ALA B 163 104.17 13.34 14.28
CA ALA B 163 104.02 13.74 15.67
C ALA B 163 103.66 12.52 16.52
N LYS B 164 102.96 11.57 15.93
CA LYS B 164 102.54 10.36 16.63
C LYS B 164 103.74 9.48 16.99
N THR B 165 104.59 9.21 16.00
CA THR B 165 105.76 8.36 16.19
C THR B 165 107.01 9.13 16.55
N LYS B 166 106.90 10.46 16.58
CA LYS B 166 108.03 11.34 16.90
C LYS B 166 109.12 11.16 15.85
N ASP B 167 108.78 10.39 14.81
CA ASP B 167 109.69 10.09 13.72
C ASP B 167 110.02 11.33 12.90
N GLY B 168 111.27 11.79 12.98
CA GLY B 168 111.67 12.95 12.20
C GLY B 168 111.52 14.28 12.91
N VAL B 169 110.84 14.28 14.05
CA VAL B 169 110.65 15.51 14.82
C VAL B 169 111.99 16.16 15.13
N ARG B 170 112.78 15.49 15.97
CA ARG B 170 114.10 15.98 16.36
C ARG B 170 114.88 16.49 15.13
N GLU B 171 114.86 15.72 14.06
CA GLU B 171 115.56 16.06 12.82
C GLU B 171 115.19 17.43 12.24
N VAL B 172 113.90 17.78 12.32
CA VAL B 172 113.41 19.04 11.79
C VAL B 172 114.00 20.24 12.52
N PHE B 173 113.90 20.23 13.85
CA PHE B 173 114.39 21.33 14.66
C PHE B 173 115.90 21.39 14.72
N GLU B 174 116.54 20.26 14.48
CA GLU B 174 117.99 20.17 14.49
C GLU B 174 118.50 20.82 13.21
N MET B 175 117.82 20.52 12.11
CA MET B 175 118.18 21.08 10.80
C MET B 175 117.88 22.57 10.72
N ALA B 176 116.79 23.00 11.35
CA ALA B 176 116.38 24.40 11.34
C ALA B 176 117.30 25.25 12.20
N THR B 177 117.79 24.67 13.30
CA THR B 177 118.71 25.36 14.21
C THR B 177 120.01 25.63 13.49
N ARG B 178 120.40 24.68 12.65
CA ARG B 178 121.62 24.79 11.88
C ARG B 178 121.48 25.92 10.87
N ALA B 179 120.38 25.93 10.13
CA ALA B 179 120.12 26.97 9.14
C ALA B 179 120.09 28.36 9.79
N ALA B 180 119.71 28.40 11.05
CA ALA B 180 119.63 29.65 11.81
C ALA B 180 121.02 30.16 12.17
N LEU B 181 121.94 29.24 12.44
CA LEU B 181 123.30 29.61 12.81
C LEU B 181 124.11 30.16 11.62
N GLN B 182 123.59 29.96 10.42
CA GLN B 182 124.26 30.44 9.21
C GLN B 182 123.98 31.93 8.99
N GLU C 3 -75.92 -18.22 -37.86
CA GLU C 3 -75.22 -18.88 -36.73
C GLU C 3 -73.77 -18.39 -36.68
N GLU C 4 -73.02 -18.82 -35.68
CA GLU C 4 -71.65 -18.38 -35.55
C GLU C 4 -70.72 -19.04 -36.58
N GLU C 5 -70.87 -20.35 -36.76
CA GLU C 5 -70.04 -21.07 -37.73
C GLU C 5 -70.20 -20.39 -39.09
N GLU C 6 -71.38 -19.85 -39.30
CA GLU C 6 -71.79 -19.15 -40.51
C GLU C 6 -70.91 -17.92 -40.77
N SER C 7 -70.97 -16.97 -39.85
CA SER C 7 -70.24 -15.72 -39.96
C SER C 7 -68.71 -15.86 -39.96
N LEU C 8 -68.20 -16.79 -39.16
CA LEU C 8 -66.76 -16.99 -39.10
C LEU C 8 -66.23 -17.45 -40.45
N ALA C 9 -67.02 -18.26 -41.15
CA ALA C 9 -66.59 -18.73 -42.45
C ALA C 9 -66.62 -17.57 -43.45
N ILE C 10 -67.48 -16.59 -43.18
CA ILE C 10 -67.59 -15.40 -44.02
C ILE C 10 -66.34 -14.56 -43.80
N LEU C 11 -65.95 -14.41 -42.54
CA LEU C 11 -64.76 -13.66 -42.19
C LEU C 11 -63.49 -14.37 -42.70
N ARG C 12 -63.51 -15.70 -42.73
CA ARG C 12 -62.36 -16.44 -43.21
C ARG C 12 -62.22 -16.11 -44.68
N ARG C 13 -63.36 -15.92 -45.32
CA ARG C 13 -63.47 -15.58 -46.74
C ARG C 13 -62.87 -14.19 -46.99
N HIS C 14 -63.20 -13.24 -46.12
CA HIS C 14 -62.68 -11.89 -46.26
C HIS C 14 -61.18 -11.86 -46.17
N VAL C 15 -60.64 -12.51 -45.14
CA VAL C 15 -59.20 -12.55 -44.94
C VAL C 15 -58.53 -13.21 -46.14
N MET C 16 -59.13 -14.27 -46.65
CA MET C 16 -58.57 -14.96 -47.80
C MET C 16 -58.56 -14.04 -49.02
N ASN C 17 -59.62 -13.22 -49.15
CA ASN C 17 -59.70 -12.31 -50.28
C ASN C 17 -58.65 -11.25 -50.18
N GLU C 18 -58.54 -10.60 -49.02
CA GLU C 18 -57.52 -9.56 -48.88
C GLU C 18 -56.14 -10.14 -49.12
N LEU C 19 -55.93 -11.38 -48.67
CA LEU C 19 -54.65 -12.04 -48.85
C LEU C 19 -54.34 -12.14 -50.34
N LEU C 20 -55.28 -12.67 -51.11
CA LEU C 20 -55.09 -12.84 -52.55
C LEU C 20 -55.04 -11.53 -53.34
N ASP C 21 -55.86 -10.57 -52.95
CA ASP C 21 -55.87 -9.28 -53.65
C ASP C 21 -54.56 -8.55 -53.43
N THR C 22 -54.20 -8.34 -52.16
CA THR C 22 -52.97 -7.65 -51.86
C THR C 22 -51.76 -8.40 -52.47
N GLU C 23 -51.85 -9.71 -52.54
CA GLU C 23 -50.76 -10.51 -53.12
C GLU C 23 -50.58 -10.21 -54.61
N ARG C 24 -51.69 -10.16 -55.34
CA ARG C 24 -51.66 -9.87 -56.77
C ARG C 24 -51.10 -8.48 -57.01
N ALA C 25 -51.56 -7.52 -56.21
CA ALA C 25 -51.11 -6.14 -56.29
C ALA C 25 -49.63 -6.07 -55.96
N TYR C 26 -49.21 -6.82 -54.96
CA TYR C 26 -47.81 -6.82 -54.59
C TYR C 26 -46.96 -7.29 -55.76
N VAL C 27 -47.41 -8.36 -56.43
CA VAL C 27 -46.67 -8.87 -57.57
C VAL C 27 -46.67 -7.88 -58.73
N GLU C 28 -47.82 -7.24 -58.96
CA GLU C 28 -47.95 -6.27 -60.04
C GLU C 28 -47.00 -5.11 -59.80
N GLU C 29 -47.11 -4.51 -58.62
CA GLU C 29 -46.28 -3.36 -58.25
C GLU C 29 -44.79 -3.62 -58.39
N LEU C 30 -44.34 -4.82 -58.01
CA LEU C 30 -42.92 -5.11 -58.15
C LEU C 30 -42.53 -5.15 -59.61
N LEU C 31 -43.30 -5.88 -60.42
CA LEU C 31 -43.02 -5.98 -61.85
C LEU C 31 -42.99 -4.57 -62.45
N CYS C 32 -43.96 -3.77 -62.04
CA CYS C 32 -44.11 -2.40 -62.48
C CYS C 32 -42.82 -1.59 -62.33
N VAL C 33 -42.13 -1.81 -61.23
CA VAL C 33 -40.90 -1.11 -60.91
C VAL C 33 -39.70 -1.77 -61.60
N LEU C 34 -39.74 -3.09 -61.70
CA LEU C 34 -38.66 -3.86 -62.32
C LEU C 34 -38.55 -3.57 -63.82
N GLU C 35 -39.62 -3.10 -64.42
CA GLU C 35 -39.62 -2.78 -65.84
C GLU C 35 -39.62 -1.28 -66.07
N GLY C 36 -40.46 -0.57 -65.34
CA GLY C 36 -40.55 0.87 -65.51
C GLY C 36 -39.38 1.68 -64.98
N TYR C 37 -38.47 1.05 -64.23
CA TYR C 37 -37.29 1.73 -63.71
C TYR C 37 -36.03 0.91 -63.92
N ALA C 38 -35.96 -0.27 -63.31
CA ALA C 38 -34.77 -1.09 -63.41
C ALA C 38 -34.40 -1.45 -64.83
N ALA C 39 -35.37 -1.91 -65.61
CA ALA C 39 -35.08 -2.29 -66.98
C ALA C 39 -34.78 -1.08 -67.83
N GLU C 40 -35.44 0.04 -67.52
CA GLU C 40 -35.24 1.29 -68.25
C GLU C 40 -33.81 1.82 -68.13
N MET C 41 -33.08 1.36 -67.13
CA MET C 41 -31.71 1.78 -66.92
C MET C 41 -30.80 1.27 -68.02
N ASP C 42 -31.23 0.21 -68.70
CA ASP C 42 -30.44 -0.37 -69.78
C ASP C 42 -31.12 -0.12 -71.12
N ASN C 43 -31.98 0.91 -71.15
CA ASN C 43 -32.68 1.29 -72.37
C ASN C 43 -31.93 2.47 -73.00
N PRO C 44 -31.40 2.26 -74.23
CA PRO C 44 -30.66 3.29 -74.95
C PRO C 44 -31.37 4.64 -74.98
N LEU C 45 -32.66 4.62 -75.32
CA LEU C 45 -33.46 5.83 -75.39
C LEU C 45 -33.45 6.65 -74.09
N MET C 46 -32.94 6.06 -73.01
CA MET C 46 -32.89 6.74 -71.71
C MET C 46 -31.46 7.04 -71.26
N ALA C 47 -30.49 6.34 -71.86
CA ALA C 47 -29.09 6.51 -71.50
C ALA C 47 -28.60 7.96 -71.37
N HIS C 48 -29.30 8.89 -72.01
CA HIS C 48 -28.89 10.30 -71.95
C HIS C 48 -29.35 10.97 -70.67
N LEU C 49 -30.09 10.25 -69.84
CA LEU C 49 -30.59 10.79 -68.58
C LEU C 49 -29.93 10.10 -67.39
N ILE C 50 -29.08 9.12 -67.67
CA ILE C 50 -28.42 8.39 -66.60
C ILE C 50 -26.92 8.25 -66.79
N SER C 51 -26.15 8.52 -65.73
CA SER C 51 -24.69 8.42 -65.76
C SER C 51 -24.30 6.95 -65.66
N THR C 52 -23.03 6.66 -65.86
CA THR C 52 -22.55 5.28 -65.81
C THR C 52 -22.47 4.80 -64.35
N GLY C 53 -22.16 5.71 -63.44
CA GLY C 53 -22.06 5.35 -62.04
C GLY C 53 -23.37 4.80 -61.49
N LEU C 54 -24.45 5.54 -61.68
CA LEU C 54 -25.76 5.13 -61.23
C LEU C 54 -26.17 3.81 -61.87
N GLN C 55 -25.85 3.66 -63.14
CA GLN C 55 -26.19 2.45 -63.88
C GLN C 55 -25.56 1.19 -63.27
N ASN C 56 -24.38 1.35 -62.69
CA ASN C 56 -23.70 0.22 -62.07
C ASN C 56 -24.27 -0.10 -60.69
N LYS C 57 -24.76 0.93 -60.00
CA LYS C 57 -25.35 0.80 -58.68
C LYS C 57 -26.76 0.24 -58.76
N LYS C 58 -27.18 -0.24 -59.92
CA LYS C 58 -28.52 -0.77 -60.06
C LYS C 58 -28.84 -1.84 -59.02
N ASN C 59 -27.86 -2.68 -58.71
CA ASN C 59 -28.08 -3.75 -57.73
C ASN C 59 -28.20 -3.25 -56.30
N ILE C 60 -27.51 -2.14 -56.00
CA ILE C 60 -27.60 -1.58 -54.67
C ILE C 60 -29.00 -0.97 -54.53
N LEU C 61 -29.46 -0.29 -55.57
CA LEU C 61 -30.76 0.35 -55.53
C LEU C 61 -31.93 -0.63 -55.41
N PHE C 62 -31.89 -1.71 -56.19
CA PHE C 62 -32.97 -2.69 -56.18
C PHE C 62 -32.77 -3.94 -55.33
N GLY C 63 -31.56 -4.17 -54.86
CA GLY C 63 -31.33 -5.35 -54.06
C GLY C 63 -31.78 -6.57 -54.84
N ASN C 64 -32.40 -7.54 -54.18
CA ASN C 64 -32.84 -8.73 -54.89
C ASN C 64 -34.34 -8.71 -55.14
N MET C 65 -34.87 -7.55 -55.48
CA MET C 65 -36.29 -7.42 -55.76
C MET C 65 -36.74 -8.43 -56.80
N GLU C 66 -35.93 -8.60 -57.85
CA GLU C 66 -36.29 -9.54 -58.89
C GLU C 66 -36.43 -10.95 -58.37
N GLU C 67 -35.46 -11.39 -57.56
CA GLU C 67 -35.52 -12.72 -57.00
C GLU C 67 -36.87 -12.88 -56.27
N ILE C 68 -37.22 -11.87 -55.47
CA ILE C 68 -38.46 -11.88 -54.69
C ILE C 68 -39.69 -11.91 -55.59
N TYR C 69 -39.65 -11.13 -56.65
CA TYR C 69 -40.76 -11.08 -57.61
C TYR C 69 -41.02 -12.46 -58.25
N HIS C 70 -39.95 -13.15 -58.63
CA HIS C 70 -40.10 -14.45 -59.25
C HIS C 70 -40.71 -15.45 -58.28
N PHE C 71 -40.29 -15.39 -57.03
CA PHE C 71 -40.83 -16.30 -56.03
C PHE C 71 -42.36 -16.16 -55.89
N HIS C 72 -42.81 -14.92 -55.74
CA HIS C 72 -44.22 -14.66 -55.58
C HIS C 72 -45.02 -14.86 -56.85
N ASN C 73 -44.43 -14.50 -57.98
CA ASN C 73 -45.10 -14.62 -59.27
C ASN C 73 -45.16 -16.05 -59.80
N ARG C 74 -44.08 -16.79 -59.62
CA ARG C 74 -44.01 -18.16 -60.09
C ARG C 74 -44.50 -19.20 -59.07
N ILE C 75 -44.40 -18.89 -57.79
CA ILE C 75 -44.79 -19.86 -56.78
C ILE C 75 -45.84 -19.51 -55.72
N PHE C 76 -45.55 -18.52 -54.89
CA PHE C 76 -46.47 -18.19 -53.81
C PHE C 76 -47.89 -17.73 -54.14
N LEU C 77 -48.04 -16.90 -55.16
CA LEU C 77 -49.39 -16.46 -55.51
C LEU C 77 -50.18 -17.65 -56.03
N ARG C 78 -49.50 -18.50 -56.79
CA ARG C 78 -50.10 -19.70 -57.38
C ARG C 78 -50.61 -20.64 -56.30
N GLU C 79 -49.84 -20.79 -55.23
CA GLU C 79 -50.23 -21.65 -54.13
C GLU C 79 -51.30 -21.04 -53.20
N LEU C 80 -51.33 -19.73 -53.10
CA LEU C 80 -52.33 -19.11 -52.26
C LEU C 80 -53.69 -19.28 -52.92
N GLU C 81 -53.71 -19.23 -54.24
CA GLU C 81 -54.96 -19.37 -54.98
C GLU C 81 -55.54 -20.75 -54.86
N SER C 82 -54.69 -21.75 -54.71
CA SER C 82 -55.15 -23.10 -54.58
C SER C 82 -55.89 -23.30 -53.26
N CYS C 83 -55.89 -22.28 -52.40
CA CYS C 83 -56.57 -22.36 -51.11
C CYS C 83 -57.83 -21.52 -51.09
N ILE C 84 -58.19 -20.99 -52.26
CA ILE C 84 -59.39 -20.17 -52.34
C ILE C 84 -60.58 -20.95 -51.79
N ASP C 85 -60.58 -22.26 -52.01
CA ASP C 85 -61.66 -23.12 -51.54
C ASP C 85 -61.60 -23.40 -50.04
N CYS C 86 -60.41 -23.76 -49.54
CA CYS C 86 -60.26 -24.04 -48.13
C CYS C 86 -59.31 -23.03 -47.51
N PRO C 87 -59.83 -21.84 -47.16
CA PRO C 87 -59.06 -20.75 -46.56
C PRO C 87 -58.35 -21.01 -45.24
N GLU C 88 -58.78 -22.01 -44.49
CA GLU C 88 -58.14 -22.32 -43.20
C GLU C 88 -56.82 -23.03 -43.46
N LEU C 89 -56.68 -23.57 -44.66
CA LEU C 89 -55.49 -24.32 -45.04
C LEU C 89 -54.39 -23.48 -45.66
N VAL C 90 -54.54 -22.16 -45.64
CA VAL C 90 -53.52 -21.31 -46.22
C VAL C 90 -52.25 -21.41 -45.37
N GLY C 91 -52.43 -21.83 -44.12
CA GLY C 91 -51.30 -21.97 -43.20
C GLY C 91 -50.26 -22.90 -43.77
N ARG C 92 -50.71 -23.91 -44.50
CA ARG C 92 -49.82 -24.90 -45.10
C ARG C 92 -48.95 -24.31 -46.21
N CYS C 93 -49.45 -23.29 -46.92
CA CYS C 93 -48.65 -22.68 -47.97
C CYS C 93 -47.39 -22.07 -47.38
N PHE C 94 -47.56 -21.28 -46.33
CA PHE C 94 -46.38 -20.66 -45.72
C PHE C 94 -45.45 -21.73 -45.19
N LEU C 95 -46.01 -22.73 -44.52
CA LEU C 95 -45.21 -23.80 -43.94
C LEU C 95 -44.32 -24.50 -44.96
N GLU C 96 -44.87 -24.74 -46.15
CA GLU C 96 -44.11 -25.41 -47.20
C GLU C 96 -43.20 -24.48 -47.98
N ARG C 97 -43.09 -23.22 -47.54
CA ARG C 97 -42.24 -22.25 -48.22
C ARG C 97 -41.39 -21.40 -47.28
N MET C 98 -41.35 -21.77 -46.00
CA MET C 98 -40.58 -21.02 -45.04
C MET C 98 -39.14 -20.78 -45.46
N GLU C 99 -38.60 -21.70 -46.25
CA GLU C 99 -37.23 -21.55 -46.68
C GLU C 99 -37.15 -20.43 -47.71
N GLU C 100 -38.02 -20.48 -48.72
CA GLU C 100 -38.05 -19.48 -49.76
C GLU C 100 -38.12 -18.05 -49.22
N PHE C 101 -38.76 -17.88 -48.06
CA PHE C 101 -38.91 -16.55 -47.47
C PHE C 101 -37.61 -16.00 -46.93
N GLN C 102 -36.59 -16.84 -46.88
CA GLN C 102 -35.28 -16.39 -46.39
C GLN C 102 -34.72 -15.29 -47.30
N ILE C 103 -35.18 -15.23 -48.55
CA ILE C 103 -34.69 -14.22 -49.45
C ILE C 103 -34.95 -12.79 -48.97
N TYR C 104 -35.89 -12.63 -48.04
CA TYR C 104 -36.22 -11.30 -47.50
C TYR C 104 -35.13 -10.73 -46.59
N GLU C 105 -34.28 -11.59 -46.06
CA GLU C 105 -33.22 -11.13 -45.19
C GLU C 105 -32.24 -10.32 -46.01
N LYS C 106 -31.89 -10.84 -47.19
CA LYS C 106 -30.95 -10.16 -48.07
C LYS C 106 -31.49 -8.79 -48.48
N TYR C 107 -32.79 -8.71 -48.76
CA TYR C 107 -33.41 -7.47 -49.18
C TYR C 107 -33.42 -6.42 -48.10
N CYS C 108 -33.74 -6.83 -46.87
CA CYS C 108 -33.79 -5.89 -45.75
C CYS C 108 -32.41 -5.39 -45.36
N GLN C 109 -31.43 -6.30 -45.37
CA GLN C 109 -30.08 -5.92 -45.03
C GLN C 109 -29.47 -4.93 -46.01
N ASN C 110 -29.88 -5.00 -47.25
CA ASN C 110 -29.39 -4.12 -48.28
C ASN C 110 -30.22 -2.84 -48.37
N LYS C 111 -31.42 -2.84 -47.81
CA LYS C 111 -32.27 -1.66 -47.91
C LYS C 111 -31.62 -0.36 -47.45
N PRO C 112 -30.89 -0.39 -46.31
CA PRO C 112 -30.27 0.85 -45.87
C PRO C 112 -29.20 1.32 -46.87
N ARG C 113 -28.58 0.38 -47.58
CA ARG C 113 -27.58 0.72 -48.60
C ARG C 113 -28.31 1.42 -49.76
N SER C 114 -29.47 0.88 -50.12
CA SER C 114 -30.28 1.47 -51.19
C SER C 114 -30.78 2.85 -50.77
N GLU C 115 -31.20 2.96 -49.51
CA GLU C 115 -31.72 4.20 -48.96
C GLU C 115 -30.68 5.34 -49.10
N SER C 116 -29.43 5.03 -48.76
CA SER C 116 -28.37 6.01 -48.86
C SER C 116 -28.16 6.45 -50.30
N LEU C 117 -28.19 5.47 -51.20
CA LEU C 117 -28.00 5.74 -52.62
C LEU C 117 -29.11 6.63 -53.12
N TRP C 118 -30.36 6.24 -52.83
CA TRP C 118 -31.52 7.00 -53.28
C TRP C 118 -31.45 8.46 -52.88
N ARG C 119 -30.87 8.69 -51.73
CA ARG C 119 -30.74 10.04 -51.21
C ARG C 119 -29.85 10.87 -52.11
N GLN C 120 -28.84 10.24 -52.69
CA GLN C 120 -27.90 10.93 -53.57
C GLN C 120 -28.36 11.00 -55.02
N CYS C 121 -29.19 10.06 -55.46
CA CYS C 121 -29.61 10.04 -56.84
C CYS C 121 -31.09 10.28 -57.15
N SER C 122 -31.90 10.62 -56.15
CA SER C 122 -33.32 10.80 -56.43
C SER C 122 -33.63 11.95 -57.37
N ASP C 123 -32.90 13.05 -57.24
CA ASP C 123 -33.12 14.22 -58.07
C ASP C 123 -32.61 14.01 -59.51
N CYS C 124 -32.05 12.83 -59.77
CA CYS C 124 -31.55 12.48 -61.11
C CYS C 124 -32.72 12.50 -62.10
N PRO C 125 -32.51 13.08 -63.29
CA PRO C 125 -33.48 13.20 -64.38
C PRO C 125 -34.18 11.90 -64.77
N PHE C 126 -33.42 10.82 -64.74
CA PHE C 126 -33.93 9.51 -65.11
C PHE C 126 -35.20 9.11 -64.38
N PHE C 127 -35.20 9.22 -63.06
CA PHE C 127 -36.35 8.83 -62.27
C PHE C 127 -37.57 9.67 -62.52
N GLN C 128 -37.38 10.99 -62.56
CA GLN C 128 -38.47 11.91 -62.82
C GLN C 128 -39.13 11.52 -64.16
N GLU C 129 -38.33 11.02 -65.09
CA GLU C 129 -38.85 10.62 -66.39
C GLU C 129 -39.62 9.28 -66.35
N CYS C 130 -39.04 8.26 -65.73
CA CYS C 130 -39.69 6.97 -65.61
C CYS C 130 -41.00 7.12 -64.85
N GLN C 131 -41.00 7.96 -63.81
CA GLN C 131 -42.21 8.16 -63.03
C GLN C 131 -43.30 8.70 -63.97
N LYS C 132 -42.98 9.75 -64.72
CA LYS C 132 -43.91 10.34 -65.67
C LYS C 132 -44.46 9.27 -66.61
N LYS C 133 -43.58 8.52 -67.26
CA LYS C 133 -44.02 7.46 -68.17
C LYS C 133 -45.00 6.54 -67.46
N LEU C 134 -44.63 6.05 -66.29
CA LEU C 134 -45.49 5.14 -65.53
C LEU C 134 -46.76 5.80 -65.02
N ASP C 135 -46.76 7.13 -64.95
CA ASP C 135 -47.93 7.86 -64.46
C ASP C 135 -48.16 7.55 -62.97
N HIS C 136 -47.11 7.63 -62.17
CA HIS C 136 -47.20 7.34 -60.75
C HIS C 136 -47.16 8.62 -59.95
N LYS C 137 -48.06 8.75 -58.98
CA LYS C 137 -48.06 9.92 -58.13
C LYS C 137 -46.98 9.74 -57.06
N LEU C 138 -46.43 8.52 -56.99
CA LEU C 138 -45.38 8.20 -56.02
C LEU C 138 -44.04 7.88 -56.68
N SER C 139 -42.97 8.16 -55.96
CA SER C 139 -41.62 7.92 -56.47
C SER C 139 -41.10 6.51 -56.17
N LEU C 140 -40.04 6.12 -56.85
CA LEU C 140 -39.45 4.81 -56.69
C LEU C 140 -39.25 4.41 -55.23
N ASP C 141 -39.05 5.39 -54.36
CA ASP C 141 -38.81 5.10 -52.96
C ASP C 141 -39.98 4.38 -52.28
N SER C 142 -41.19 4.75 -52.67
CA SER C 142 -42.37 4.15 -52.10
C SER C 142 -42.48 2.68 -52.54
N TYR C 143 -42.01 2.39 -53.74
CA TYR C 143 -42.07 1.02 -54.25
C TYR C 143 -40.95 0.16 -53.72
N LEU C 144 -39.79 0.76 -53.49
CA LEU C 144 -38.65 0.01 -52.98
C LEU C 144 -38.84 -0.49 -51.56
N LEU C 145 -39.85 0.02 -50.85
CA LEU C 145 -40.12 -0.39 -49.48
C LEU C 145 -41.15 -1.50 -49.41
N LYS C 146 -41.83 -1.76 -50.51
CA LYS C 146 -42.86 -2.77 -50.58
C LYS C 146 -42.49 -4.18 -50.13
N PRO C 147 -41.29 -4.66 -50.46
CA PRO C 147 -40.99 -6.02 -49.99
C PRO C 147 -40.94 -6.04 -48.46
N VAL C 148 -40.44 -4.97 -47.85
CA VAL C 148 -40.36 -4.87 -46.40
C VAL C 148 -41.75 -4.70 -45.81
N GLN C 149 -42.59 -3.92 -46.48
CA GLN C 149 -43.94 -3.72 -45.98
C GLN C 149 -44.77 -4.98 -46.13
N ARG C 150 -44.52 -5.75 -47.19
CA ARG C 150 -45.30 -6.97 -47.45
C ARG C 150 -44.97 -8.08 -46.46
N ILE C 151 -43.66 -8.37 -46.31
CA ILE C 151 -43.23 -9.43 -45.40
C ILE C 151 -43.77 -9.16 -44.01
N THR C 152 -43.91 -7.88 -43.65
CA THR C 152 -44.45 -7.51 -42.34
C THR C 152 -45.97 -7.33 -42.27
N LYS C 153 -46.70 -7.97 -43.19
CA LYS C 153 -48.15 -7.94 -43.17
C LYS C 153 -48.68 -9.39 -43.11
N TYR C 154 -47.82 -10.36 -43.44
CA TYR C 154 -48.24 -11.76 -43.42
C TYR C 154 -48.66 -12.25 -42.02
N GLN C 155 -47.95 -11.88 -40.96
CA GLN C 155 -48.35 -12.30 -39.62
C GLN C 155 -49.73 -11.71 -39.27
N LEU C 156 -49.95 -10.46 -39.67
CA LEU C 156 -51.22 -9.82 -39.40
C LEU C 156 -52.32 -10.60 -40.06
N LEU C 157 -52.09 -11.00 -41.30
CA LEU C 157 -53.09 -11.74 -42.06
C LEU C 157 -53.31 -13.16 -41.50
N LEU C 158 -52.22 -13.85 -41.15
CA LEU C 158 -52.33 -15.19 -40.59
C LEU C 158 -53.00 -15.10 -39.21
N LYS C 159 -52.76 -14.03 -38.48
CA LYS C 159 -53.35 -13.89 -37.15
C LYS C 159 -54.87 -13.72 -37.31
N GLU C 160 -55.26 -13.04 -38.36
CA GLU C 160 -56.65 -12.77 -38.63
C GLU C 160 -57.32 -14.08 -39.03
N MET C 161 -56.66 -14.84 -39.89
CA MET C 161 -57.20 -16.12 -40.32
C MET C 161 -57.37 -17.07 -39.14
N LEU C 162 -56.38 -17.08 -38.25
CA LEU C 162 -56.40 -17.96 -37.09
C LEU C 162 -57.52 -17.61 -36.12
N LYS C 163 -57.82 -16.32 -36.03
CA LYS C 163 -58.87 -15.85 -35.13
C LYS C 163 -60.23 -16.40 -35.57
N TYR C 164 -60.43 -16.54 -36.87
CA TYR C 164 -61.68 -17.02 -37.43
C TYR C 164 -61.66 -18.50 -37.74
N SER C 165 -60.63 -19.21 -37.28
CA SER C 165 -60.54 -20.66 -37.56
C SER C 165 -60.29 -21.54 -36.35
N LYS C 166 -60.56 -21.02 -35.15
CA LYS C 166 -60.34 -21.76 -33.90
C LYS C 166 -60.85 -23.19 -33.92
N HIS C 167 -61.95 -23.44 -34.65
CA HIS C 167 -62.55 -24.76 -34.70
C HIS C 167 -62.48 -25.43 -36.06
N CYS C 168 -61.53 -25.00 -36.88
CA CYS C 168 -61.35 -25.57 -38.22
C CYS C 168 -60.25 -26.65 -38.22
N GLU C 169 -60.25 -27.50 -39.24
CA GLU C 169 -59.26 -28.56 -39.31
C GLU C 169 -57.86 -28.05 -39.65
N GLY C 170 -57.67 -26.74 -39.62
CA GLY C 170 -56.35 -26.19 -39.93
C GLY C 170 -55.83 -25.20 -38.92
N ALA C 171 -56.56 -25.02 -37.81
CA ALA C 171 -56.17 -24.09 -36.77
C ALA C 171 -54.73 -24.31 -36.28
N GLU C 172 -54.29 -25.56 -36.27
CA GLU C 172 -52.93 -25.83 -35.82
C GLU C 172 -51.89 -25.39 -36.82
N ASP C 173 -52.09 -25.73 -38.09
CA ASP C 173 -51.13 -25.34 -39.12
C ASP C 173 -51.04 -23.82 -39.24
N LEU C 174 -52.14 -23.13 -38.91
CA LEU C 174 -52.17 -21.68 -38.97
C LEU C 174 -51.28 -21.12 -37.88
N GLN C 175 -51.50 -21.58 -36.66
CA GLN C 175 -50.69 -21.15 -35.53
C GLN C 175 -49.21 -21.40 -35.79
N GLU C 176 -48.91 -22.51 -36.45
CA GLU C 176 -47.52 -22.83 -36.73
C GLU C 176 -46.98 -21.86 -37.76
N ALA C 177 -47.72 -21.66 -38.84
CA ALA C 177 -47.32 -20.74 -39.89
C ALA C 177 -47.10 -19.34 -39.30
N LEU C 178 -48.03 -18.91 -38.45
CA LEU C 178 -47.93 -17.60 -37.80
C LEU C 178 -46.62 -17.47 -37.05
N SER C 179 -46.30 -18.51 -36.29
CA SER C 179 -45.08 -18.55 -35.50
C SER C 179 -43.85 -18.56 -36.39
N SER C 180 -43.92 -19.33 -37.49
CA SER C 180 -42.79 -19.41 -38.40
C SER C 180 -42.50 -18.05 -39.04
N ILE C 181 -43.54 -17.30 -39.39
CA ILE C 181 -43.32 -16.01 -40.01
C ILE C 181 -42.78 -15.07 -38.95
N LEU C 182 -43.40 -15.08 -37.78
CA LEU C 182 -42.92 -14.22 -36.71
C LEU C 182 -41.44 -14.52 -36.43
N GLY C 183 -41.06 -15.78 -36.61
CA GLY C 183 -39.69 -16.18 -36.38
C GLY C 183 -38.74 -15.65 -37.44
N ILE C 184 -39.19 -15.66 -38.69
CA ILE C 184 -38.38 -15.15 -39.77
C ILE C 184 -38.23 -13.64 -39.62
N LEU C 185 -39.31 -12.98 -39.21
CA LEU C 185 -39.29 -11.53 -39.02
C LEU C 185 -38.33 -11.17 -37.90
N LYS C 186 -38.34 -11.94 -36.82
CA LYS C 186 -37.42 -11.65 -35.72
C LYS C 186 -35.98 -11.90 -36.18
N ALA C 187 -35.76 -12.99 -36.90
CA ALA C 187 -34.42 -13.28 -37.38
C ALA C 187 -33.92 -12.16 -38.26
N VAL C 188 -34.74 -11.74 -39.23
CA VAL C 188 -34.32 -10.66 -40.12
C VAL C 188 -34.01 -9.40 -39.30
N ASN C 189 -34.90 -9.06 -38.37
CA ASN C 189 -34.67 -7.90 -37.56
C ASN C 189 -33.39 -8.02 -36.74
N ASP C 190 -33.11 -9.20 -36.21
CA ASP C 190 -31.89 -9.38 -35.44
C ASP C 190 -30.66 -9.20 -36.32
N SER C 191 -30.71 -9.73 -37.54
CA SER C 191 -29.56 -9.62 -38.42
C SER C 191 -29.24 -8.18 -38.75
N MET C 192 -30.27 -7.31 -38.73
CA MET C 192 -30.03 -5.89 -39.03
C MET C 192 -29.03 -5.33 -38.03
N HIS C 193 -29.24 -5.62 -36.75
CA HIS C 193 -28.36 -5.18 -35.67
C HIS C 193 -26.96 -5.79 -35.83
N LEU C 194 -26.91 -7.07 -36.18
CA LEU C 194 -25.66 -7.78 -36.33
C LEU C 194 -24.72 -7.14 -37.34
N ILE C 195 -25.22 -6.82 -38.53
CA ILE C 195 -24.36 -6.21 -39.54
C ILE C 195 -23.91 -4.81 -39.18
N ALA C 196 -24.38 -4.28 -38.05
CA ALA C 196 -24.00 -2.93 -37.62
C ALA C 196 -22.90 -2.99 -36.57
N ILE C 197 -22.46 -4.20 -36.24
CA ILE C 197 -21.40 -4.37 -35.26
C ILE C 197 -20.09 -3.97 -35.94
N THR C 198 -19.25 -3.22 -35.22
CA THR C 198 -17.97 -2.79 -35.76
C THR C 198 -16.82 -3.25 -34.88
N GLY C 199 -15.66 -3.43 -35.51
CA GLY C 199 -14.46 -3.81 -34.79
C GLY C 199 -14.37 -5.23 -34.32
N TYR C 200 -15.08 -6.14 -34.97
CA TYR C 200 -15.01 -7.54 -34.56
C TYR C 200 -13.80 -8.25 -35.16
N ASP C 201 -12.91 -8.67 -34.26
CA ASP C 201 -11.68 -9.37 -34.61
C ASP C 201 -12.03 -10.80 -35.01
N GLY C 202 -12.41 -11.00 -36.27
CA GLY C 202 -12.75 -12.35 -36.70
C GLY C 202 -14.02 -12.47 -37.52
N ASN C 203 -14.45 -13.71 -37.75
CA ASN C 203 -15.67 -13.95 -38.51
C ASN C 203 -16.85 -14.20 -37.58
N LEU C 204 -17.97 -13.53 -37.84
CA LEU C 204 -19.15 -13.66 -37.03
C LEU C 204 -19.90 -14.94 -37.37
N GLY C 205 -19.75 -15.37 -38.62
CA GLY C 205 -20.42 -16.58 -39.09
C GLY C 205 -20.17 -17.82 -38.26
N ASP C 206 -18.90 -18.08 -37.93
CA ASP C 206 -18.56 -19.27 -37.15
C ASP C 206 -18.85 -19.16 -35.65
N LEU C 207 -19.72 -18.21 -35.31
CA LEU C 207 -20.16 -18.01 -33.93
C LEU C 207 -21.47 -18.77 -33.76
N GLY C 208 -21.94 -19.36 -34.84
CA GLY C 208 -23.20 -20.08 -34.79
C GLY C 208 -24.33 -19.11 -35.12
N LYS C 209 -25.56 -19.58 -34.98
CA LYS C 209 -26.73 -18.77 -35.26
C LYS C 209 -26.94 -17.65 -34.22
N LEU C 210 -27.37 -16.49 -34.70
CA LEU C 210 -27.67 -15.36 -33.82
C LEU C 210 -29.08 -15.63 -33.23
N LEU C 211 -29.16 -15.77 -31.91
CA LEU C 211 -30.41 -16.10 -31.23
C LEU C 211 -31.16 -14.92 -30.61
N MET C 212 -30.43 -13.97 -30.06
CA MET C 212 -31.06 -12.81 -29.43
C MET C 212 -30.11 -11.64 -29.50
N GLN C 213 -30.69 -10.44 -29.41
CA GLN C 213 -29.92 -9.22 -29.39
C GLN C 213 -30.76 -8.16 -28.67
N GLY C 214 -30.12 -7.27 -27.94
CA GLY C 214 -30.85 -6.23 -27.26
C GLY C 214 -29.96 -5.36 -26.41
N SER C 215 -30.45 -4.17 -26.06
CA SER C 215 -29.72 -3.25 -25.19
C SER C 215 -30.15 -3.42 -23.75
N PHE C 216 -29.19 -3.47 -22.85
CA PHE C 216 -29.49 -3.61 -21.43
C PHE C 216 -28.54 -2.78 -20.58
N SER C 217 -28.93 -2.57 -19.33
CA SER C 217 -28.09 -1.91 -18.35
C SER C 217 -27.36 -3.11 -17.77
N VAL C 218 -26.04 -3.06 -17.71
CA VAL C 218 -25.30 -4.17 -17.17
C VAL C 218 -24.40 -3.82 -15.99
N TRP C 219 -24.51 -4.60 -14.94
CA TRP C 219 -23.71 -4.44 -13.74
C TRP C 219 -22.73 -5.61 -13.71
N THR C 220 -21.59 -5.44 -13.06
CA THR C 220 -20.64 -6.52 -12.94
C THR C 220 -20.51 -6.82 -11.45
N ASP C 221 -19.99 -8.01 -11.15
CA ASP C 221 -19.79 -8.45 -9.79
C ASP C 221 -18.76 -9.56 -9.84
N HIS C 222 -17.65 -9.26 -10.52
CA HIS C 222 -16.54 -10.18 -10.70
C HIS C 222 -15.87 -10.54 -9.37
N LYS C 223 -14.95 -11.50 -9.39
CA LYS C 223 -14.26 -11.92 -8.17
C LYS C 223 -13.06 -11.03 -7.83
N LYS C 224 -12.03 -11.07 -8.68
CA LYS C 224 -10.83 -10.26 -8.49
C LYS C 224 -10.08 -10.00 -9.78
N GLY C 225 -9.15 -9.05 -9.73
CA GLY C 225 -8.37 -8.69 -10.90
C GLY C 225 -7.88 -9.87 -11.71
N LEU C 232 -14.73 -2.33 -12.54
CA LEU C 232 -15.65 -1.27 -13.12
C LEU C 232 -17.04 -1.69 -13.67
N ALA C 233 -18.06 -0.97 -13.20
CA ALA C 233 -19.49 -1.16 -13.55
C ALA C 233 -20.16 -1.89 -12.35
N ARG C 234 -19.62 -1.68 -11.14
CA ARG C 234 -20.14 -2.27 -9.90
C ARG C 234 -21.33 -1.50 -9.30
N PHE C 235 -21.43 -0.20 -9.61
CA PHE C 235 -22.52 0.58 -9.08
C PHE C 235 -23.27 1.38 -10.15
N LYS C 236 -22.51 1.97 -11.08
CA LYS C 236 -23.07 2.73 -12.18
C LYS C 236 -23.04 1.68 -13.31
N PRO C 237 -24.22 1.24 -13.78
CA PRO C 237 -24.27 0.24 -14.84
C PRO C 237 -23.76 0.78 -16.15
N MET C 238 -23.27 -0.10 -17.00
CA MET C 238 -22.79 0.30 -18.31
C MET C 238 -23.88 -0.08 -19.31
N GLN C 239 -23.97 0.64 -20.43
CA GLN C 239 -24.97 0.33 -21.44
C GLN C 239 -24.36 -0.47 -22.58
N ARG C 240 -24.74 -1.74 -22.65
CA ARG C 240 -24.22 -2.62 -23.70
C ARG C 240 -25.35 -3.21 -24.55
N HIS C 241 -25.03 -3.54 -25.79
CA HIS C 241 -25.99 -4.18 -26.67
C HIS C 241 -25.48 -5.63 -26.78
N LEU C 242 -26.31 -6.59 -26.41
CA LEU C 242 -25.87 -7.98 -26.43
C LEU C 242 -26.34 -8.73 -27.65
N PHE C 243 -25.55 -9.70 -28.06
CA PHE C 243 -25.90 -10.57 -29.17
C PHE C 243 -25.69 -11.99 -28.66
N LEU C 244 -26.77 -12.73 -28.46
CA LEU C 244 -26.69 -14.12 -28.01
C LEU C 244 -26.51 -15.00 -29.24
N HIS C 245 -25.39 -15.71 -29.28
CA HIS C 245 -25.07 -16.61 -30.39
C HIS C 245 -24.97 -18.02 -29.84
N GLU C 246 -25.01 -19.03 -30.69
CA GLU C 246 -24.91 -20.41 -30.20
C GLU C 246 -23.56 -20.63 -29.51
N LYS C 247 -22.52 -20.05 -30.08
CA LYS C 247 -21.18 -20.20 -29.53
C LYS C 247 -20.81 -19.17 -28.45
N ALA C 248 -21.31 -17.95 -28.55
CA ALA C 248 -20.97 -16.95 -27.54
C ALA C 248 -21.93 -15.80 -27.39
N VAL C 249 -21.70 -14.99 -26.36
CA VAL C 249 -22.50 -13.81 -26.12
C VAL C 249 -21.56 -12.64 -26.36
N LEU C 250 -21.91 -11.73 -27.27
CA LEU C 250 -21.07 -10.58 -27.56
C LEU C 250 -21.56 -9.35 -26.82
N PHE C 251 -20.63 -8.58 -26.28
CA PHE C 251 -20.97 -7.34 -25.60
C PHE C 251 -20.50 -6.19 -26.50
N CYS C 252 -21.41 -5.30 -26.86
CA CYS C 252 -21.05 -4.18 -27.72
C CYS C 252 -21.49 -2.87 -27.10
N LYS C 253 -20.79 -1.79 -27.47
CA LYS C 253 -21.16 -0.49 -26.97
C LYS C 253 -21.78 0.28 -28.12
N LYS C 254 -23.02 0.74 -27.89
CA LYS C 254 -23.76 1.52 -28.88
C LYS C 254 -22.91 2.75 -29.25
N ARG C 255 -22.64 2.91 -30.53
CA ARG C 255 -21.86 4.03 -31.03
C ARG C 255 -22.81 4.88 -31.87
N GLU C 256 -23.04 6.13 -31.44
CA GLU C 256 -23.95 7.02 -32.14
C GLU C 256 -23.41 7.49 -33.48
N GLU C 257 -24.18 7.29 -34.54
CA GLU C 257 -23.79 7.70 -35.89
C GLU C 257 -24.69 8.85 -36.33
N ASN C 258 -24.18 9.73 -37.18
CA ASN C 258 -24.98 10.85 -37.63
C ASN C 258 -25.10 10.81 -39.14
N GLY C 259 -26.20 11.35 -39.65
CA GLY C 259 -26.45 11.33 -41.07
C GLY C 259 -27.88 11.74 -41.36
N GLU C 260 -28.42 11.36 -42.51
CA GLU C 260 -29.77 11.76 -42.88
C GLU C 260 -30.92 10.89 -42.41
N GLY C 261 -30.91 9.60 -42.71
CA GLY C 261 -32.02 8.76 -42.29
C GLY C 261 -31.63 7.54 -41.47
N TYR C 262 -31.54 6.39 -42.13
CA TYR C 262 -31.14 5.17 -41.44
C TYR C 262 -29.68 5.33 -41.00
N GLU C 263 -29.00 6.34 -41.54
CA GLU C 263 -27.62 6.61 -41.19
C GLU C 263 -27.59 7.02 -39.73
N LYS C 264 -28.73 7.52 -39.25
CA LYS C 264 -28.84 7.93 -37.85
C LYS C 264 -28.84 6.71 -36.93
N ALA C 265 -29.19 5.54 -37.46
CA ALA C 265 -29.19 4.34 -36.63
C ALA C 265 -27.76 4.09 -36.15
N PRO C 266 -27.58 3.82 -34.87
CA PRO C 266 -26.26 3.58 -34.31
C PRO C 266 -25.57 2.33 -34.81
N SER C 267 -24.27 2.23 -34.55
CA SER C 267 -23.49 1.06 -34.92
C SER C 267 -23.13 0.45 -33.57
N TYR C 268 -22.53 -0.73 -33.56
CA TYR C 268 -22.15 -1.36 -32.32
C TYR C 268 -20.65 -1.71 -32.29
N SER C 269 -19.94 -1.05 -31.38
CA SER C 269 -18.52 -1.28 -31.23
C SER C 269 -18.31 -2.53 -30.39
N TYR C 270 -17.70 -3.53 -31.01
CA TYR C 270 -17.44 -4.77 -30.32
C TYR C 270 -16.56 -4.52 -29.09
N LYS C 271 -16.95 -5.04 -27.93
CA LYS C 271 -16.14 -4.89 -26.72
C LYS C 271 -15.62 -6.27 -26.33
N GLN C 272 -16.38 -7.03 -25.57
CA GLN C 272 -15.94 -8.37 -25.18
C GLN C 272 -16.80 -9.50 -25.74
N SER C 273 -16.44 -10.73 -25.39
CA SER C 273 -17.16 -11.89 -25.87
C SER C 273 -17.04 -13.07 -24.91
N LEU C 274 -18.17 -13.59 -24.42
CA LEU C 274 -18.15 -14.74 -23.50
C LEU C 274 -18.42 -16.02 -24.27
N ASN C 275 -17.50 -16.98 -24.23
CA ASN C 275 -17.70 -18.25 -24.93
C ASN C 275 -18.76 -19.04 -24.15
N MET C 276 -19.78 -19.54 -24.86
CA MET C 276 -20.87 -20.25 -24.19
C MET C 276 -20.46 -21.48 -23.38
N THR C 277 -19.39 -22.16 -23.80
CA THR C 277 -18.95 -23.34 -23.07
C THR C 277 -18.58 -23.03 -21.61
N ALA C 278 -18.33 -21.77 -21.30
CA ALA C 278 -17.99 -21.42 -19.94
C ALA C 278 -19.07 -20.55 -19.27
N VAL C 279 -20.12 -20.24 -20.01
CA VAL C 279 -21.21 -19.42 -19.51
C VAL C 279 -22.12 -20.19 -18.57
N GLY C 280 -22.62 -19.50 -17.55
CA GLY C 280 -23.53 -20.08 -16.58
C GLY C 280 -24.64 -19.04 -16.42
N ILE C 281 -25.76 -19.38 -15.82
CA ILE C 281 -26.81 -18.39 -15.69
C ILE C 281 -27.57 -18.42 -14.37
N THR C 282 -27.88 -17.24 -13.85
CA THR C 282 -28.64 -17.13 -12.61
C THR C 282 -29.95 -16.49 -13.01
N GLU C 283 -31.03 -17.26 -12.87
CA GLU C 283 -32.35 -16.79 -13.26
C GLU C 283 -33.00 -15.82 -12.26
N ASN C 284 -32.85 -16.10 -10.98
CA ASN C 284 -33.46 -15.26 -9.97
C ASN C 284 -32.45 -14.48 -9.16
N VAL C 285 -32.69 -13.18 -9.07
CA VAL C 285 -31.79 -12.30 -8.34
C VAL C 285 -32.61 -11.59 -7.27
N LYS C 286 -32.04 -11.49 -6.07
CA LYS C 286 -32.70 -10.85 -4.94
C LYS C 286 -33.00 -9.37 -5.21
N GLY C 287 -34.26 -8.98 -4.97
CA GLY C 287 -34.64 -7.59 -5.15
C GLY C 287 -35.16 -7.11 -6.49
N ASP C 288 -34.93 -7.87 -7.56
CA ASP C 288 -35.42 -7.47 -8.88
C ASP C 288 -35.77 -8.70 -9.71
N THR C 289 -37.05 -8.83 -10.03
CA THR C 289 -37.52 -9.95 -10.83
C THR C 289 -37.16 -9.74 -12.31
N LYS C 290 -36.71 -8.53 -12.65
CA LYS C 290 -36.34 -8.21 -14.02
C LYS C 290 -34.84 -8.39 -14.28
N LYS C 291 -34.08 -8.73 -13.24
CA LYS C 291 -32.65 -8.95 -13.41
C LYS C 291 -32.36 -10.44 -13.58
N PHE C 292 -31.27 -10.74 -14.26
CA PHE C 292 -30.81 -12.11 -14.44
C PHE C 292 -29.32 -11.97 -14.67
N GLU C 293 -28.55 -12.92 -14.19
CA GLU C 293 -27.11 -12.85 -14.33
C GLU C 293 -26.50 -13.84 -15.31
N ILE C 294 -25.62 -13.32 -16.17
CA ILE C 294 -24.91 -14.14 -17.13
C ILE C 294 -23.48 -14.19 -16.58
N TRP C 295 -23.09 -15.27 -15.93
CA TRP C 295 -21.72 -15.33 -15.42
C TRP C 295 -20.79 -16.15 -16.31
N TYR C 296 -19.49 -16.06 -16.02
CA TYR C 296 -18.48 -16.74 -16.83
C TYR C 296 -17.48 -17.45 -15.91
N ASN C 297 -16.84 -18.48 -16.45
CA ASN C 297 -15.84 -19.26 -15.72
C ASN C 297 -16.11 -19.45 -14.22
N ALA C 298 -16.86 -20.50 -13.89
CA ALA C 298 -17.17 -20.82 -12.50
C ALA C 298 -17.70 -19.64 -11.69
N ARG C 299 -18.19 -18.62 -12.39
CA ARG C 299 -18.76 -17.46 -11.73
C ARG C 299 -17.71 -16.48 -11.20
N GLU C 300 -16.53 -16.48 -11.80
CA GLU C 300 -15.48 -15.57 -11.37
C GLU C 300 -15.70 -14.25 -12.07
N GLU C 301 -16.70 -14.21 -12.93
CA GLU C 301 -17.02 -13.02 -13.71
C GLU C 301 -18.53 -13.03 -13.81
N VAL C 302 -19.18 -12.07 -13.17
CA VAL C 302 -20.63 -12.00 -13.18
C VAL C 302 -21.19 -10.73 -13.79
N TYR C 303 -22.13 -10.89 -14.71
CA TYR C 303 -22.78 -9.75 -15.34
C TYR C 303 -24.28 -9.75 -15.02
N ILE C 304 -24.74 -8.70 -14.38
CA ILE C 304 -26.13 -8.58 -14.01
C ILE C 304 -26.85 -7.79 -15.10
N ILE C 305 -27.81 -8.45 -15.75
CA ILE C 305 -28.52 -7.82 -16.84
C ILE C 305 -29.86 -7.27 -16.39
N GLN C 306 -30.12 -6.01 -16.73
CA GLN C 306 -31.36 -5.36 -16.35
C GLN C 306 -32.35 -5.47 -17.51
N ALA C 307 -33.21 -6.48 -17.47
CA ALA C 307 -34.20 -6.68 -18.52
C ALA C 307 -35.32 -5.66 -18.40
N PRO C 308 -35.61 -4.95 -19.49
CA PRO C 308 -36.67 -3.93 -19.45
C PRO C 308 -38.06 -4.47 -19.09
N THR C 309 -38.32 -5.73 -19.38
CA THR C 309 -39.62 -6.34 -19.05
C THR C 309 -39.47 -7.83 -18.75
N PRO C 310 -40.49 -8.44 -18.14
CA PRO C 310 -40.46 -9.86 -17.81
C PRO C 310 -40.36 -10.74 -19.06
N GLU C 311 -41.10 -10.35 -20.10
CA GLU C 311 -41.10 -11.10 -21.35
C GLU C 311 -39.70 -11.23 -21.93
N ILE C 312 -38.95 -10.11 -21.93
CA ILE C 312 -37.58 -10.11 -22.45
C ILE C 312 -36.66 -10.97 -21.58
N LYS C 313 -36.81 -10.83 -20.26
CA LYS C 313 -35.99 -11.62 -19.36
C LYS C 313 -36.22 -13.10 -19.68
N ALA C 314 -37.49 -13.47 -19.75
CA ALA C 314 -37.86 -14.86 -20.04
C ALA C 314 -37.27 -15.36 -21.34
N ALA C 315 -37.40 -14.56 -22.40
CA ALA C 315 -36.87 -14.97 -23.69
C ALA C 315 -35.39 -15.23 -23.60
N TRP C 316 -34.64 -14.32 -22.98
CA TRP C 316 -33.20 -14.49 -22.86
C TRP C 316 -32.85 -15.69 -22.00
N VAL C 317 -33.52 -15.83 -20.85
CA VAL C 317 -33.23 -16.97 -19.99
C VAL C 317 -33.46 -18.27 -20.73
N ASN C 318 -34.59 -18.35 -21.40
CA ASN C 318 -34.96 -19.54 -22.18
C ASN C 318 -33.96 -19.87 -23.25
N GLU C 319 -33.56 -18.86 -24.04
CA GLU C 319 -32.59 -19.10 -25.09
C GLU C 319 -31.24 -19.55 -24.53
N ILE C 320 -30.80 -18.95 -23.43
CA ILE C 320 -29.52 -19.32 -22.84
C ILE C 320 -29.60 -20.79 -22.42
N ARG C 321 -30.66 -21.14 -21.70
CA ARG C 321 -30.81 -22.51 -21.24
C ARG C 321 -30.90 -23.52 -22.37
N LYS C 322 -31.56 -23.17 -23.48
CA LYS C 322 -31.64 -24.12 -24.58
C LYS C 322 -30.21 -24.41 -25.03
N VAL C 323 -29.43 -23.35 -25.21
CA VAL C 323 -28.05 -23.49 -25.66
C VAL C 323 -27.21 -24.30 -24.66
N LEU C 324 -27.34 -23.98 -23.38
CA LEU C 324 -26.58 -24.71 -22.37
C LEU C 324 -27.03 -26.15 -22.35
N THR C 325 -28.31 -26.41 -22.66
CA THR C 325 -28.82 -27.78 -22.65
C THR C 325 -28.22 -28.56 -23.81
N SER C 326 -28.07 -27.93 -24.97
CA SER C 326 -27.49 -28.59 -26.14
C SER C 326 -26.04 -28.93 -25.91
N GLN C 327 -25.34 -27.97 -25.35
CA GLN C 327 -23.92 -28.11 -25.04
C GLN C 327 -23.75 -29.40 -24.28
N LEU C 328 -24.65 -29.59 -23.31
CA LEU C 328 -24.65 -30.77 -22.45
C LEU C 328 -24.74 -32.03 -23.31
N GLN C 329 -25.89 -32.18 -23.99
CA GLN C 329 -26.14 -33.34 -24.85
C GLN C 329 -25.08 -33.54 -25.93
N ALA C 330 -24.21 -32.55 -26.13
CA ALA C 330 -23.16 -32.65 -27.12
C ALA C 330 -21.80 -32.95 -26.48
N CYS C 331 -21.63 -32.54 -25.22
CA CYS C 331 -20.38 -32.78 -24.47
C CYS C 331 -20.32 -34.21 -23.94
N ARG C 332 -21.09 -35.10 -24.57
CA ARG C 332 -21.14 -36.50 -24.16
C ARG C 332 -22.11 -37.32 -25.04
N ALA D 5 -48.97 20.40 -58.26
CA ALA D 5 -49.51 20.16 -56.89
C ALA D 5 -48.39 19.90 -55.89
N ILE D 6 -48.65 20.24 -54.63
CA ILE D 6 -47.67 20.06 -53.57
C ILE D 6 -47.71 18.62 -53.09
N ARG D 7 -46.54 18.00 -52.90
CA ARG D 7 -46.44 16.63 -52.42
C ARG D 7 -45.85 16.54 -51.00
N LYS D 8 -46.58 15.88 -50.10
CA LYS D 8 -46.14 15.71 -48.72
C LYS D 8 -46.30 14.25 -48.25
N LYS D 9 -45.36 13.81 -47.41
CA LYS D 9 -45.36 12.45 -46.90
C LYS D 9 -45.80 12.35 -45.44
N LEU D 10 -46.83 11.56 -45.19
CA LEU D 10 -47.34 11.35 -43.85
C LEU D 10 -47.08 9.88 -43.44
N VAL D 11 -46.40 9.71 -42.31
CA VAL D 11 -46.13 8.37 -41.80
C VAL D 11 -46.86 8.30 -40.45
N ILE D 12 -47.75 7.33 -40.31
CA ILE D 12 -48.50 7.18 -39.06
C ILE D 12 -47.81 6.14 -38.19
N VAL D 13 -47.47 6.52 -36.96
CA VAL D 13 -46.81 5.57 -36.07
C VAL D 13 -47.59 5.27 -34.78
N GLY D 14 -47.13 4.28 -34.03
CA GLY D 14 -47.81 3.92 -32.78
C GLY D 14 -48.05 2.44 -32.62
N ASP D 15 -48.45 2.05 -31.41
CA ASP D 15 -48.73 0.65 -31.07
C ASP D 15 -49.69 -0.04 -32.04
N GLY D 16 -49.53 -1.36 -32.19
CA GLY D 16 -50.40 -2.12 -33.07
C GLY D 16 -51.72 -2.18 -32.36
N ALA D 17 -52.82 -2.39 -33.09
CA ALA D 17 -54.14 -2.45 -32.46
C ALA D 17 -54.53 -1.17 -31.71
N CYS D 18 -54.07 -0.03 -32.21
CA CYS D 18 -54.40 1.25 -31.61
C CYS D 18 -55.21 1.99 -32.67
N GLY D 19 -55.53 1.29 -33.76
CA GLY D 19 -56.34 1.87 -34.82
C GLY D 19 -55.70 2.50 -36.05
N LYS D 20 -54.36 2.51 -36.16
CA LYS D 20 -53.66 3.12 -37.30
C LYS D 20 -54.20 2.82 -38.68
N THR D 21 -54.20 1.55 -39.08
CA THR D 21 -54.69 1.19 -40.40
C THR D 21 -56.15 1.55 -40.65
N CYS D 22 -56.98 1.46 -39.61
CA CYS D 22 -58.39 1.76 -39.75
C CYS D 22 -58.61 3.24 -39.98
N LEU D 23 -57.85 4.06 -39.27
CA LEU D 23 -57.96 5.51 -39.41
C LEU D 23 -57.66 5.90 -40.85
N LEU D 24 -56.59 5.33 -41.40
CA LEU D 24 -56.20 5.61 -42.79
C LEU D 24 -57.30 5.12 -43.72
N ILE D 25 -57.86 3.96 -43.44
CA ILE D 25 -58.93 3.40 -44.27
C ILE D 25 -60.12 4.37 -44.30
N VAL D 26 -60.56 4.78 -43.12
CA VAL D 26 -61.71 5.69 -43.02
C VAL D 26 -61.47 7.02 -43.72
N PHE D 27 -60.30 7.61 -43.51
CA PHE D 27 -59.97 8.88 -44.15
C PHE D 27 -59.90 8.79 -45.66
N SER D 28 -59.09 7.87 -46.18
CA SER D 28 -58.93 7.73 -47.62
C SER D 28 -60.19 7.33 -48.37
N LYS D 29 -61.10 6.62 -47.69
CA LYS D 29 -62.33 6.19 -48.33
C LYS D 29 -63.56 6.88 -47.76
N ASP D 30 -63.38 7.64 -46.68
CA ASP D 30 -64.48 8.36 -46.05
C ASP D 30 -65.67 7.46 -45.72
N GLN D 31 -65.39 6.29 -45.16
CA GLN D 31 -66.44 5.36 -44.76
C GLN D 31 -65.85 4.20 -43.98
N PHE D 32 -66.38 4.00 -42.77
CA PHE D 32 -65.92 2.93 -41.88
C PHE D 32 -66.39 1.56 -42.34
N PRO D 33 -65.45 0.60 -42.48
CA PRO D 33 -65.82 -0.75 -42.92
C PRO D 33 -66.76 -1.33 -41.87
N GLU D 34 -67.77 -2.09 -42.29
CA GLU D 34 -68.69 -2.64 -41.31
C GLU D 34 -68.46 -4.11 -40.99
N VAL D 35 -68.37 -4.94 -42.02
CA VAL D 35 -68.15 -6.37 -41.83
C VAL D 35 -66.70 -6.69 -41.46
N TYR D 36 -65.80 -6.50 -42.43
CA TYR D 36 -64.38 -6.80 -42.26
C TYR D 36 -63.52 -5.55 -42.36
N VAL D 37 -62.64 -5.37 -41.38
CA VAL D 37 -61.72 -4.23 -41.39
C VAL D 37 -60.42 -4.69 -42.03
N PRO D 38 -60.08 -4.11 -43.18
CA PRO D 38 -58.84 -4.49 -43.87
C PRO D 38 -57.63 -4.44 -42.94
N THR D 39 -56.66 -5.31 -43.24
CA THR D 39 -55.44 -5.40 -42.46
C THR D 39 -54.33 -4.65 -43.18
N VAL D 40 -54.39 -4.73 -44.50
CA VAL D 40 -53.41 -4.10 -45.38
C VAL D 40 -53.83 -2.73 -45.93
N PHE D 41 -52.92 -1.75 -45.81
CA PHE D 41 -53.12 -0.40 -46.36
C PHE D 41 -51.79 -0.01 -47.03
N GLU D 42 -51.68 -0.28 -48.31
CA GLU D 42 -50.46 0.03 -49.03
C GLU D 42 -50.38 1.53 -49.33
N ASN D 43 -49.16 2.03 -49.45
CA ASN D 43 -48.91 3.45 -49.72
C ASN D 43 -49.94 4.03 -50.68
N TYR D 44 -50.69 5.01 -50.19
CA TYR D 44 -51.74 5.66 -50.96
C TYR D 44 -51.60 7.19 -50.92
N VAL D 45 -51.87 7.85 -52.05
CA VAL D 45 -51.80 9.30 -52.13
C VAL D 45 -53.21 9.87 -52.09
N ALA D 46 -53.50 10.68 -51.08
CA ALA D 46 -54.83 11.27 -50.95
C ALA D 46 -54.81 12.75 -51.32
N ASP D 47 -55.85 13.18 -52.03
CA ASP D 47 -55.99 14.57 -52.44
C ASP D 47 -56.75 15.31 -51.35
N ILE D 48 -56.09 16.28 -50.73
CA ILE D 48 -56.68 17.07 -49.68
C ILE D 48 -56.32 18.51 -49.96
N GLU D 49 -57.18 19.44 -49.56
CA GLU D 49 -56.90 20.86 -49.77
C GLU D 49 -57.10 21.67 -48.51
N VAL D 50 -56.05 22.37 -48.09
CA VAL D 50 -56.14 23.20 -46.89
C VAL D 50 -55.51 24.56 -47.20
N ASP D 51 -56.07 25.62 -46.61
CA ASP D 51 -55.56 26.97 -46.83
C ASP D 51 -55.52 27.25 -48.33
N GLY D 52 -56.56 26.79 -49.02
CA GLY D 52 -56.66 26.99 -50.45
C GLY D 52 -55.45 26.52 -51.23
N LYS D 53 -54.80 25.47 -50.74
CA LYS D 53 -53.63 24.93 -51.43
C LYS D 53 -53.80 23.44 -51.65
N GLN D 54 -53.74 23.03 -52.91
CA GLN D 54 -53.90 21.62 -53.27
C GLN D 54 -52.68 20.77 -52.91
N VAL D 55 -52.90 19.79 -52.05
CA VAL D 55 -51.83 18.88 -51.60
C VAL D 55 -52.09 17.41 -51.94
N GLU D 56 -51.02 16.72 -52.30
CA GLU D 56 -51.06 15.28 -52.59
C GLU D 56 -50.34 14.64 -51.41
N LEU D 57 -51.14 14.23 -50.42
CA LEU D 57 -50.64 13.63 -49.20
C LEU D 57 -50.43 12.11 -49.36
N ALA D 58 -49.17 11.70 -49.31
CA ALA D 58 -48.81 10.28 -49.41
C ALA D 58 -48.95 9.67 -48.03
N LEU D 59 -49.84 8.69 -47.90
CA LEU D 59 -50.08 8.04 -46.62
C LEU D 59 -49.33 6.71 -46.51
N TRP D 60 -48.44 6.61 -45.53
CA TRP D 60 -47.65 5.41 -45.29
C TRP D 60 -48.07 4.74 -43.99
N ASP D 61 -48.55 3.51 -44.10
CA ASP D 61 -48.98 2.77 -42.90
C ASP D 61 -47.75 2.11 -42.30
N THR D 62 -47.81 1.77 -41.02
CA THR D 62 -46.68 1.09 -40.39
C THR D 62 -47.18 -0.14 -39.65
N ALA D 63 -48.46 -0.46 -39.79
CA ALA D 63 -49.03 -1.62 -39.14
C ALA D 63 -48.26 -2.86 -39.53
N GLY D 64 -47.95 -3.68 -38.53
CA GLY D 64 -47.21 -4.90 -38.77
C GLY D 64 -45.71 -4.78 -38.52
N GLN D 65 -45.21 -3.57 -38.31
CA GLN D 65 -43.79 -3.46 -38.05
C GLN D 65 -43.38 -2.89 -36.67
N GLU D 66 -44.38 -2.69 -35.82
CA GLU D 66 -44.15 -2.20 -34.46
C GLU D 66 -43.08 -2.95 -33.65
N ASP D 67 -42.98 -4.27 -33.84
CA ASP D 67 -42.01 -5.06 -33.08
C ASP D 67 -40.62 -5.15 -33.66
N TYR D 68 -40.35 -4.47 -34.77
CA TYR D 68 -39.02 -4.56 -35.38
C TYR D 68 -38.33 -3.21 -35.44
N ASP D 69 -37.49 -2.94 -34.45
CA ASP D 69 -36.80 -1.66 -34.35
C ASP D 69 -35.82 -1.30 -35.46
N ARG D 70 -35.38 -2.28 -36.24
CA ARG D 70 -34.45 -2.02 -37.32
C ARG D 70 -35.12 -2.04 -38.70
N LEU D 71 -36.40 -2.42 -38.74
CA LEU D 71 -37.12 -2.43 -40.00
C LEU D 71 -38.02 -1.20 -40.01
N ARG D 72 -38.37 -0.78 -38.82
CA ARG D 72 -39.24 0.38 -38.63
C ARG D 72 -38.71 1.70 -39.22
N PRO D 73 -37.42 2.03 -38.98
CA PRO D 73 -36.82 3.27 -39.49
C PRO D 73 -36.77 3.38 -41.00
N LEU D 74 -36.83 2.24 -41.66
CA LEU D 74 -36.80 2.20 -43.11
C LEU D 74 -37.96 3.02 -43.71
N SER D 75 -38.96 3.35 -42.91
CA SER D 75 -40.11 4.14 -43.40
C SER D 75 -39.97 5.64 -43.19
N TYR D 76 -39.14 6.03 -42.25
CA TYR D 76 -38.98 7.43 -41.90
C TYR D 76 -38.32 8.41 -42.88
N PRO D 77 -37.46 7.94 -43.80
CA PRO D 77 -36.85 8.93 -44.70
C PRO D 77 -37.83 9.92 -45.32
N ASP D 78 -37.39 11.18 -45.37
CA ASP D 78 -38.16 12.27 -45.97
C ASP D 78 -39.62 12.39 -45.57
N THR D 79 -39.88 12.31 -44.27
CA THR D 79 -41.26 12.39 -43.79
C THR D 79 -41.57 13.86 -43.47
N ASP D 80 -42.69 14.36 -44.01
CA ASP D 80 -43.08 15.74 -43.78
C ASP D 80 -43.88 15.95 -42.50
N VAL D 81 -44.65 14.94 -42.11
CA VAL D 81 -45.42 15.01 -40.88
C VAL D 81 -45.66 13.61 -40.31
N ILE D 82 -45.67 13.49 -38.99
CA ILE D 82 -45.88 12.22 -38.34
C ILE D 82 -47.15 12.18 -37.50
N LEU D 83 -48.05 11.25 -37.82
CA LEU D 83 -49.27 11.09 -37.05
C LEU D 83 -49.00 10.04 -36.00
N MET D 84 -48.53 10.46 -34.83
CA MET D 84 -48.25 9.52 -33.74
C MET D 84 -49.52 9.29 -32.93
N CYS D 85 -49.99 8.05 -32.84
CA CYS D 85 -51.21 7.84 -32.06
C CYS D 85 -51.31 6.66 -31.10
N PHE D 86 -52.27 6.77 -30.19
CA PHE D 86 -52.56 5.74 -29.19
C PHE D 86 -54.06 5.49 -29.19
N SER D 87 -54.51 4.45 -28.50
CA SER D 87 -55.94 4.15 -28.45
C SER D 87 -56.56 4.71 -27.17
N ILE D 88 -57.67 5.44 -27.33
CA ILE D 88 -58.36 6.05 -26.18
C ILE D 88 -58.68 5.02 -25.11
N ASP D 89 -59.00 3.79 -25.54
CA ASP D 89 -59.34 2.71 -24.62
C ASP D 89 -58.15 1.84 -24.28
N SER D 90 -56.98 2.46 -24.15
CA SER D 90 -55.76 1.75 -23.82
C SER D 90 -54.72 2.69 -23.23
N PRO D 91 -54.78 2.94 -21.92
CA PRO D 91 -53.79 3.83 -21.29
C PRO D 91 -52.38 3.28 -21.48
N ASP D 92 -52.30 2.02 -21.91
CA ASP D 92 -51.02 1.38 -22.15
C ASP D 92 -50.37 1.95 -23.41
N SER D 93 -51.14 1.97 -24.49
CA SER D 93 -50.64 2.49 -25.74
C SER D 93 -50.15 3.91 -25.57
N LEU D 94 -50.81 4.66 -24.70
CA LEU D 94 -50.43 6.04 -24.44
C LEU D 94 -49.07 6.11 -23.76
N GLU D 95 -48.81 5.19 -22.84
CA GLU D 95 -47.55 5.21 -22.13
C GLU D 95 -46.38 5.03 -23.08
N ASN D 96 -46.63 4.39 -24.22
CA ASN D 96 -45.56 4.19 -25.20
C ASN D 96 -45.23 5.44 -25.97
N ILE D 97 -46.21 6.33 -26.12
CA ILE D 97 -45.98 7.57 -26.84
C ILE D 97 -44.69 8.27 -26.36
N PRO D 98 -44.52 8.43 -25.04
CA PRO D 98 -43.30 9.10 -24.57
C PRO D 98 -42.16 8.12 -24.35
N GLU D 99 -42.51 6.91 -23.92
CA GLU D 99 -41.52 5.90 -23.62
C GLU D 99 -40.84 5.28 -24.85
N LYS D 100 -41.61 5.09 -25.90
CA LYS D 100 -41.11 4.45 -27.13
C LYS D 100 -41.11 5.29 -28.40
N TRP D 101 -42.29 5.53 -28.92
CA TRP D 101 -42.44 6.27 -30.17
C TRP D 101 -41.75 7.62 -30.29
N THR D 102 -42.04 8.55 -29.38
CA THR D 102 -41.43 9.87 -29.45
C THR D 102 -39.90 9.89 -29.53
N PRO D 103 -39.22 9.20 -28.64
CA PRO D 103 -37.76 9.23 -28.72
C PRO D 103 -37.27 8.79 -30.10
N GLU D 104 -37.96 7.81 -30.68
CA GLU D 104 -37.59 7.29 -31.99
C GLU D 104 -37.91 8.24 -33.12
N VAL D 105 -39.16 8.67 -33.17
CA VAL D 105 -39.63 9.60 -34.18
C VAL D 105 -38.79 10.88 -34.18
N LYS D 106 -38.29 11.29 -33.02
CA LYS D 106 -37.47 12.49 -32.93
C LYS D 106 -36.03 12.28 -33.35
N HIS D 107 -35.57 11.03 -33.28
CA HIS D 107 -34.21 10.71 -33.66
C HIS D 107 -34.02 10.54 -35.17
N PHE D 108 -35.01 9.94 -35.83
CA PHE D 108 -34.92 9.73 -37.27
C PHE D 108 -35.58 10.84 -38.04
N CYS D 109 -36.54 11.52 -37.41
CA CYS D 109 -37.25 12.62 -38.06
C CYS D 109 -37.17 13.93 -37.28
N PRO D 110 -35.94 14.40 -36.99
CA PRO D 110 -35.78 15.66 -36.24
C PRO D 110 -36.54 16.82 -36.88
N ASN D 111 -37.12 17.65 -36.03
CA ASN D 111 -37.84 18.83 -36.46
C ASN D 111 -39.01 18.56 -37.40
N VAL D 112 -39.50 17.34 -37.40
CA VAL D 112 -40.65 16.99 -38.22
C VAL D 112 -41.85 17.08 -37.30
N PRO D 113 -42.85 17.89 -37.67
CA PRO D 113 -44.07 18.07 -36.87
C PRO D 113 -44.78 16.76 -36.52
N ILE D 114 -45.24 16.69 -35.27
CA ILE D 114 -45.93 15.50 -34.76
C ILE D 114 -47.34 15.85 -34.34
N ILE D 115 -48.31 15.06 -34.81
CA ILE D 115 -49.70 15.27 -34.41
C ILE D 115 -50.13 14.12 -33.53
N LEU D 116 -50.22 14.33 -32.22
CA LEU D 116 -50.64 13.26 -31.29
C LEU D 116 -52.11 12.96 -31.55
N VAL D 117 -52.47 11.69 -31.62
CA VAL D 117 -53.85 11.34 -31.89
C VAL D 117 -54.41 10.27 -30.97
N GLY D 118 -55.65 10.45 -30.55
CA GLY D 118 -56.31 9.47 -29.69
C GLY D 118 -57.38 8.82 -30.56
N ASN D 119 -57.18 7.56 -30.93
CA ASN D 119 -58.15 6.85 -31.77
C ASN D 119 -59.21 6.20 -30.91
N LYS D 120 -60.33 5.86 -31.54
CA LYS D 120 -61.42 5.19 -30.84
C LYS D 120 -61.97 5.99 -29.64
N LYS D 121 -62.23 7.28 -29.83
CA LYS D 121 -62.76 8.12 -28.75
C LYS D 121 -64.15 7.62 -28.34
N ASP D 122 -64.89 7.06 -29.29
CA ASP D 122 -66.22 6.54 -29.04
C ASP D 122 -66.26 5.46 -27.96
N LEU D 123 -65.12 4.80 -27.72
CA LEU D 123 -65.04 3.74 -26.72
C LEU D 123 -64.78 4.29 -25.32
N ARG D 124 -64.74 5.61 -25.19
CA ARG D 124 -64.51 6.24 -23.90
C ARG D 124 -65.75 6.12 -23.01
N ASN D 125 -66.91 6.29 -23.64
CA ASN D 125 -68.19 6.20 -22.95
C ASN D 125 -68.79 4.79 -23.04
N ASP D 126 -68.11 3.90 -23.74
CA ASP D 126 -68.57 2.52 -23.89
C ASP D 126 -68.42 1.76 -22.58
N GLU D 127 -69.52 1.27 -22.03
CA GLU D 127 -69.46 0.55 -20.77
C GLU D 127 -68.66 -0.74 -20.89
N HIS D 128 -68.82 -1.46 -22.00
CA HIS D 128 -68.09 -2.71 -22.18
C HIS D 128 -66.58 -2.55 -21.98
N THR D 129 -65.98 -1.56 -22.64
CA THR D 129 -64.53 -1.34 -22.50
C THR D 129 -64.20 -0.79 -21.11
N ARG D 130 -65.13 -0.03 -20.54
CA ARG D 130 -64.92 0.53 -19.20
C ARG D 130 -64.82 -0.63 -18.21
N ARG D 131 -65.63 -1.66 -18.44
CA ARG D 131 -65.65 -2.84 -17.60
C ARG D 131 -64.35 -3.62 -17.71
N GLU D 132 -64.03 -4.06 -18.93
CA GLU D 132 -62.81 -4.81 -19.20
C GLU D 132 -61.57 -4.12 -18.64
N LEU D 133 -61.50 -2.81 -18.80
CA LEU D 133 -60.37 -2.02 -18.30
C LEU D 133 -60.27 -2.12 -16.78
N ALA D 134 -61.42 -1.93 -16.13
CA ALA D 134 -61.50 -2.00 -14.69
C ALA D 134 -60.79 -3.24 -14.15
N LYS D 135 -61.07 -4.40 -14.75
CA LYS D 135 -60.45 -5.66 -14.35
C LYS D 135 -58.93 -5.52 -14.32
N MET D 136 -58.39 -4.79 -15.29
CA MET D 136 -56.95 -4.57 -15.38
C MET D 136 -56.53 -3.40 -14.50
N LYS D 137 -57.48 -2.88 -13.74
CA LYS D 137 -57.24 -1.74 -12.85
C LYS D 137 -56.95 -0.50 -13.67
N GLN D 138 -57.72 -0.32 -14.73
CA GLN D 138 -57.56 0.83 -15.63
C GLN D 138 -58.89 1.40 -16.08
N GLU D 139 -58.82 2.60 -16.67
CA GLU D 139 -60.01 3.28 -17.17
C GLU D 139 -59.60 4.02 -18.45
N PRO D 140 -60.57 4.30 -19.33
CA PRO D 140 -60.30 5.01 -20.59
C PRO D 140 -59.39 6.23 -20.39
N VAL D 141 -58.80 6.71 -21.48
CA VAL D 141 -57.91 7.86 -21.39
C VAL D 141 -58.74 9.12 -21.46
N LYS D 142 -58.49 10.02 -20.50
CA LYS D 142 -59.21 11.29 -20.41
C LYS D 142 -58.54 12.38 -21.24
N PRO D 143 -59.34 13.16 -21.98
CA PRO D 143 -58.84 14.25 -22.83
C PRO D 143 -57.72 15.01 -22.15
N GLU D 144 -57.91 15.34 -20.88
CA GLU D 144 -56.91 16.08 -20.12
C GLU D 144 -55.56 15.39 -20.23
N GLU D 145 -55.56 14.07 -20.17
CA GLU D 145 -54.34 13.26 -20.26
C GLU D 145 -53.70 13.37 -21.66
N GLY D 146 -54.55 13.43 -22.68
CA GLY D 146 -54.08 13.55 -24.06
C GLY D 146 -53.31 14.84 -24.27
N ARG D 147 -53.97 15.97 -24.03
CA ARG D 147 -53.35 17.29 -24.19
C ARG D 147 -52.05 17.37 -23.41
N ASP D 148 -52.03 16.83 -22.20
CA ASP D 148 -50.82 16.86 -21.39
C ASP D 148 -49.68 16.17 -22.13
N MET D 149 -49.93 14.94 -22.56
CA MET D 149 -48.92 14.17 -23.29
C MET D 149 -48.52 14.94 -24.54
N ALA D 150 -49.53 15.44 -25.27
CA ALA D 150 -49.28 16.19 -26.49
C ALA D 150 -48.29 17.31 -26.27
N ASN D 151 -48.39 18.00 -25.14
CA ASN D 151 -47.47 19.09 -24.85
C ASN D 151 -46.19 18.56 -24.25
N ARG D 152 -46.30 17.46 -23.52
CA ARG D 152 -45.14 16.84 -22.89
C ARG D 152 -44.11 16.45 -23.93
N ILE D 153 -44.59 15.88 -25.03
CA ILE D 153 -43.71 15.43 -26.11
C ILE D 153 -43.40 16.58 -27.06
N GLY D 154 -44.20 17.63 -26.98
CA GLY D 154 -43.98 18.76 -27.86
C GLY D 154 -44.67 18.65 -29.20
N ALA D 155 -45.81 17.96 -29.23
CA ALA D 155 -46.58 17.77 -30.45
C ALA D 155 -46.98 19.11 -31.07
N PHE D 156 -47.44 19.05 -32.30
CA PHE D 156 -47.88 20.23 -33.05
C PHE D 156 -49.37 20.38 -32.73
N GLY D 157 -49.86 19.46 -31.90
CA GLY D 157 -51.26 19.52 -31.52
C GLY D 157 -51.82 18.16 -31.16
N TYR D 158 -52.85 18.17 -30.30
CA TYR D 158 -53.51 16.96 -29.85
C TYR D 158 -54.82 16.86 -30.60
N MET D 159 -55.34 15.65 -30.78
CA MET D 159 -56.57 15.44 -31.51
C MET D 159 -57.18 14.06 -31.28
N GLU D 160 -58.50 14.00 -31.26
CA GLU D 160 -59.19 12.73 -31.06
C GLU D 160 -60.13 12.49 -32.22
N CYS D 161 -60.48 11.22 -32.43
CA CYS D 161 -61.39 10.85 -33.52
C CYS D 161 -61.93 9.46 -33.31
N SER D 162 -62.90 9.09 -34.14
CA SER D 162 -63.53 7.78 -34.08
C SER D 162 -63.67 7.26 -35.51
N ALA D 163 -63.10 6.08 -35.74
CA ALA D 163 -63.17 5.48 -37.06
C ALA D 163 -64.59 5.03 -37.37
N LYS D 164 -65.33 4.64 -36.34
CA LYS D 164 -66.70 4.18 -36.49
C LYS D 164 -67.63 5.30 -36.95
N THR D 165 -67.57 6.42 -36.24
CA THR D 165 -68.41 7.58 -36.54
C THR D 165 -67.75 8.58 -37.48
N LYS D 166 -66.51 8.31 -37.87
CA LYS D 166 -65.75 9.20 -38.75
C LYS D 166 -65.58 10.55 -38.10
N ASP D 167 -66.01 10.64 -36.85
CA ASP D 167 -65.93 11.86 -36.06
C ASP D 167 -64.49 12.28 -35.79
N GLY D 168 -64.06 13.38 -36.38
CA GLY D 168 -62.71 13.87 -36.16
C GLY D 168 -61.66 13.36 -37.13
N VAL D 169 -62.02 12.37 -37.96
CA VAL D 169 -61.09 11.82 -38.93
C VAL D 169 -60.56 12.92 -39.84
N ARG D 170 -61.45 13.50 -40.64
CA ARG D 170 -61.08 14.57 -41.55
C ARG D 170 -60.19 15.61 -40.84
N GLU D 171 -60.60 16.00 -39.64
CA GLU D 171 -59.87 17.00 -38.84
C GLU D 171 -58.40 16.67 -38.59
N VAL D 172 -58.12 15.39 -38.36
CA VAL D 172 -56.77 14.94 -38.09
C VAL D 172 -55.83 15.14 -39.29
N PHE D 173 -56.26 14.66 -40.45
CA PHE D 173 -55.48 14.76 -41.66
C PHE D 173 -55.40 16.15 -42.22
N GLU D 174 -56.39 16.98 -41.85
CA GLU D 174 -56.45 18.36 -42.31
C GLU D 174 -55.43 19.14 -41.49
N MET D 175 -55.37 18.85 -40.20
CA MET D 175 -54.44 19.53 -39.30
C MET D 175 -53.00 19.10 -39.56
N ALA D 176 -52.80 17.82 -39.91
CA ALA D 176 -51.47 17.27 -40.18
C ALA D 176 -50.93 17.80 -41.50
N THR D 177 -51.81 18.00 -42.47
CA THR D 177 -51.42 18.52 -43.78
C THR D 177 -50.92 19.95 -43.62
N ARG D 178 -51.57 20.68 -42.72
CA ARG D 178 -51.21 22.05 -42.44
C ARG D 178 -49.81 22.08 -41.80
N ALA D 179 -49.60 21.25 -40.79
CA ALA D 179 -48.31 21.20 -40.12
C ALA D 179 -47.19 20.82 -41.10
N ALA D 180 -47.56 20.07 -42.14
CA ALA D 180 -46.60 19.64 -43.16
C ALA D 180 -46.20 20.78 -44.08
N LEU D 181 -47.13 21.69 -44.35
CA LEU D 181 -46.87 22.84 -45.20
C LEU D 181 -45.96 23.87 -44.54
N GLN D 182 -45.80 23.77 -43.23
CA GLN D 182 -44.94 24.69 -42.49
C GLN D 182 -43.46 24.32 -42.64
N GLU E 3 16.15 -77.98 -7.36
CA GLU E 3 15.36 -77.49 -8.51
C GLU E 3 15.04 -76.02 -8.29
N GLU E 4 14.43 -75.38 -9.30
CA GLU E 4 14.09 -73.97 -9.19
C GLU E 4 12.94 -73.70 -8.23
N GLU E 5 11.87 -74.49 -8.33
CA GLU E 5 10.73 -74.32 -7.44
C GLU E 5 11.21 -74.39 -6.00
N GLU E 6 12.27 -75.18 -5.82
CA GLU E 6 12.92 -75.41 -4.53
C GLU E 6 13.47 -74.13 -3.92
N SER E 7 14.44 -73.52 -4.63
CA SER E 7 15.10 -72.30 -4.19
C SER E 7 14.19 -71.07 -4.07
N LEU E 8 13.24 -70.92 -4.99
CA LEU E 8 12.34 -69.79 -4.94
C LEU E 8 11.50 -69.82 -3.67
N ALA E 9 11.15 -71.02 -3.21
CA ALA E 9 10.36 -71.16 -2.00
C ALA E 9 11.22 -70.82 -0.79
N ILE E 10 12.54 -70.99 -0.97
CA ILE E 10 13.51 -70.68 0.08
C ILE E 10 13.61 -69.16 0.17
N LEU E 11 13.68 -68.52 -0.99
CA LEU E 11 13.76 -67.06 -1.06
C LEU E 11 12.45 -66.42 -0.58
N ARG E 12 11.33 -67.09 -0.82
CA ARG E 12 10.04 -66.57 -0.38
C ARG E 12 10.08 -66.59 1.14
N ARG E 13 10.77 -67.59 1.68
CA ARG E 13 10.93 -67.78 3.12
C ARG E 13 11.77 -66.65 3.71
N HIS E 14 12.85 -66.29 3.03
CA HIS E 14 13.72 -65.21 3.49
C HIS E 14 12.97 -63.89 3.55
N VAL E 15 12.27 -63.55 2.47
CA VAL E 15 11.52 -62.31 2.43
C VAL E 15 10.47 -62.29 3.53
N MET E 16 9.83 -63.43 3.77
CA MET E 16 8.82 -63.50 4.80
C MET E 16 9.45 -63.28 6.16
N ASN E 17 10.67 -63.77 6.33
CA ASN E 17 11.35 -63.64 7.60
C ASN E 17 11.71 -62.19 7.85
N GLU E 18 12.37 -61.56 6.89
CA GLU E 18 12.75 -60.17 7.06
C GLU E 18 11.51 -59.31 7.30
N LEU E 19 10.41 -59.66 6.63
CA LEU E 19 9.17 -58.93 6.80
C LEU E 19 8.71 -58.99 8.26
N LEU E 20 8.66 -60.19 8.81
CA LEU E 20 8.24 -60.41 10.20
C LEU E 20 9.24 -59.87 11.23
N ASP E 21 10.53 -60.01 10.96
CA ASP E 21 11.54 -59.54 11.90
C ASP E 21 11.52 -58.03 11.98
N THR E 22 11.66 -57.38 10.82
CA THR E 22 11.66 -55.93 10.78
C THR E 22 10.35 -55.37 11.36
N GLU E 23 9.25 -56.10 11.16
CA GLU E 23 7.95 -55.67 11.68
C GLU E 23 7.94 -55.66 13.20
N ARG E 24 8.46 -56.72 13.80
CA ARG E 24 8.52 -56.83 15.26
C ARG E 24 9.39 -55.73 15.82
N ALA E 25 10.53 -55.51 15.17
CA ALA E 25 11.47 -54.48 15.58
C ALA E 25 10.81 -53.10 15.44
N TYR E 26 10.08 -52.90 14.35
CA TYR E 26 9.41 -51.63 14.13
C TYR E 26 8.43 -51.38 15.28
N VAL E 27 7.67 -52.39 15.66
CA VAL E 27 6.72 -52.24 16.74
C VAL E 27 7.42 -51.99 18.08
N GLU E 28 8.53 -52.69 18.30
CA GLU E 28 9.28 -52.53 19.54
C GLU E 28 9.82 -51.11 19.64
N GLU E 29 10.53 -50.69 18.61
CA GLU E 29 11.12 -49.37 18.55
C GLU E 29 10.10 -48.25 18.79
N LEU E 30 8.91 -48.37 18.22
CA LEU E 30 7.91 -47.35 18.44
C LEU E 30 7.50 -47.31 19.91
N LEU E 31 7.16 -48.46 20.48
CA LEU E 31 6.78 -48.55 21.89
C LEU E 31 7.89 -47.97 22.76
N CYS E 32 9.11 -48.32 22.41
CA CYS E 32 10.31 -47.87 23.11
C CYS E 32 10.34 -46.34 23.26
N VAL E 33 9.94 -45.64 22.20
CA VAL E 33 9.92 -44.20 22.17
C VAL E 33 8.68 -43.61 22.83
N LEU E 34 7.54 -44.31 22.66
CA LEU E 34 6.28 -43.87 23.23
C LEU E 34 6.29 -43.92 24.75
N GLU E 35 7.17 -44.73 25.32
CA GLU E 35 7.27 -44.84 26.76
C GLU E 35 8.52 -44.16 27.30
N GLY E 36 9.64 -44.36 26.62
CA GLY E 36 10.90 -43.78 27.04
C GLY E 36 11.04 -42.28 26.83
N TYR E 37 10.14 -41.70 26.06
CA TYR E 37 10.17 -40.25 25.80
C TYR E 37 8.79 -39.62 25.97
N ALA E 38 7.83 -40.02 25.15
CA ALA E 38 6.50 -39.44 25.22
C ALA E 38 5.83 -39.56 26.58
N ALA E 39 5.84 -40.77 27.15
CA ALA E 39 5.21 -40.98 28.44
C ALA E 39 6.00 -40.31 29.54
N GLU E 40 7.32 -40.24 29.38
CA GLU E 40 8.18 -39.61 30.38
C GLU E 40 7.93 -38.11 30.51
N MET E 41 7.26 -37.52 29.52
CA MET E 41 6.96 -36.10 29.55
C MET E 41 5.91 -35.78 30.61
N ASP E 42 5.15 -36.79 31.02
CA ASP E 42 4.13 -36.62 32.03
C ASP E 42 4.54 -37.32 33.31
N ASN E 43 5.84 -37.55 33.47
CA ASN E 43 6.39 -38.19 34.66
C ASN E 43 6.92 -37.11 35.59
N PRO E 44 6.34 -37.00 36.80
CA PRO E 44 6.75 -36.00 37.78
C PRO E 44 8.26 -35.94 38.01
N LEU E 45 8.86 -37.11 38.19
CA LEU E 45 10.30 -37.22 38.41
C LEU E 45 11.15 -36.58 37.31
N MET E 46 10.51 -36.21 36.21
CA MET E 46 11.22 -35.60 35.09
C MET E 46 10.81 -34.14 34.85
N ALA E 47 9.64 -33.77 35.40
CA ALA E 47 9.09 -32.42 35.25
C ALA E 47 10.08 -31.28 35.45
N HIS E 48 11.15 -31.54 36.19
CA HIS E 48 12.16 -30.52 36.45
C HIS E 48 13.15 -30.34 35.29
N LEU E 49 13.00 -31.15 34.26
CA LEU E 49 13.85 -31.09 33.09
C LEU E 49 13.07 -30.62 31.86
N ILE E 50 11.76 -30.44 32.02
CA ILE E 50 10.92 -30.02 30.90
C ILE E 50 10.01 -28.83 31.22
N SER E 51 9.97 -27.85 30.30
CA SER E 51 9.13 -26.67 30.46
C SER E 51 7.71 -27.02 30.12
N THR E 52 6.78 -26.12 30.40
CA THR E 52 5.37 -26.36 30.11
C THR E 52 5.10 -26.25 28.62
N GLY E 53 5.84 -25.38 27.94
CA GLY E 53 5.64 -25.20 26.52
C GLY E 53 5.89 -26.48 25.74
N LEU E 54 7.06 -27.07 25.98
CA LEU E 54 7.44 -28.31 25.32
C LEU E 54 6.44 -29.42 25.60
N GLN E 55 6.00 -29.47 26.85
CA GLN E 55 5.06 -30.48 27.29
C GLN E 55 3.73 -30.45 26.51
N ASN E 56 3.34 -29.25 26.08
CA ASN E 56 2.09 -29.11 25.34
C ASN E 56 2.29 -29.49 23.88
N LYS E 57 3.50 -29.26 23.38
CA LYS E 57 3.83 -29.58 21.99
C LYS E 57 4.07 -31.08 21.80
N LYS E 58 3.74 -31.89 22.80
CA LYS E 58 3.96 -33.32 22.68
C LYS E 58 3.35 -33.91 21.42
N ASN E 59 2.15 -33.45 21.05
CA ASN E 59 1.49 -33.96 19.86
C ASN E 59 2.16 -33.55 18.56
N ILE E 60 2.78 -32.37 18.54
CA ILE E 60 3.46 -31.91 17.35
C ILE E 60 4.71 -32.77 17.18
N LEU E 61 5.41 -33.04 18.28
CA LEU E 61 6.62 -33.82 18.25
C LEU E 61 6.40 -35.28 17.85
N PHE E 62 5.37 -35.92 18.40
CA PHE E 62 5.10 -37.31 18.08
C PHE E 62 4.04 -37.59 17.02
N GLY E 63 3.27 -36.58 16.63
CA GLY E 63 2.23 -36.79 15.63
C GLY E 63 1.31 -37.91 16.11
N ASN E 64 0.89 -38.79 15.21
CA ASN E 64 0.03 -39.90 15.61
C ASN E 64 0.79 -41.22 15.71
N MET E 65 2.03 -41.16 16.23
CA MET E 65 2.82 -42.37 16.34
C MET E 65 2.07 -43.44 17.11
N GLU E 66 1.41 -43.04 18.19
CA GLU E 66 0.67 -43.99 19.00
C GLU E 66 -0.43 -44.70 18.20
N GLU E 67 -1.18 -43.94 17.42
CA GLU E 67 -2.22 -44.54 16.60
C GLU E 67 -1.58 -45.60 15.71
N ILE E 68 -0.44 -45.26 15.10
CA ILE E 68 0.28 -46.17 14.21
C ILE E 68 0.78 -47.41 14.95
N TYR E 69 1.29 -47.20 16.15
CA TYR E 69 1.78 -48.30 16.96
C TYR E 69 0.67 -49.31 17.28
N HIS E 70 -0.50 -48.82 17.66
CA HIS E 70 -1.61 -49.71 17.98
C HIS E 70 -2.03 -50.53 16.77
N PHE E 71 -2.04 -49.90 15.60
CA PHE E 71 -2.43 -50.62 14.38
C PHE E 71 -1.51 -51.80 14.13
N HIS E 72 -0.20 -51.55 14.16
CA HIS E 72 0.78 -52.61 13.91
C HIS E 72 0.88 -53.64 15.03
N ASN E 73 0.75 -53.17 16.27
CA ASN E 73 0.83 -54.04 17.44
C ASN E 73 -0.42 -54.90 17.65
N ARG E 74 -1.60 -54.31 17.44
CA ARG E 74 -2.86 -55.00 17.63
C ARG E 74 -3.37 -55.74 16.39
N ILE E 75 -3.00 -55.25 15.21
CA ILE E 75 -3.50 -55.86 13.99
C ILE E 75 -2.55 -56.39 12.92
N PHE E 76 -1.75 -55.51 12.32
CA PHE E 76 -0.88 -55.93 11.24
C PHE E 76 0.19 -56.97 11.53
N LEU E 77 0.87 -56.89 12.67
CA LEU E 77 1.90 -57.87 12.95
C LEU E 77 1.24 -59.23 13.16
N ARG E 78 0.07 -59.21 13.79
CA ARG E 78 -0.71 -60.41 14.07
C ARG E 78 -1.12 -61.11 12.77
N GLU E 79 -1.52 -60.32 11.78
CA GLU E 79 -1.93 -60.86 10.49
C GLU E 79 -0.76 -61.30 9.60
N LEU E 80 0.39 -60.67 9.76
CA LEU E 80 1.54 -61.06 8.95
C LEU E 80 2.03 -62.43 9.42
N GLU E 81 1.92 -62.68 10.72
CA GLU E 81 2.36 -63.94 11.30
C GLU E 81 1.51 -65.10 10.82
N SER E 82 0.23 -64.83 10.57
CA SER E 82 -0.68 -65.87 10.12
C SER E 82 -0.33 -66.33 8.71
N CYS E 83 0.66 -65.68 8.09
CA CYS E 83 1.10 -66.03 6.74
C CYS E 83 2.45 -66.69 6.76
N ILE E 84 2.95 -66.98 7.97
CA ILE E 84 4.25 -67.60 8.10
C ILE E 84 4.29 -68.91 7.29
N ASP E 85 3.13 -69.58 7.23
CA ASP E 85 3.00 -70.84 6.49
C ASP E 85 2.91 -70.63 4.98
N CYS E 86 2.07 -69.71 4.54
CA CYS E 86 1.92 -69.44 3.13
C CYS E 86 2.37 -68.01 2.84
N PRO E 87 3.69 -67.80 2.67
CA PRO E 87 4.29 -66.50 2.40
C PRO E 87 3.87 -65.77 1.12
N GLU E 88 3.34 -66.48 0.13
CA GLU E 88 2.91 -65.85 -1.11
C GLU E 88 1.59 -65.12 -0.86
N LEU E 89 0.90 -65.50 0.20
CA LEU E 89 -0.40 -64.91 0.54
C LEU E 89 -0.32 -63.68 1.44
N VAL E 90 0.87 -63.17 1.68
CA VAL E 90 1.01 -61.99 2.52
C VAL E 90 0.39 -60.80 1.79
N GLY E 91 0.27 -60.91 0.47
CA GLY E 91 -0.31 -59.85 -0.32
C GLY E 91 -1.72 -59.51 0.13
N ARG E 92 -2.43 -60.52 0.61
CA ARG E 92 -3.80 -60.35 1.08
C ARG E 92 -3.88 -59.55 2.37
N CYS E 93 -2.85 -59.61 3.20
CA CYS E 93 -2.86 -58.85 4.45
C CYS E 93 -2.93 -57.38 4.13
N PHE E 94 -2.04 -56.92 3.26
CA PHE E 94 -2.04 -55.52 2.91
C PHE E 94 -3.37 -55.15 2.26
N LEU E 95 -3.83 -55.97 1.33
CA LEU E 95 -5.09 -55.70 0.64
C LEU E 95 -6.26 -55.48 1.59
N GLU E 96 -6.34 -56.28 2.65
CA GLU E 96 -7.42 -56.16 3.62
C GLU E 96 -7.18 -55.08 4.68
N ARG E 97 -6.12 -54.29 4.51
CA ARG E 97 -5.81 -53.23 5.45
C ARG E 97 -5.40 -51.91 4.80
N MET E 98 -5.57 -51.82 3.48
CA MET E 98 -5.22 -50.59 2.75
C MET E 98 -5.82 -49.34 3.37
N GLU E 99 -6.97 -49.48 4.01
CA GLU E 99 -7.61 -48.32 4.61
C GLU E 99 -6.83 -47.90 5.85
N GLU E 100 -6.54 -48.87 6.73
CA GLU E 100 -5.79 -48.60 7.95
C GLU E 100 -4.47 -47.87 7.70
N PHE E 101 -3.86 -48.11 6.54
CA PHE E 101 -2.59 -47.46 6.20
C PHE E 101 -2.72 -45.97 5.93
N GLN E 102 -3.95 -45.50 5.81
CA GLN E 102 -4.19 -44.08 5.57
C GLN E 102 -3.66 -43.24 6.72
N ILE E 103 -3.52 -43.85 7.89
CA ILE E 103 -3.03 -43.10 9.04
C ILE E 103 -1.62 -42.54 8.81
N TYR E 104 -0.89 -43.10 7.84
CA TYR E 104 0.47 -42.64 7.54
C TYR E 104 0.51 -41.26 6.89
N GLU E 105 -0.59 -40.85 6.29
CA GLU E 105 -0.64 -39.54 5.64
C GLU E 105 -0.55 -38.46 6.72
N LYS E 106 -1.30 -38.65 7.79
CA LYS E 106 -1.32 -37.68 8.89
C LYS E 106 0.06 -37.55 9.53
N TYR E 107 0.75 -38.68 9.64
CA TYR E 107 2.08 -38.68 10.23
C TYR E 107 3.12 -37.96 9.39
N CYS E 108 3.10 -38.20 8.08
CA CYS E 108 4.06 -37.58 7.18
C CYS E 108 3.82 -36.09 7.06
N GLN E 109 2.55 -35.69 6.98
CA GLN E 109 2.20 -34.28 6.85
C GLN E 109 2.61 -33.46 8.05
N ASN E 110 2.61 -34.11 9.21
CA ASN E 110 2.98 -33.45 10.46
C ASN E 110 4.47 -33.54 10.72
N LYS E 111 5.16 -34.48 10.07
CA LYS E 111 6.59 -34.63 10.29
C LYS E 111 7.39 -33.35 10.16
N PRO E 112 7.14 -32.54 9.12
CA PRO E 112 7.92 -31.29 9.01
C PRO E 112 7.67 -30.35 10.19
N ARG E 113 6.48 -30.41 10.78
CA ARG E 113 6.13 -29.59 11.92
C ARG E 113 6.98 -30.09 13.11
N SER E 114 7.06 -31.41 13.24
CA SER E 114 7.83 -32.02 14.31
C SER E 114 9.31 -31.71 14.13
N GLU E 115 9.77 -31.77 12.88
CA GLU E 115 11.16 -31.49 12.55
C GLU E 115 11.56 -30.09 13.01
N SER E 116 10.70 -29.11 12.76
CA SER E 116 10.98 -27.73 13.16
C SER E 116 11.07 -27.62 14.66
N LEU E 117 10.14 -28.27 15.35
CA LEU E 117 10.10 -28.25 16.80
C LEU E 117 11.38 -28.88 17.37
N TRP E 118 11.70 -30.09 16.91
CA TRP E 118 12.90 -30.79 17.36
C TRP E 118 14.15 -29.93 17.27
N ARG E 119 14.21 -29.11 16.22
CA ARG E 119 15.35 -28.26 16.00
C ARG E 119 15.49 -27.26 17.14
N GLN E 120 14.36 -26.81 17.69
CA GLN E 120 14.37 -25.84 18.76
C GLN E 120 14.50 -26.47 20.14
N CYS E 121 14.09 -27.72 20.28
CA CYS E 121 14.11 -28.34 21.60
C CYS E 121 15.03 -29.54 21.80
N SER E 122 15.85 -29.86 20.81
CA SER E 122 16.70 -31.04 20.95
C SER E 122 17.71 -30.95 22.08
N ASP E 123 18.29 -29.77 22.25
CA ASP E 123 19.30 -29.53 23.28
C ASP E 123 18.69 -29.48 24.69
N CYS E 124 17.37 -29.62 24.76
CA CYS E 124 16.67 -29.62 26.04
C CYS E 124 17.14 -30.80 26.89
N PRO E 125 17.41 -30.56 28.18
CA PRO E 125 17.88 -31.54 29.16
C PRO E 125 17.09 -32.85 29.24
N PHE E 126 15.78 -32.75 29.06
CA PHE E 126 14.89 -33.89 29.11
C PHE E 126 15.29 -35.04 28.18
N PHE E 127 15.50 -34.73 26.91
CA PHE E 127 15.86 -35.75 25.93
C PHE E 127 17.20 -36.40 26.21
N GLN E 128 18.20 -35.60 26.55
CA GLN E 128 19.52 -36.13 26.86
C GLN E 128 19.38 -37.14 28.02
N GLU E 129 18.44 -36.89 28.92
CA GLU E 129 18.22 -37.77 30.06
C GLU E 129 17.48 -39.06 29.68
N CYS E 130 16.40 -38.93 28.89
CA CYS E 130 15.64 -40.11 28.45
C CYS E 130 16.52 -41.02 27.61
N GLN E 131 17.35 -40.42 26.77
CA GLN E 131 18.25 -41.20 25.93
C GLN E 131 19.15 -42.03 26.83
N LYS E 132 19.78 -41.38 27.82
CA LYS E 132 20.66 -42.07 28.76
C LYS E 132 19.92 -43.25 29.42
N LYS E 133 18.74 -42.99 29.95
CA LYS E 133 17.95 -44.05 30.59
C LYS E 133 17.75 -45.21 29.64
N LEU E 134 17.28 -44.92 28.44
CA LEU E 134 17.04 -45.95 27.44
C LEU E 134 18.32 -46.61 26.94
N ASP E 135 19.46 -45.95 27.13
CA ASP E 135 20.74 -46.48 26.69
C ASP E 135 20.76 -46.56 25.16
N HIS E 136 20.38 -45.47 24.50
CA HIS E 136 20.37 -45.38 23.04
C HIS E 136 21.54 -44.57 22.51
N LYS E 137 22.21 -45.09 21.50
CA LYS E 137 23.32 -44.35 20.90
C LYS E 137 22.75 -43.34 19.92
N LEU E 138 21.45 -43.45 19.66
CA LEU E 138 20.75 -42.53 18.76
C LEU E 138 19.72 -41.67 19.50
N SER E 139 19.48 -40.47 18.97
CA SER E 139 18.52 -39.54 19.56
C SER E 139 17.10 -39.74 19.04
N LEU E 140 16.14 -39.15 19.75
CA LEU E 140 14.74 -39.25 19.39
C LEU E 140 14.46 -39.01 17.91
N ASP E 141 15.29 -38.19 17.28
CA ASP E 141 15.09 -37.85 15.86
C ASP E 141 15.16 -39.06 14.94
N SER E 142 16.05 -39.99 15.26
CA SER E 142 16.22 -41.20 14.47
C SER E 142 14.97 -42.10 14.59
N TYR E 143 14.34 -42.07 15.76
CA TYR E 143 13.15 -42.87 15.98
C TYR E 143 11.91 -42.24 15.40
N LEU E 144 11.84 -40.91 15.42
CA LEU E 144 10.67 -40.20 14.90
C LEU E 144 10.51 -40.34 13.38
N LEU E 145 11.55 -40.82 12.69
CA LEU E 145 11.51 -40.98 11.24
C LEU E 145 11.07 -42.40 10.85
N LYS E 146 11.12 -43.30 11.81
CA LYS E 146 10.77 -44.69 11.56
C LYS E 146 9.44 -44.97 10.88
N PRO E 147 8.37 -44.24 11.23
CA PRO E 147 7.12 -44.57 10.53
C PRO E 147 7.25 -44.24 9.04
N VAL E 148 7.99 -43.19 8.73
CA VAL E 148 8.18 -42.79 7.33
C VAL E 148 9.10 -43.77 6.64
N GLN E 149 10.12 -44.25 7.37
CA GLN E 149 11.06 -45.20 6.78
C GLN E 149 10.38 -46.55 6.57
N ARG E 150 9.50 -46.92 7.50
CA ARG E 150 8.81 -48.21 7.41
C ARG E 150 7.81 -48.30 6.28
N ILE E 151 6.95 -47.29 6.19
CA ILE E 151 5.92 -47.27 5.15
C ILE E 151 6.59 -47.34 3.79
N THR E 152 7.81 -46.79 3.68
CA THR E 152 8.53 -46.80 2.41
C THR E 152 9.48 -47.99 2.21
N LYS E 153 9.18 -49.10 2.89
CA LYS E 153 9.97 -50.32 2.75
C LYS E 153 9.04 -51.47 2.35
N TYR E 154 7.73 -51.27 2.56
CA TYR E 154 6.75 -52.30 2.22
C TYR E 154 6.72 -52.63 0.73
N GLN E 155 6.81 -51.62 -0.15
CA GLN E 155 6.79 -51.93 -1.58
C GLN E 155 8.03 -52.74 -1.95
N LEU E 156 9.16 -52.40 -1.35
CA LEU E 156 10.39 -53.13 -1.61
C LEU E 156 10.24 -54.58 -1.24
N LEU E 157 9.64 -54.83 -0.07
CA LEU E 157 9.43 -56.19 0.41
C LEU E 157 8.39 -56.94 -0.45
N LEU E 158 7.30 -56.28 -0.80
CA LEU E 158 6.28 -56.93 -1.63
C LEU E 158 6.84 -57.18 -3.02
N LYS E 159 7.72 -56.31 -3.51
CA LYS E 159 8.30 -56.49 -4.83
C LYS E 159 9.21 -57.72 -4.81
N GLU E 160 9.88 -57.92 -3.68
CA GLU E 160 10.78 -59.03 -3.50
C GLU E 160 9.97 -60.33 -3.46
N MET E 161 8.88 -60.32 -2.71
CA MET E 161 8.01 -61.48 -2.59
C MET E 161 7.43 -61.87 -3.94
N LEU E 162 7.02 -60.85 -4.71
CA LEU E 162 6.42 -61.07 -6.02
C LEU E 162 7.41 -61.66 -7.01
N LYS E 163 8.69 -61.28 -6.86
CA LYS E 163 9.71 -61.78 -7.76
C LYS E 163 9.91 -63.28 -7.57
N TYR E 164 9.72 -63.76 -6.36
CA TYR E 164 9.89 -65.17 -6.03
C TYR E 164 8.58 -65.96 -6.03
N SER E 165 7.50 -65.34 -6.50
CA SER E 165 6.21 -66.01 -6.52
C SER E 165 5.47 -66.00 -7.86
N LYS E 166 6.21 -65.74 -8.94
CA LYS E 166 5.62 -65.67 -10.29
C LYS E 166 4.67 -66.82 -10.62
N HIS E 167 4.96 -68.00 -10.07
CA HIS E 167 4.12 -69.17 -10.33
C HIS E 167 3.35 -69.70 -9.13
N CYS E 168 3.10 -68.83 -8.16
CA CYS E 168 2.36 -69.20 -6.95
C CYS E 168 0.88 -68.81 -7.05
N GLU E 169 0.04 -69.41 -6.23
CA GLU E 169 -1.38 -69.11 -6.27
C GLU E 169 -1.70 -67.74 -5.68
N GLY E 170 -0.67 -66.92 -5.45
CA GLY E 170 -0.92 -65.60 -4.89
C GLY E 170 -0.23 -64.47 -5.64
N ALA E 171 0.43 -64.80 -6.74
CA ALA E 171 1.15 -63.80 -7.54
C ALA E 171 0.29 -62.60 -7.91
N GLU E 172 -1.01 -62.82 -8.11
CA GLU E 172 -1.88 -61.71 -8.47
C GLU E 172 -2.17 -60.81 -7.28
N ASP E 173 -2.52 -61.40 -6.15
CA ASP E 173 -2.79 -60.58 -4.96
C ASP E 173 -1.55 -59.79 -4.53
N LEU E 174 -0.37 -60.33 -4.83
CA LEU E 174 0.86 -59.65 -4.47
C LEU E 174 1.01 -58.41 -5.34
N GLN E 175 0.87 -58.59 -6.64
CA GLN E 175 0.97 -57.47 -7.58
C GLN E 175 -0.03 -56.38 -7.23
N GLU E 176 -1.22 -56.78 -6.80
CA GLU E 176 -2.24 -55.81 -6.44
C GLU E 176 -1.81 -55.06 -5.18
N ALA E 177 -1.38 -55.81 -4.17
CA ALA E 177 -0.93 -55.22 -2.92
C ALA E 177 0.22 -54.25 -3.19
N LEU E 178 1.16 -54.66 -4.02
CA LEU E 178 2.30 -53.81 -4.37
C LEU E 178 1.81 -52.50 -4.95
N SER E 179 0.85 -52.60 -5.88
CA SER E 179 0.29 -51.43 -6.51
C SER E 179 -0.46 -50.55 -5.52
N SER E 180 -1.20 -51.19 -4.62
CA SER E 180 -1.95 -50.45 -3.60
C SER E 180 -1.03 -49.65 -2.68
N ILE E 181 0.10 -50.24 -2.30
CA ILE E 181 1.02 -49.54 -1.43
C ILE E 181 1.66 -48.42 -2.22
N LEU E 182 2.11 -48.73 -3.43
CA LEU E 182 2.73 -47.70 -4.25
C LEU E 182 1.74 -46.53 -4.42
N GLY E 183 0.45 -46.86 -4.45
CA GLY E 183 -0.59 -45.85 -4.61
C GLY E 183 -0.75 -44.97 -3.39
N ILE E 184 -0.67 -45.59 -2.21
CA ILE E 184 -0.77 -44.85 -0.96
C ILE E 184 0.46 -43.95 -0.80
N LEU E 185 1.63 -44.48 -1.17
CA LEU E 185 2.87 -43.71 -1.07
C LEU E 185 2.81 -42.51 -1.99
N LYS E 186 2.26 -42.68 -3.19
CA LYS E 186 2.16 -41.57 -4.11
C LYS E 186 1.17 -40.55 -3.58
N ALA E 187 0.05 -41.04 -3.08
CA ALA E 187 -0.95 -40.14 -2.53
C ALA E 187 -0.35 -39.32 -1.39
N VAL E 188 0.30 -39.98 -0.43
CA VAL E 188 0.91 -39.27 0.69
C VAL E 188 1.93 -38.25 0.16
N ASN E 189 2.76 -38.67 -0.78
CA ASN E 189 3.76 -37.76 -1.31
C ASN E 189 3.09 -36.57 -1.98
N ASP E 190 2.00 -36.80 -2.70
CA ASP E 190 1.31 -35.69 -3.37
C ASP E 190 0.73 -34.72 -2.35
N SER E 191 0.13 -35.25 -1.29
CA SER E 191 -0.46 -34.39 -0.28
C SER E 191 0.57 -33.48 0.38
N MET E 192 1.83 -33.90 0.41
CA MET E 192 2.87 -33.09 1.01
C MET E 192 2.97 -31.77 0.25
N HIS E 193 2.97 -31.86 -1.08
CA HIS E 193 3.04 -30.68 -1.95
C HIS E 193 1.79 -29.82 -1.78
N LEU E 194 0.63 -30.47 -1.70
CA LEU E 194 -0.64 -29.78 -1.54
C LEU E 194 -0.70 -28.83 -0.34
N ILE E 195 -0.32 -29.33 0.84
CA ILE E 195 -0.36 -28.50 2.05
C ILE E 195 0.65 -27.36 2.01
N ALA E 196 1.49 -27.33 0.97
CA ALA E 196 2.49 -26.27 0.83
C ALA E 196 2.01 -25.14 -0.08
N ILE E 197 0.80 -25.28 -0.60
CA ILE E 197 0.22 -24.27 -1.47
C ILE E 197 -0.21 -23.10 -0.60
N THR E 198 0.08 -21.88 -1.05
CA THR E 198 -0.28 -20.68 -0.30
C THR E 198 -1.14 -19.75 -1.12
N GLY E 199 -1.95 -18.96 -0.42
CA GLY E 199 -2.81 -18.00 -1.09
C GLY E 199 -4.02 -18.53 -1.83
N TYR E 200 -4.51 -19.72 -1.45
CA TYR E 200 -5.67 -20.26 -2.13
C TYR E 200 -6.99 -19.69 -1.57
N ASP E 201 -7.69 -18.96 -2.42
CA ASP E 201 -8.96 -18.34 -2.08
C ASP E 201 -10.04 -19.40 -2.02
N GLY E 202 -10.18 -20.06 -0.88
CA GLY E 202 -11.20 -21.09 -0.76
C GLY E 202 -10.73 -22.39 -0.13
N ASN E 203 -11.59 -23.41 -0.18
CA ASN E 203 -11.25 -24.70 0.39
C ASN E 203 -10.77 -25.64 -0.70
N LEU E 204 -9.66 -26.31 -0.42
CA LEU E 204 -9.06 -27.25 -1.38
C LEU E 204 -9.81 -28.58 -1.37
N GLY E 205 -10.39 -28.90 -0.22
CA GLY E 205 -11.12 -30.14 -0.08
C GLY E 205 -12.21 -30.38 -1.09
N ASP E 206 -13.03 -29.36 -1.34
CA ASP E 206 -14.14 -29.49 -2.30
C ASP E 206 -13.71 -29.41 -3.77
N LEU E 207 -12.42 -29.61 -4.00
CA LEU E 207 -11.87 -29.62 -5.35
C LEU E 207 -11.81 -31.08 -5.81
N GLY E 208 -12.19 -31.98 -4.92
CA GLY E 208 -12.15 -33.39 -5.24
C GLY E 208 -10.79 -33.96 -4.84
N LYS E 209 -10.55 -35.21 -5.20
CA LYS E 209 -9.28 -35.86 -4.89
C LYS E 209 -8.11 -35.29 -5.69
N LEU E 210 -6.95 -35.22 -5.05
CA LEU E 210 -5.74 -34.74 -5.70
C LEU E 210 -5.20 -35.94 -6.50
N LEU E 211 -5.12 -35.81 -7.81
CA LEU E 211 -4.67 -36.91 -8.68
C LEU E 211 -3.21 -36.86 -9.13
N MET E 212 -2.71 -35.68 -9.42
CA MET E 212 -1.32 -35.52 -9.85
C MET E 212 -0.81 -34.15 -9.45
N GLN E 213 0.51 -34.03 -9.37
CA GLN E 213 1.15 -32.78 -9.05
C GLN E 213 2.56 -32.85 -9.62
N GLY E 214 3.07 -31.73 -10.08
CA GLY E 214 4.41 -31.71 -10.63
C GLY E 214 4.79 -30.36 -11.20
N SER E 215 6.10 -30.14 -11.35
CA SER E 215 6.62 -28.89 -11.92
C SER E 215 6.85 -29.07 -13.42
N PHE E 216 6.41 -28.11 -14.22
CA PHE E 216 6.62 -28.18 -15.65
C PHE E 216 6.95 -26.81 -16.23
N SER E 217 7.50 -26.81 -17.44
CA SER E 217 7.75 -25.58 -18.15
C SER E 217 6.43 -25.42 -18.88
N VAL E 218 5.80 -24.25 -18.79
CA VAL E 218 4.54 -24.07 -19.47
C VAL E 218 4.52 -22.91 -20.45
N TRP E 219 4.03 -23.20 -21.65
CA TRP E 219 3.88 -22.20 -22.71
C TRP E 219 2.39 -21.94 -22.89
N THR E 220 2.05 -20.75 -23.35
CA THR E 220 0.65 -20.44 -23.58
C THR E 220 0.49 -20.19 -25.07
N ASP E 221 -0.74 -20.26 -25.53
CA ASP E 221 -1.06 -20.05 -26.93
C ASP E 221 -2.54 -19.73 -27.00
N HIS E 222 -2.94 -18.77 -26.15
CA HIS E 222 -4.31 -18.31 -26.04
C HIS E 222 -4.79 -17.66 -27.34
N LYS E 223 -6.08 -17.34 -27.41
CA LYS E 223 -6.65 -16.72 -28.62
C LYS E 223 -6.46 -15.20 -28.64
N LYS E 224 -7.11 -14.51 -27.71
CA LYS E 224 -7.02 -13.06 -27.63
C LYS E 224 -7.35 -12.54 -26.23
N GLY E 225 -7.00 -11.27 -26.00
CA GLY E 225 -7.24 -10.65 -24.70
C GLY E 225 -8.59 -10.96 -24.10
N LEU E 232 1.17 -13.37 -22.71
CA LEU E 232 2.49 -13.74 -22.06
C LEU E 232 2.77 -15.24 -21.74
N ALA E 233 3.95 -15.67 -22.18
CA ALA E 233 4.52 -17.03 -22.01
C ALA E 233 4.41 -17.74 -23.36
N ARG E 234 4.46 -16.94 -24.43
CA ARG E 234 4.37 -17.44 -25.81
C ARG E 234 5.71 -17.96 -26.38
N PHE E 235 6.82 -17.47 -25.84
CA PHE E 235 8.13 -17.93 -26.32
C PHE E 235 9.05 -18.40 -25.19
N LYS E 236 9.05 -17.65 -24.09
CA LYS E 236 9.84 -17.98 -22.92
C LYS E 236 8.80 -18.66 -22.03
N PRO E 237 8.95 -19.98 -21.77
CA PRO E 237 7.98 -20.69 -20.94
C PRO E 237 8.03 -20.24 -19.50
N MET E 238 6.93 -20.43 -18.79
CA MET E 238 6.88 -20.05 -17.39
C MET E 238 6.99 -21.36 -16.59
N GLN E 239 7.50 -21.26 -15.36
CA GLN E 239 7.62 -22.46 -14.54
C GLN E 239 6.50 -22.54 -13.54
N ARG E 240 5.60 -23.50 -13.76
CA ARG E 240 4.47 -23.67 -12.85
C ARG E 240 4.45 -25.07 -12.26
N HIS E 241 3.84 -25.19 -11.08
CA HIS E 241 3.70 -26.49 -10.46
C HIS E 241 2.20 -26.77 -10.58
N LEU E 242 1.84 -27.87 -11.22
CA LEU E 242 0.42 -28.18 -11.41
C LEU E 242 -0.13 -29.18 -10.42
N PHE E 243 -1.42 -29.04 -10.13
CA PHE E 243 -2.11 -29.97 -9.24
C PHE E 243 -3.37 -30.39 -9.98
N LEU E 244 -3.41 -31.64 -10.43
CA LEU E 244 -4.58 -32.16 -11.14
C LEU E 244 -5.56 -32.66 -10.10
N HIS E 245 -6.74 -32.04 -10.07
CA HIS E 245 -7.80 -32.44 -9.16
C HIS E 245 -8.99 -32.93 -9.98
N GLU E 246 -9.92 -33.62 -9.33
CA GLU E 246 -11.08 -34.10 -10.06
C GLU E 246 -11.87 -32.94 -10.63
N LYS E 247 -12.00 -31.87 -9.85
CA LYS E 247 -12.74 -30.69 -10.27
C LYS E 247 -11.94 -29.68 -11.11
N ALA E 248 -10.65 -29.51 -10.82
CA ALA E 248 -9.85 -28.55 -11.57
C ALA E 248 -8.35 -28.80 -11.58
N VAL E 249 -7.66 -28.02 -12.42
CA VAL E 249 -6.21 -28.09 -12.51
C VAL E 249 -5.71 -26.76 -11.96
N LEU E 250 -4.88 -26.80 -10.91
CA LEU E 250 -4.37 -25.57 -10.32
C LEU E 250 -2.98 -25.26 -10.85
N PHE E 251 -2.73 -23.97 -11.11
CA PHE E 251 -1.42 -23.54 -11.57
C PHE E 251 -0.81 -22.74 -10.44
N CYS E 252 0.37 -23.15 -10.00
CA CYS E 252 1.07 -22.47 -8.91
C CYS E 252 2.48 -22.09 -9.31
N LYS E 253 2.99 -21.05 -8.66
CA LYS E 253 4.35 -20.62 -8.93
C LYS E 253 5.19 -21.00 -7.71
N LYS E 254 6.23 -21.77 -7.97
CA LYS E 254 7.15 -22.21 -6.93
C LYS E 254 7.73 -20.97 -6.25
N ARG E 255 7.56 -20.90 -4.93
CA ARG E 255 8.08 -19.78 -4.14
C ARG E 255 9.18 -20.34 -3.27
N GLU E 256 10.41 -19.85 -3.47
CA GLU E 256 11.54 -20.34 -2.70
C GLU E 256 11.51 -19.88 -1.23
N GLU E 257 11.61 -20.85 -0.32
CA GLU E 257 11.60 -20.56 1.11
C GLU E 257 12.99 -20.85 1.67
N ASN E 258 13.38 -20.14 2.72
CA ASN E 258 14.68 -20.38 3.31
C ASN E 258 14.53 -20.78 4.76
N GLY E 259 15.48 -21.58 5.24
CA GLY E 259 15.42 -22.05 6.61
C GLY E 259 16.50 -23.09 6.83
N GLU E 260 16.29 -23.96 7.80
CA GLU E 260 17.28 -24.97 8.12
C GLU E 260 17.19 -26.31 7.39
N GLY E 261 16.04 -26.97 7.42
CA GLY E 261 15.94 -28.26 6.74
C GLY E 261 14.79 -28.35 5.76
N TYR E 262 13.68 -28.96 6.18
CA TYR E 262 12.53 -29.08 5.32
C TYR E 262 11.96 -27.69 5.07
N GLU E 263 12.42 -26.72 5.86
CA GLU E 263 11.97 -25.34 5.69
C GLU E 263 12.50 -24.83 4.36
N LYS E 264 13.55 -25.47 3.85
CA LYS E 264 14.15 -25.11 2.57
C LYS E 264 13.21 -25.52 1.43
N ALA E 265 12.33 -26.49 1.68
CA ALA E 265 11.39 -26.93 0.65
C ALA E 265 10.51 -25.73 0.30
N PRO E 266 10.34 -25.48 -1.01
CA PRO E 266 9.53 -24.36 -1.48
C PRO E 266 8.05 -24.47 -1.17
N SER E 267 7.35 -23.35 -1.31
CA SER E 267 5.91 -23.33 -1.11
C SER E 267 5.35 -23.04 -2.50
N TYR E 268 4.05 -23.14 -2.66
CA TYR E 268 3.47 -22.90 -3.98
C TYR E 268 2.43 -21.78 -3.93
N SER E 269 2.73 -20.69 -4.62
CA SER E 269 1.82 -19.55 -4.67
C SER E 269 0.75 -19.81 -5.70
N TYR E 270 -0.48 -19.90 -5.24
CA TYR E 270 -1.60 -20.15 -6.14
C TYR E 270 -1.70 -19.04 -7.19
N LYS E 271 -1.79 -19.42 -8.46
CA LYS E 271 -1.93 -18.43 -9.53
C LYS E 271 -3.33 -18.57 -10.13
N GLN E 272 -3.51 -19.48 -11.09
CA GLN E 272 -4.82 -19.66 -11.69
C GLN E 272 -5.40 -21.04 -11.47
N SER E 273 -6.59 -21.27 -12.01
CA SER E 273 -7.27 -22.55 -11.85
C SER E 273 -8.24 -22.84 -13.00
N LEU E 274 -8.04 -23.96 -13.68
CA LEU E 274 -8.92 -24.34 -14.80
C LEU E 274 -9.96 -25.35 -14.33
N ASN E 275 -11.24 -25.02 -14.45
CA ASN E 275 -12.31 -25.93 -14.05
C ASN E 275 -12.34 -27.07 -15.08
N MET E 276 -12.30 -28.31 -14.60
CA MET E 276 -12.29 -29.47 -15.49
C MET E 276 -13.44 -29.56 -16.48
N THR E 277 -14.63 -29.07 -16.11
CA THR E 277 -15.79 -29.12 -17.01
C THR E 277 -15.56 -28.40 -18.32
N ALA E 278 -14.57 -27.50 -18.34
CA ALA E 278 -14.28 -26.76 -19.57
C ALA E 278 -12.90 -27.12 -20.17
N VAL E 279 -12.20 -28.03 -19.50
CA VAL E 279 -10.87 -28.48 -19.94
C VAL E 279 -10.96 -29.45 -21.10
N GLY E 280 -9.99 -29.34 -22.01
CA GLY E 280 -9.89 -30.23 -23.15
C GLY E 280 -8.43 -30.62 -23.23
N ILE E 281 -8.08 -31.64 -23.99
CA ILE E 281 -6.67 -32.03 -24.03
C ILE E 281 -6.17 -32.45 -25.39
N THR E 282 -4.94 -32.06 -25.70
CA THR E 282 -4.30 -32.43 -26.96
C THR E 282 -3.14 -33.32 -26.59
N GLU E 283 -3.23 -34.58 -26.97
CA GLU E 283 -2.20 -35.56 -26.65
C GLU E 283 -0.93 -35.47 -27.49
N ASN E 284 -1.09 -35.23 -28.78
CA ASN E 284 0.06 -35.15 -29.66
C ASN E 284 0.30 -33.75 -30.18
N VAL E 285 1.55 -33.31 -30.04
CA VAL E 285 1.94 -31.99 -30.49
C VAL E 285 3.08 -32.15 -31.47
N LYS E 286 3.01 -31.39 -32.56
CA LYS E 286 4.02 -31.42 -33.60
C LYS E 286 5.40 -31.02 -33.08
N GLY E 287 6.41 -31.85 -33.37
CA GLY E 287 7.77 -31.53 -32.95
C GLY E 287 8.29 -32.01 -31.60
N ASP E 288 7.39 -32.38 -30.69
CA ASP E 288 7.82 -32.83 -29.37
C ASP E 288 6.86 -33.88 -28.82
N THR E 289 7.36 -35.10 -28.68
CA THR E 289 6.54 -36.19 -28.16
C THR E 289 6.35 -36.07 -26.65
N LYS E 290 7.11 -35.17 -26.03
CA LYS E 290 7.03 -34.95 -24.59
C LYS E 290 6.09 -33.80 -24.22
N LYS E 291 5.55 -33.13 -25.23
CA LYS E 291 4.60 -32.04 -24.98
C LYS E 291 3.16 -32.54 -25.10
N PHE E 292 2.27 -31.88 -24.36
CA PHE E 292 0.85 -32.19 -24.41
C PHE E 292 0.19 -30.90 -23.99
N GLU E 293 -0.97 -30.60 -24.56
CA GLU E 293 -1.67 -29.35 -24.27
C GLU E 293 -2.91 -29.51 -23.44
N ILE E 294 -3.03 -28.67 -22.44
CA ILE E 294 -4.20 -28.65 -21.58
C ILE E 294 -4.90 -27.34 -21.96
N TRP E 295 -5.95 -27.40 -22.78
CA TRP E 295 -6.63 -26.17 -23.15
C TRP E 295 -7.92 -25.92 -22.35
N TYR E 296 -8.45 -24.72 -22.48
CA TYR E 296 -9.64 -24.33 -21.74
C TYR E 296 -10.64 -23.65 -22.67
N ASN E 297 -11.92 -23.71 -22.29
CA ASN E 297 -13.01 -23.11 -23.07
C ASN E 297 -12.86 -23.16 -24.58
N ALA E 298 -13.33 -24.24 -25.17
CA ALA E 298 -13.29 -24.38 -26.62
C ALA E 298 -11.92 -24.10 -27.23
N ARG E 299 -10.88 -24.17 -26.41
CA ARG E 299 -9.52 -23.98 -26.88
C ARG E 299 -9.16 -22.51 -27.09
N GLU E 300 -9.83 -21.62 -26.39
CA GLU E 300 -9.54 -20.19 -26.53
C GLU E 300 -8.39 -19.86 -25.60
N GLU E 301 -7.95 -20.86 -24.85
CA GLU E 301 -6.86 -20.71 -23.91
C GLU E 301 -6.11 -22.02 -23.95
N VAL E 302 -4.89 -21.99 -24.47
CA VAL E 302 -4.09 -23.19 -24.59
C VAL E 302 -2.79 -23.18 -23.79
N TYR E 303 -2.56 -24.23 -23.03
CA TYR E 303 -1.33 -24.36 -22.26
C TYR E 303 -0.54 -25.57 -22.74
N ILE E 304 0.68 -25.32 -23.21
CA ILE E 304 1.55 -26.39 -23.67
C ILE E 304 2.44 -26.82 -22.52
N ILE E 305 2.28 -28.07 -22.10
CA ILE E 305 3.06 -28.58 -20.99
C ILE E 305 4.26 -29.38 -21.48
N GLN E 306 5.43 -29.07 -20.92
CA GLN E 306 6.67 -29.75 -21.28
C GLN E 306 6.94 -30.84 -20.26
N ALA E 307 6.53 -32.06 -20.59
CA ALA E 307 6.73 -33.20 -19.70
C ALA E 307 8.18 -33.63 -19.73
N PRO E 308 8.81 -33.76 -18.55
CA PRO E 308 10.22 -34.16 -18.50
C PRO E 308 10.51 -35.54 -19.09
N THR E 309 9.53 -36.44 -19.07
CA THR E 309 9.72 -37.77 -19.64
C THR E 309 8.41 -38.31 -20.22
N PRO E 310 8.50 -39.38 -21.02
CA PRO E 310 7.30 -39.97 -21.63
C PRO E 310 6.36 -40.55 -20.58
N GLU E 311 6.93 -41.19 -19.56
CA GLU E 311 6.15 -41.79 -18.49
C GLU E 311 5.25 -40.74 -17.82
N ILE E 312 5.81 -39.57 -17.52
CA ILE E 312 5.07 -38.50 -16.88
C ILE E 312 3.98 -37.97 -17.81
N LYS E 313 4.33 -37.77 -19.08
CA LYS E 313 3.34 -37.28 -20.02
C LYS E 313 2.16 -38.25 -20.03
N ALA E 314 2.47 -39.54 -20.14
CA ALA E 314 1.45 -40.58 -20.19
C ALA E 314 0.57 -40.55 -18.95
N ALA E 315 1.19 -40.48 -17.78
CA ALA E 315 0.42 -40.48 -16.55
C ALA E 315 -0.56 -39.33 -16.54
N TRP E 316 -0.09 -38.13 -16.87
CA TRP E 316 -0.97 -36.96 -16.90
C TRP E 316 -2.07 -37.09 -17.94
N VAL E 317 -1.71 -37.49 -19.15
CA VAL E 317 -2.70 -37.63 -20.20
C VAL E 317 -3.78 -38.61 -19.75
N ASN E 318 -3.34 -39.74 -19.21
CA ASN E 318 -4.26 -40.77 -18.73
C ASN E 318 -5.20 -40.27 -17.64
N GLU E 319 -4.64 -39.59 -16.63
CA GLU E 319 -5.47 -39.06 -15.56
C GLU E 319 -6.47 -38.04 -16.05
N ILE E 320 -6.04 -37.16 -16.97
CA ILE E 320 -6.94 -36.14 -17.50
C ILE E 320 -8.10 -36.85 -18.21
N ARG E 321 -7.77 -37.79 -19.07
CA ARG E 321 -8.80 -38.53 -19.79
C ARG E 321 -9.75 -39.31 -18.90
N LYS E 322 -9.26 -39.92 -17.83
CA LYS E 322 -10.17 -40.64 -16.94
C LYS E 322 -11.19 -39.65 -16.40
N VAL E 323 -10.71 -38.50 -15.93
CA VAL E 323 -11.59 -37.46 -15.39
C VAL E 323 -12.57 -36.97 -16.44
N LEU E 324 -12.08 -36.69 -17.65
CA LEU E 324 -12.93 -36.21 -18.72
C LEU E 324 -13.97 -37.27 -19.08
N THR E 325 -13.58 -38.54 -18.94
CA THR E 325 -14.49 -39.64 -19.25
C THR E 325 -15.61 -39.73 -18.21
N SER E 326 -15.28 -39.50 -16.94
CA SER E 326 -16.28 -39.55 -15.88
C SER E 326 -17.28 -38.42 -16.04
N GLN E 327 -16.74 -37.24 -16.31
CA GLN E 327 -17.54 -36.05 -16.52
C GLN E 327 -18.63 -36.38 -17.50
N LEU E 328 -18.23 -37.07 -18.56
CA LEU E 328 -19.13 -37.49 -19.63
C LEU E 328 -20.24 -38.35 -19.02
N GLN E 329 -19.86 -39.52 -18.52
CA GLN E 329 -20.83 -40.44 -17.92
C GLN E 329 -21.68 -39.83 -16.80
N ALA E 330 -21.31 -38.65 -16.34
CA ALA E 330 -22.07 -37.98 -15.28
C ALA E 330 -22.95 -36.86 -15.84
N CYS E 331 -22.52 -36.26 -16.96
CA CYS E 331 -23.26 -35.18 -17.61
C CYS E 331 -24.45 -35.71 -18.40
N ARG E 332 -24.92 -36.90 -18.02
CA ARG E 332 -26.07 -37.53 -18.67
C ARG E 332 -26.34 -38.92 -18.08
N ALA F 5 32.79 -40.12 22.88
CA ALA F 5 33.00 -40.43 21.43
C ALA F 5 32.33 -39.39 20.53
N ILE F 6 32.89 -39.21 19.34
CA ILE F 6 32.36 -38.26 18.35
C ILE F 6 31.21 -38.91 17.60
N ARG F 7 30.11 -38.18 17.43
CA ARG F 7 28.93 -38.67 16.71
C ARG F 7 28.72 -37.96 15.38
N LYS F 8 28.62 -38.73 14.31
CA LYS F 8 28.41 -38.16 12.97
C LYS F 8 27.30 -38.91 12.22
N LYS F 9 26.53 -38.16 11.43
CA LYS F 9 25.41 -38.71 10.67
C LYS F 9 25.71 -38.86 9.18
N LEU F 10 25.58 -40.09 8.69
CA LEU F 10 25.80 -40.36 7.27
C LEU F 10 24.46 -40.77 6.62
N VAL F 11 24.10 -40.07 5.57
CA VAL F 11 22.88 -40.37 4.81
C VAL F 11 23.34 -40.78 3.41
N ILE F 12 22.99 -41.99 3.00
CA ILE F 12 23.36 -42.48 1.68
C ILE F 12 22.22 -42.23 0.69
N VAL F 13 22.50 -41.51 -0.39
CA VAL F 13 21.46 -41.24 -1.37
C VAL F 13 21.75 -41.82 -2.77
N GLY F 14 20.76 -41.74 -3.66
CA GLY F 14 20.92 -42.26 -5.01
C GLY F 14 19.78 -43.15 -5.47
N ASP F 15 19.79 -43.48 -6.76
CA ASP F 15 18.76 -44.33 -7.37
C ASP F 15 18.56 -45.66 -6.66
N GLY F 16 17.34 -46.18 -6.73
CA GLY F 16 17.06 -47.46 -6.11
C GLY F 16 17.74 -48.51 -6.97
N ALA F 17 18.04 -49.67 -6.41
CA ALA F 17 18.70 -50.73 -7.17
C ALA F 17 20.07 -50.31 -7.70
N CYS F 18 20.74 -49.43 -6.95
CA CYS F 18 22.08 -48.99 -7.33
C CYS F 18 23.02 -49.52 -6.24
N GLY F 19 22.47 -50.34 -5.35
CA GLY F 19 23.26 -50.95 -4.29
C GLY F 19 23.33 -50.34 -2.89
N LYS F 20 22.67 -49.19 -2.68
CA LYS F 20 22.70 -48.51 -1.38
C LYS F 20 22.58 -49.41 -0.14
N THR F 21 21.44 -50.07 0.02
CA THR F 21 21.22 -50.92 1.19
C THR F 21 22.25 -52.03 1.34
N CYS F 22 22.69 -52.59 0.22
CA CYS F 22 23.65 -53.68 0.27
C CYS F 22 25.01 -53.20 0.76
N LEU F 23 25.41 -52.02 0.30
CA LEU F 23 26.68 -51.45 0.71
C LEU F 23 26.70 -51.27 2.22
N LEU F 24 25.60 -50.73 2.77
CA LEU F 24 25.50 -50.52 4.21
C LEU F 24 25.52 -51.87 4.92
N ILE F 25 24.85 -52.87 4.35
CA ILE F 25 24.82 -54.21 4.93
C ILE F 25 26.24 -54.76 5.04
N VAL F 26 26.96 -54.74 3.91
CA VAL F 26 28.32 -55.25 3.87
C VAL F 26 29.25 -54.52 4.83
N PHE F 27 29.19 -53.20 4.85
CA PHE F 27 30.04 -52.42 5.75
C PHE F 27 29.76 -52.69 7.23
N SER F 28 28.51 -52.52 7.64
CA SER F 28 28.16 -52.72 9.04
C SER F 28 28.38 -54.14 9.55
N LYS F 29 28.30 -55.13 8.67
CA LYS F 29 28.49 -56.51 9.07
C LYS F 29 29.76 -57.13 8.52
N ASP F 30 30.42 -56.41 7.62
CA ASP F 30 31.67 -56.88 7.01
C ASP F 30 31.56 -58.27 6.40
N GLN F 31 30.48 -58.49 5.65
CA GLN F 31 30.24 -59.77 4.98
C GLN F 31 29.04 -59.68 4.06
N PHE F 32 29.26 -60.00 2.79
CA PHE F 32 28.23 -59.96 1.78
C PHE F 32 27.23 -61.11 1.91
N PRO F 33 25.92 -60.80 1.97
CA PRO F 33 24.90 -61.85 2.10
C PRO F 33 24.99 -62.73 0.87
N GLU F 34 24.80 -64.03 1.03
CA GLU F 34 24.91 -64.91 -0.13
C GLU F 34 23.57 -65.35 -0.70
N VAL F 35 22.70 -65.88 0.17
CA VAL F 35 21.38 -66.35 -0.26
C VAL F 35 20.41 -65.20 -0.53
N TYR F 36 20.02 -64.52 0.54
CA TYR F 36 19.07 -63.41 0.47
C TYR F 36 19.70 -62.08 0.89
N VAL F 37 19.52 -61.06 0.07
CA VAL F 37 20.04 -59.74 0.39
C VAL F 37 18.91 -58.95 1.06
N PRO F 38 19.10 -58.58 2.34
CA PRO F 38 18.09 -57.83 3.06
C PRO F 38 17.61 -56.60 2.30
N THR F 39 16.35 -56.25 2.51
CA THR F 39 15.74 -55.11 1.87
C THR F 39 15.77 -53.93 2.85
N VAL F 40 15.57 -54.25 4.12
CA VAL F 40 15.51 -53.28 5.20
C VAL F 40 16.84 -53.09 5.93
N PHE F 41 17.20 -51.82 6.12
CA PHE F 41 18.40 -51.44 6.87
C PHE F 41 18.00 -50.24 7.73
N GLU F 42 17.55 -50.50 8.94
CA GLU F 42 17.13 -49.44 9.84
C GLU F 42 18.33 -48.71 10.42
N ASN F 43 18.15 -47.44 10.75
CA ASN F 43 19.21 -46.61 11.33
C ASN F 43 20.10 -47.40 12.27
N TYR F 44 21.38 -47.47 11.91
CA TYR F 44 22.39 -48.20 12.67
C TYR F 44 23.64 -47.34 12.93
N VAL F 45 24.19 -47.45 14.14
CA VAL F 45 25.40 -46.72 14.48
C VAL F 45 26.61 -47.65 14.41
N ALA F 46 27.56 -47.33 13.54
CA ALA F 46 28.75 -48.15 13.38
C ALA F 46 29.97 -47.49 14.02
N ASP F 47 30.78 -48.30 14.69
CA ASP F 47 31.98 -47.82 15.33
C ASP F 47 33.13 -47.92 14.34
N ILE F 48 33.67 -46.76 13.98
CA ILE F 48 34.77 -46.69 13.05
C ILE F 48 35.81 -45.74 13.64
N GLU F 49 37.09 -45.96 13.33
CA GLU F 49 38.13 -45.09 13.83
C GLU F 49 39.07 -44.63 12.72
N VAL F 50 39.20 -43.32 12.57
CA VAL F 50 40.08 -42.77 11.55
C VAL F 50 40.88 -41.65 12.17
N ASP F 51 42.14 -41.51 11.74
CA ASP F 51 43.02 -40.46 12.25
C ASP F 51 43.06 -40.57 13.76
N GLY F 52 43.12 -41.81 14.23
CA GLY F 52 43.17 -42.08 15.66
C GLY F 52 42.07 -41.41 16.47
N LYS F 53 40.90 -41.25 15.87
CA LYS F 53 39.77 -40.62 16.57
C LYS F 53 38.56 -41.52 16.49
N GLN F 54 38.04 -41.92 17.65
CA GLN F 54 36.87 -42.80 17.71
C GLN F 54 35.57 -42.08 17.32
N VAL F 55 34.93 -42.59 16.27
CA VAL F 55 33.68 -42.02 15.78
C VAL F 55 32.51 -43.02 15.80
N GLU F 56 31.33 -42.50 16.13
CA GLU F 56 30.10 -43.29 16.14
C GLU F 56 29.31 -42.78 14.94
N LEU F 57 29.48 -43.47 13.82
CA LEU F 57 28.84 -43.11 12.57
C LEU F 57 27.43 -43.67 12.44
N ALA F 58 26.44 -42.78 12.46
CA ALA F 58 25.03 -43.16 12.33
C ALA F 58 24.73 -43.33 10.83
N LEU F 59 24.35 -44.54 10.46
CA LEU F 59 24.05 -44.83 9.05
C LEU F 59 22.55 -44.82 8.78
N TRP F 60 22.12 -43.91 7.90
CA TRP F 60 20.71 -43.77 7.53
C TRP F 60 20.49 -44.21 6.08
N ASP F 61 19.70 -45.26 5.90
CA ASP F 61 19.43 -45.74 4.55
C ASP F 61 18.28 -44.90 3.96
N THR F 62 18.17 -44.85 2.64
CA THR F 62 17.09 -44.10 2.02
C THR F 62 16.36 -44.97 1.00
N ALA F 63 16.72 -46.25 0.96
CA ALA F 63 16.10 -47.19 0.04
C ALA F 63 14.60 -47.20 0.25
N GLY F 64 13.86 -47.12 -0.85
CA GLY F 64 12.42 -47.13 -0.76
C GLY F 64 11.77 -45.76 -0.83
N GLN F 65 12.57 -44.70 -0.79
CA GLN F 65 11.96 -43.37 -0.85
C GLN F 65 12.41 -42.50 -2.02
N GLU F 66 13.16 -43.09 -2.93
CA GLU F 66 13.65 -42.40 -4.12
C GLU F 66 12.55 -41.70 -4.96
N ASP F 67 11.35 -42.27 -5.00
CA ASP F 67 10.27 -41.70 -5.79
C ASP F 67 9.40 -40.66 -5.10
N TYR F 68 9.74 -40.30 -3.87
CA TYR F 68 8.94 -39.32 -3.14
C TYR F 68 9.75 -38.10 -2.73
N ASP F 69 9.67 -37.07 -3.56
CA ASP F 69 10.42 -35.84 -3.34
C ASP F 69 10.09 -35.05 -2.08
N ARG F 70 8.92 -35.29 -1.48
CA ARG F 70 8.54 -34.57 -0.28
C ARG F 70 8.73 -35.40 0.98
N LEU F 71 9.04 -36.68 0.84
CA LEU F 71 9.28 -37.54 1.99
C LEU F 71 10.78 -37.72 2.13
N ARG F 72 11.47 -37.59 1.01
CA ARG F 72 12.91 -37.74 0.95
C ARG F 72 13.71 -36.76 1.82
N PRO F 73 13.37 -35.45 1.80
CA PRO F 73 14.07 -34.43 2.59
C PRO F 73 13.98 -34.64 4.09
N LEU F 74 12.96 -35.36 4.51
CA LEU F 74 12.74 -35.64 5.93
C LEU F 74 13.95 -36.34 6.56
N SER F 75 14.85 -36.87 5.73
CA SER F 75 16.03 -37.57 6.25
C SER F 75 17.29 -36.69 6.33
N TYR F 76 17.30 -35.61 5.56
CA TYR F 76 18.45 -34.72 5.51
C TYR F 76 18.84 -33.86 6.70
N PRO F 77 17.91 -33.56 7.64
CA PRO F 77 18.35 -32.73 8.76
C PRO F 77 19.61 -33.19 9.46
N ASP F 78 20.46 -32.23 9.78
CA ASP F 78 21.72 -32.47 10.48
C ASP F 78 22.58 -33.61 9.96
N THR F 79 22.80 -33.63 8.67
CA THR F 79 23.63 -34.66 8.06
C THR F 79 25.09 -34.16 8.01
N ASP F 80 26.02 -34.97 8.49
CA ASP F 80 27.42 -34.59 8.48
C ASP F 80 28.14 -34.92 7.15
N VAL F 81 27.73 -36.01 6.52
CA VAL F 81 28.32 -36.41 5.24
C VAL F 81 27.29 -37.19 4.43
N ILE F 82 27.34 -37.01 3.12
CA ILE F 82 26.42 -37.69 2.22
C ILE F 82 27.12 -38.63 1.25
N LEU F 83 26.76 -39.90 1.29
CA LEU F 83 27.32 -40.88 0.38
C LEU F 83 26.39 -40.96 -0.83
N MET F 84 26.65 -40.15 -1.84
CA MET F 84 25.84 -40.15 -3.05
C MET F 84 26.39 -41.18 -4.02
N CYS F 85 25.59 -42.17 -4.40
CA CYS F 85 26.10 -43.17 -5.33
C CYS F 85 25.22 -43.65 -6.48
N PHE F 86 25.88 -44.26 -7.46
CA PHE F 86 25.25 -44.81 -8.65
C PHE F 86 25.81 -46.21 -8.86
N SER F 87 25.23 -46.96 -9.79
CA SER F 87 25.70 -48.32 -10.05
C SER F 87 26.64 -48.34 -11.26
N ILE F 88 27.81 -48.95 -11.09
CA ILE F 88 28.79 -49.05 -12.16
C ILE F 88 28.17 -49.62 -13.43
N ASP F 89 27.26 -50.58 -13.26
CA ASP F 89 26.61 -51.22 -14.40
C ASP F 89 25.30 -50.54 -14.79
N SER F 90 25.26 -49.22 -14.66
CA SER F 90 24.07 -48.46 -15.01
C SER F 90 24.41 -47.00 -15.29
N PRO F 91 24.79 -46.69 -16.53
CA PRO F 91 25.12 -45.30 -16.86
C PRO F 91 23.92 -44.38 -16.64
N ASP F 92 22.76 -45.00 -16.45
CA ASP F 92 21.52 -44.27 -16.20
C ASP F 92 21.55 -43.68 -14.80
N SER F 93 21.83 -44.52 -13.81
CA SER F 93 21.88 -44.08 -12.42
C SER F 93 22.88 -42.94 -12.27
N LEU F 94 23.95 -42.98 -13.05
CA LEU F 94 24.97 -41.94 -13.01
C LEU F 94 24.42 -40.61 -13.54
N GLU F 95 23.62 -40.68 -14.58
CA GLU F 95 23.05 -39.46 -15.13
C GLU F 95 22.20 -38.72 -14.11
N ASN F 96 21.66 -39.44 -13.13
CA ASN F 96 20.84 -38.81 -12.12
C ASN F 96 21.66 -38.07 -11.06
N ILE F 97 22.90 -38.49 -10.87
CA ILE F 97 23.77 -37.85 -9.90
C ILE F 97 23.77 -36.33 -10.10
N PRO F 98 23.97 -35.86 -11.34
CA PRO F 98 23.98 -34.41 -11.55
C PRO F 98 22.59 -33.84 -11.83
N GLU F 99 21.77 -34.63 -12.51
CA GLU F 99 20.43 -34.22 -12.89
C GLU F 99 19.43 -34.18 -11.73
N LYS F 100 19.53 -35.14 -10.82
CA LYS F 100 18.59 -35.24 -9.71
C LYS F 100 19.16 -35.07 -8.29
N TRP F 101 19.93 -36.06 -7.85
CA TRP F 101 20.49 -36.06 -6.53
C TRP F 101 21.28 -34.85 -6.09
N THR F 102 22.31 -34.48 -6.84
CA THR F 102 23.14 -33.34 -6.46
C THR F 102 22.38 -32.03 -6.19
N PRO F 103 21.54 -31.60 -7.13
CA PRO F 103 20.81 -30.35 -6.88
C PRO F 103 20.05 -30.40 -5.57
N GLU F 104 19.47 -31.56 -5.27
CA GLU F 104 18.70 -31.74 -4.05
C GLU F 104 19.57 -31.78 -2.79
N VAL F 105 20.57 -32.65 -2.81
CA VAL F 105 21.48 -32.80 -1.69
C VAL F 105 22.14 -31.46 -1.34
N LYS F 106 22.39 -30.63 -2.36
CA LYS F 106 23.02 -29.34 -2.11
C LYS F 106 22.06 -28.29 -1.60
N HIS F 107 20.77 -28.48 -1.85
CA HIS F 107 19.76 -27.53 -1.41
C HIS F 107 19.34 -27.72 0.05
N PHE F 108 19.26 -28.97 0.48
CA PHE F 108 18.87 -29.27 1.86
C PHE F 108 20.08 -29.45 2.75
N CYS F 109 21.21 -29.82 2.16
CA CYS F 109 22.43 -30.03 2.93
C CYS F 109 23.59 -29.18 2.43
N PRO F 110 23.41 -27.85 2.36
CA PRO F 110 24.49 -26.97 1.89
C PRO F 110 25.80 -27.17 2.65
N ASN F 111 26.90 -27.10 1.91
CA ASN F 111 28.24 -27.26 2.48
C ASN F 111 28.48 -28.56 3.22
N VAL F 112 27.68 -29.57 2.94
CA VAL F 112 27.88 -30.87 3.56
C VAL F 112 28.68 -31.70 2.53
N PRO F 113 29.83 -32.24 2.95
CA PRO F 113 30.68 -33.04 2.07
C PRO F 113 29.96 -34.20 1.39
N ILE F 114 30.26 -34.39 0.12
CA ILE F 114 29.66 -35.46 -0.68
C ILE F 114 30.72 -36.43 -1.18
N ILE F 115 30.48 -37.73 -0.98
CA ILE F 115 31.42 -38.74 -1.46
C ILE F 115 30.74 -39.51 -2.59
N LEU F 116 31.10 -39.23 -3.84
CA LEU F 116 30.51 -39.93 -4.97
C LEU F 116 30.96 -41.38 -4.93
N VAL F 117 30.06 -42.31 -5.15
CA VAL F 117 30.44 -43.73 -5.11
C VAL F 117 29.88 -44.54 -6.27
N GLY F 118 30.70 -45.45 -6.76
CA GLY F 118 30.28 -46.32 -7.85
C GLY F 118 30.19 -47.71 -7.27
N ASN F 119 28.96 -48.20 -7.11
CA ASN F 119 28.76 -49.53 -6.54
C ASN F 119 28.83 -50.61 -7.61
N LYS F 120 29.04 -51.85 -7.19
CA LYS F 120 29.10 -52.97 -8.11
C LYS F 120 30.19 -52.83 -9.17
N LYS F 121 31.41 -52.48 -8.77
CA LYS F 121 32.50 -52.33 -9.72
C LYS F 121 32.83 -53.66 -10.37
N ASP F 122 32.61 -54.74 -9.62
CA ASP F 122 32.87 -56.09 -10.11
C ASP F 122 32.08 -56.45 -11.37
N LEU F 123 30.97 -55.75 -11.60
CA LEU F 123 30.13 -56.00 -12.79
C LEU F 123 30.62 -55.24 -14.02
N ARG F 124 31.75 -54.56 -13.90
CA ARG F 124 32.31 -53.80 -15.01
C ARG F 124 32.94 -54.77 -16.02
N ASN F 125 33.60 -55.79 -15.50
CA ASN F 125 34.25 -56.80 -16.33
C ASN F 125 33.34 -58.00 -16.58
N ASP F 126 32.15 -57.99 -15.99
CA ASP F 126 31.19 -59.08 -16.15
C ASP F 126 30.61 -59.05 -17.56
N GLU F 127 30.81 -60.13 -18.31
CA GLU F 127 30.30 -60.19 -19.67
C GLU F 127 28.77 -60.15 -19.72
N HIS F 128 28.12 -60.83 -18.77
CA HIS F 128 26.66 -60.85 -18.74
C HIS F 128 26.04 -59.44 -18.75
N THR F 129 26.51 -58.58 -17.86
CA THR F 129 25.99 -57.22 -17.80
C THR F 129 26.45 -56.42 -19.02
N ARG F 130 27.63 -56.74 -19.53
CA ARG F 130 28.15 -56.03 -20.71
C ARG F 130 27.22 -56.32 -21.88
N ARG F 131 26.71 -57.55 -21.93
CA ARG F 131 25.81 -57.99 -22.98
C ARG F 131 24.47 -57.27 -22.88
N GLU F 132 23.81 -57.43 -21.74
CA GLU F 132 22.53 -56.80 -21.50
C GLU F 132 22.54 -55.30 -21.78
N LEU F 133 23.62 -54.63 -21.36
CA LEU F 133 23.77 -53.21 -21.58
C LEU F 133 23.81 -52.89 -23.07
N ALA F 134 24.61 -53.67 -23.79
CA ALA F 134 24.75 -53.50 -25.23
C ALA F 134 23.39 -53.39 -25.91
N LYS F 135 22.48 -54.29 -25.56
CA LYS F 135 21.13 -54.29 -26.13
C LYS F 135 20.50 -52.90 -25.99
N MET F 136 20.73 -52.27 -24.84
CA MET F 136 20.18 -50.94 -24.57
C MET F 136 21.07 -49.86 -25.16
N LYS F 137 22.08 -50.28 -25.91
CA LYS F 137 23.03 -49.37 -26.53
C LYS F 137 23.85 -48.67 -25.45
N GLN F 138 24.28 -49.45 -24.47
CA GLN F 138 25.08 -48.92 -23.36
C GLN F 138 26.19 -49.87 -22.95
N GLU F 139 27.12 -49.35 -22.14
CA GLU F 139 28.25 -50.12 -21.65
C GLU F 139 28.54 -49.66 -20.22
N PRO F 140 29.17 -50.52 -19.40
CA PRO F 140 29.49 -50.17 -18.02
C PRO F 140 30.11 -48.78 -17.90
N VAL F 141 30.09 -48.23 -16.69
CA VAL F 141 30.65 -46.91 -16.44
C VAL F 141 32.14 -47.02 -16.23
N LYS F 142 32.89 -46.20 -16.95
CA LYS F 142 34.34 -46.19 -16.89
C LYS F 142 34.84 -45.25 -15.80
N PRO F 143 35.83 -45.70 -15.01
CA PRO F 143 36.41 -44.91 -13.92
C PRO F 143 36.59 -43.44 -14.31
N GLU F 144 37.09 -43.21 -15.52
CA GLU F 144 37.31 -41.86 -16.02
C GLU F 144 36.02 -41.05 -15.90
N GLU F 145 34.90 -41.69 -16.20
CA GLU F 145 33.58 -41.05 -16.14
C GLU F 145 33.21 -40.71 -14.70
N GLY F 146 33.57 -41.59 -13.77
CA GLY F 146 33.28 -41.37 -12.37
C GLY F 146 33.98 -40.15 -11.81
N ARG F 147 35.31 -40.13 -11.93
CA ARG F 147 36.10 -39.00 -11.44
C ARG F 147 35.60 -37.70 -12.04
N ASP F 148 35.25 -37.71 -13.33
CA ASP F 148 34.75 -36.51 -13.98
C ASP F 148 33.51 -36.00 -13.29
N MET F 149 32.54 -36.89 -13.11
CA MET F 149 31.28 -36.55 -12.45
C MET F 149 31.59 -36.06 -11.03
N ALA F 150 32.43 -36.83 -10.33
CA ALA F 150 32.83 -36.49 -8.97
C ALA F 150 33.32 -35.05 -8.86
N ASN F 151 34.10 -34.58 -9.83
CA ASN F 151 34.60 -33.21 -9.82
C ASN F 151 33.56 -32.25 -10.37
N ARG F 152 32.76 -32.74 -11.31
CA ARG F 152 31.72 -31.92 -11.92
C ARG F 152 30.74 -31.43 -10.86
N ILE F 153 30.36 -32.32 -9.96
CA ILE F 153 29.42 -31.98 -8.90
C ILE F 153 30.14 -31.34 -7.73
N GLY F 154 31.46 -31.52 -7.68
CA GLY F 154 32.23 -30.94 -6.59
C GLY F 154 32.33 -31.84 -5.38
N ALA F 155 32.30 -33.15 -5.60
CA ALA F 155 32.40 -34.12 -4.51
C ALA F 155 33.68 -33.94 -3.70
N PHE F 156 33.72 -34.59 -2.55
CA PHE F 156 34.87 -34.55 -1.65
C PHE F 156 35.80 -35.68 -2.10
N GLY F 157 35.36 -36.38 -3.15
CA GLY F 157 36.15 -37.46 -3.67
C GLY F 157 35.32 -38.54 -4.34
N TYR F 158 35.95 -39.25 -5.28
CA TYR F 158 35.28 -40.33 -6.00
C TYR F 158 35.79 -41.65 -5.42
N MET F 159 35.00 -42.71 -5.54
CA MET F 159 35.37 -44.01 -5.01
C MET F 159 34.52 -45.13 -5.57
N GLU F 160 35.11 -46.30 -5.71
CA GLU F 160 34.40 -47.47 -6.22
C GLU F 160 34.54 -48.61 -5.24
N CYS F 161 33.62 -49.57 -5.32
CA CYS F 161 33.64 -50.72 -4.42
C CYS F 161 32.74 -51.82 -4.94
N SER F 162 32.83 -52.98 -4.30
CA SER F 162 32.03 -54.14 -4.66
C SER F 162 31.48 -54.77 -3.40
N ALA F 163 30.16 -54.90 -3.32
CA ALA F 163 29.53 -55.48 -2.16
C ALA F 163 29.84 -56.97 -2.08
N LYS F 164 29.99 -57.60 -3.25
CA LYS F 164 30.29 -59.03 -3.33
C LYS F 164 31.67 -59.36 -2.77
N THR F 165 32.68 -58.64 -3.25
CA THR F 165 34.06 -58.87 -2.83
C THR F 165 34.48 -58.00 -1.64
N LYS F 166 33.58 -57.13 -1.19
CA LYS F 166 33.86 -56.23 -0.07
C LYS F 166 35.02 -55.31 -0.43
N ASP F 167 35.43 -55.38 -1.68
CA ASP F 167 36.52 -54.59 -2.22
C ASP F 167 36.18 -53.11 -2.26
N GLY F 168 36.84 -52.31 -1.42
CA GLY F 168 36.58 -50.88 -1.41
C GLY F 168 35.52 -50.42 -0.45
N VAL F 169 34.77 -51.35 0.13
CA VAL F 169 33.72 -51.01 1.08
C VAL F 169 34.30 -50.19 2.23
N ARG F 170 35.15 -50.82 3.04
CA ARG F 170 35.78 -50.15 4.17
C ARG F 170 36.30 -48.76 3.76
N GLU F 171 36.97 -48.70 2.61
CA GLU F 171 37.54 -47.45 2.10
C GLU F 171 36.54 -46.31 1.96
N VAL F 172 35.33 -46.64 1.53
CA VAL F 172 34.29 -45.64 1.32
C VAL F 172 33.86 -44.97 2.62
N PHE F 173 33.53 -45.78 3.62
CA PHE F 173 33.07 -45.26 4.91
C PHE F 173 34.18 -44.64 5.73
N GLU F 174 35.42 -45.03 5.42
CA GLU F 174 36.58 -44.50 6.11
C GLU F 174 36.82 -43.09 5.59
N MET F 175 36.71 -42.94 4.28
CA MET F 175 36.90 -41.66 3.62
C MET F 175 35.78 -40.67 3.96
N ALA F 176 34.55 -41.19 4.06
CA ALA F 176 33.38 -40.38 4.36
C ALA F 176 33.41 -39.90 5.81
N THR F 177 33.92 -40.75 6.70
CA THR F 177 34.01 -40.41 8.11
C THR F 177 35.00 -39.25 8.28
N ARG F 178 36.05 -39.27 7.46
CA ARG F 178 37.07 -38.25 7.50
C ARG F 178 36.46 -36.92 7.04
N ALA F 179 35.75 -36.96 5.92
CA ALA F 179 35.13 -35.75 5.39
C ALA F 179 34.14 -35.15 6.39
N ALA F 180 33.58 -36.02 7.23
CA ALA F 180 32.61 -35.61 8.24
C ALA F 180 33.28 -34.88 9.38
N LEU F 181 34.49 -35.30 9.71
CA LEU F 181 35.25 -34.68 10.80
C LEU F 181 35.77 -33.29 10.46
N GLN F 182 35.71 -32.95 9.18
CA GLN F 182 36.16 -31.64 8.71
C GLN F 182 35.08 -30.58 8.94
N GLU G 3 -101.55 12.14 37.97
CA GLU G 3 -100.81 11.69 39.17
C GLU G 3 -99.35 11.46 38.80
N GLU G 4 -98.51 11.15 39.78
CA GLU G 4 -97.09 10.94 39.52
C GLU G 4 -96.81 9.62 38.82
N GLU G 5 -97.43 8.54 39.29
CA GLU G 5 -97.25 7.24 38.67
C GLU G 5 -97.58 7.35 37.19
N GLU G 6 -98.52 8.26 36.91
CA GLU G 6 -99.01 8.56 35.57
C GLU G 6 -97.89 9.04 34.65
N SER G 7 -97.34 10.20 35.00
CA SER G 7 -96.29 10.83 34.23
C SER G 7 -94.99 10.04 34.11
N LEU G 8 -94.61 9.35 35.18
CA LEU G 8 -93.38 8.57 35.13
C LEU G 8 -93.50 7.44 34.12
N ALA G 9 -94.70 6.89 33.96
CA ALA G 9 -94.90 5.83 33.00
C ALA G 9 -94.83 6.40 31.59
N ILE G 10 -95.16 7.69 31.48
CA ILE G 10 -95.12 8.40 30.22
C ILE G 10 -93.65 8.59 29.85
N LEU G 11 -92.86 9.00 30.83
CA LEU G 11 -91.43 9.22 30.64
C LEU G 11 -90.70 7.90 30.39
N ARG G 12 -91.19 6.82 30.97
CA ARG G 12 -90.59 5.52 30.75
C ARG G 12 -90.82 5.18 29.28
N ARG G 13 -91.97 5.63 28.77
CA ARG G 13 -92.38 5.42 27.39
C ARG G 13 -91.45 6.19 26.44
N HIS G 14 -91.14 7.42 26.80
CA HIS G 14 -90.26 8.24 25.97
C HIS G 14 -88.87 7.62 25.86
N VAL G 15 -88.31 7.23 26.99
CA VAL G 15 -87.00 6.62 27.01
C VAL G 15 -87.00 5.34 26.18
N MET G 16 -88.07 4.56 26.30
CA MET G 16 -88.17 3.32 25.53
C MET G 16 -88.23 3.63 24.04
N ASN G 17 -88.90 4.72 23.69
CA ASN G 17 -89.02 5.10 22.30
C ASN G 17 -87.68 5.51 21.72
N GLU G 18 -87.01 6.44 22.39
CA GLU G 18 -85.71 6.87 21.90
C GLU G 18 -84.75 5.68 21.83
N LEU G 19 -84.88 4.75 22.78
CA LEU G 19 -84.02 3.59 22.79
C LEU G 19 -84.22 2.80 21.50
N LEU G 20 -85.48 2.49 21.19
CA LEU G 20 -85.83 1.73 19.97
C LEU G 20 -85.58 2.48 18.65
N ASP G 21 -85.86 3.77 18.63
CA ASP G 21 -85.63 4.57 17.43
C ASP G 21 -84.17 4.66 17.12
N THR G 22 -83.38 5.13 18.08
CA THR G 22 -81.95 5.26 17.86
C THR G 22 -81.32 3.91 17.54
N GLU G 23 -81.89 2.83 18.08
CA GLU G 23 -81.37 1.48 17.82
C GLU G 23 -81.56 1.08 16.37
N ARG G 24 -82.75 1.36 15.84
CA ARG G 24 -83.07 1.05 14.46
C ARG G 24 -82.18 1.85 13.54
N ALA G 25 -82.04 3.13 13.85
CA ALA G 25 -81.19 4.02 13.07
C ALA G 25 -79.74 3.54 13.13
N TYR G 26 -79.30 3.10 14.30
CA TYR G 26 -77.94 2.62 14.45
C TYR G 26 -77.73 1.43 13.53
N VAL G 27 -78.70 0.52 13.50
CA VAL G 27 -78.57 -0.66 12.66
C VAL G 27 -78.59 -0.29 11.19
N GLU G 28 -79.45 0.66 10.83
CA GLU G 28 -79.56 1.11 9.45
C GLU G 28 -78.24 1.73 9.00
N GLU G 29 -77.78 2.72 9.75
CA GLU G 29 -76.54 3.41 9.43
C GLU G 29 -75.36 2.46 9.26
N LEU G 30 -75.25 1.44 10.09
CA LEU G 30 -74.14 0.52 9.93
C LEU G 30 -74.26 -0.24 8.61
N LEU G 31 -75.43 -0.80 8.33
CA LEU G 31 -75.66 -1.54 7.08
C LEU G 31 -75.37 -0.64 5.89
N CYS G 32 -75.81 0.61 6.01
CA CYS G 32 -75.62 1.62 4.98
C CYS G 32 -74.14 1.77 4.58
N VAL G 33 -73.26 1.71 5.56
CA VAL G 33 -71.83 1.83 5.35
C VAL G 33 -71.22 0.50 4.92
N LEU G 34 -71.72 -0.60 5.46
CA LEU G 34 -71.22 -1.94 5.15
C LEU G 34 -71.48 -2.31 3.69
N GLU G 35 -72.46 -1.66 3.07
CA GLU G 35 -72.79 -1.93 1.68
C GLU G 35 -72.35 -0.80 0.76
N GLY G 36 -72.61 0.43 1.19
CA GLY G 36 -72.26 1.59 0.39
C GLY G 36 -70.77 1.91 0.31
N TYR G 37 -69.96 1.27 1.15
CA TYR G 37 -68.52 1.49 1.15
C TYR G 37 -67.74 0.17 1.20
N ALA G 38 -67.89 -0.57 2.29
CA ALA G 38 -67.17 -1.82 2.43
C ALA G 38 -67.41 -2.82 1.31
N ALA G 39 -68.66 -3.06 0.96
CA ALA G 39 -68.97 -4.00 -0.11
C ALA G 39 -68.56 -3.46 -1.46
N GLU G 40 -68.65 -2.13 -1.63
CA GLU G 40 -68.28 -1.48 -2.88
C GLU G 40 -66.79 -1.64 -3.20
N MET G 41 -66.00 -1.99 -2.19
CA MET G 41 -64.57 -2.18 -2.38
C MET G 41 -64.27 -3.41 -3.22
N ASP G 42 -65.23 -4.33 -3.27
CA ASP G 42 -65.07 -5.56 -4.05
C ASP G 42 -65.99 -5.54 -5.27
N ASN G 43 -66.41 -4.33 -5.65
CA ASN G 43 -67.28 -4.16 -6.81
C ASN G 43 -66.41 -3.79 -8.01
N PRO G 44 -66.39 -4.64 -9.04
CA PRO G 44 -65.60 -4.39 -10.26
C PRO G 44 -65.78 -2.98 -10.83
N LEU G 45 -67.03 -2.55 -10.96
CA LEU G 45 -67.35 -1.22 -11.48
C LEU G 45 -66.68 -0.07 -10.73
N MET G 46 -66.07 -0.38 -9.58
CA MET G 46 -65.40 0.61 -8.76
C MET G 46 -63.88 0.39 -8.68
N ALA G 47 -63.44 -0.83 -8.99
CA ALA G 47 -62.03 -1.19 -8.94
C ALA G 47 -61.06 -0.19 -9.57
N HIS G 48 -61.55 0.64 -10.48
CA HIS G 48 -60.70 1.63 -11.15
C HIS G 48 -60.47 2.87 -10.28
N LEU G 49 -61.13 2.92 -9.13
CA LEU G 49 -61.00 4.05 -8.21
C LEU G 49 -60.27 3.64 -6.93
N ILE G 50 -59.95 2.36 -6.81
CA ILE G 50 -59.29 1.86 -5.61
C ILE G 50 -58.06 0.99 -5.90
N SER G 51 -56.97 1.28 -5.19
CA SER G 51 -55.73 0.53 -5.36
C SER G 51 -55.85 -0.81 -4.65
N THR G 52 -54.88 -1.68 -4.85
CA THR G 52 -54.90 -2.99 -4.21
C THR G 52 -54.55 -2.90 -2.73
N GLY G 53 -53.68 -1.94 -2.39
CA GLY G 53 -53.27 -1.77 -1.02
C GLY G 53 -54.45 -1.45 -0.12
N LEU G 54 -55.21 -0.43 -0.50
CA LEU G 54 -56.37 0.01 0.26
C LEU G 54 -57.39 -1.12 0.38
N GLN G 55 -57.55 -1.86 -0.69
CA GLN G 55 -58.49 -2.96 -0.74
C GLN G 55 -58.19 -4.04 0.30
N ASN G 56 -56.92 -4.23 0.59
CA ASN G 56 -56.51 -5.23 1.57
C ASN G 56 -56.69 -4.72 3.00
N LYS G 57 -56.56 -3.41 3.17
CA LYS G 57 -56.71 -2.77 4.48
C LYS G 57 -58.18 -2.61 4.87
N LYS G 58 -59.07 -3.25 4.12
CA LYS G 58 -60.50 -3.12 4.42
C LYS G 58 -60.82 -3.46 5.87
N ASN G 59 -60.18 -4.49 6.40
CA ASN G 59 -60.41 -4.89 7.78
C ASN G 59 -59.89 -3.88 8.81
N ILE G 60 -58.82 -3.18 8.46
CA ILE G 60 -58.28 -2.18 9.37
C ILE G 60 -59.25 -1.01 9.40
N LEU G 61 -59.77 -0.65 8.23
CA LEU G 61 -60.68 0.49 8.12
C LEU G 61 -62.03 0.27 8.83
N PHE G 62 -62.61 -0.92 8.66
CA PHE G 62 -63.90 -1.23 9.26
C PHE G 62 -63.89 -2.03 10.56
N GLY G 63 -62.74 -2.59 10.91
CA GLY G 63 -62.67 -3.37 12.15
C GLY G 63 -63.72 -4.46 12.08
N ASN G 64 -64.42 -4.72 13.18
CA ASN G 64 -65.45 -5.75 13.18
C ASN G 64 -66.85 -5.16 13.15
N MET G 65 -67.01 -4.08 12.39
CA MET G 65 -68.33 -3.45 12.27
C MET G 65 -69.39 -4.45 11.87
N GLU G 66 -69.07 -5.34 10.94
CA GLU G 66 -70.04 -6.33 10.49
C GLU G 66 -70.47 -7.23 11.62
N GLU G 67 -69.52 -7.71 12.41
CA GLU G 67 -69.85 -8.57 13.54
C GLU G 67 -70.87 -7.84 14.44
N ILE G 68 -70.58 -6.57 14.72
CA ILE G 68 -71.44 -5.73 15.56
C ILE G 68 -72.83 -5.54 14.95
N TYR G 69 -72.87 -5.32 13.64
CA TYR G 69 -74.12 -5.13 12.93
C TYR G 69 -75.01 -6.38 13.03
N HIS G 70 -74.42 -7.56 12.86
CA HIS G 70 -75.21 -8.78 12.94
C HIS G 70 -75.79 -8.95 14.34
N PHE G 71 -75.01 -8.63 15.37
CA PHE G 71 -75.50 -8.75 16.74
C PHE G 71 -76.74 -7.90 16.99
N HIS G 72 -76.67 -6.63 16.61
CA HIS G 72 -77.78 -5.73 16.81
C HIS G 72 -78.95 -6.00 15.88
N ASN G 73 -78.65 -6.39 14.64
CA ASN G 73 -79.68 -6.67 13.65
C ASN G 73 -80.39 -8.01 13.85
N ARG G 74 -79.64 -9.03 14.25
CA ARG G 74 -80.20 -10.36 14.47
C ARG G 74 -80.67 -10.61 15.91
N ILE G 75 -80.07 -9.91 16.87
CA ILE G 75 -80.43 -10.16 18.25
C ILE G 75 -80.91 -9.03 19.15
N PHE G 76 -80.06 -8.03 19.38
CA PHE G 76 -80.44 -6.96 20.29
C PHE G 76 -81.64 -6.10 19.95
N LEU G 77 -81.80 -5.71 18.69
CA LEU G 77 -82.95 -4.88 18.35
C LEU G 77 -84.23 -5.67 18.53
N ARG G 78 -84.15 -6.96 18.21
CA ARG G 78 -85.26 -7.88 18.31
C ARG G 78 -85.71 -8.02 19.76
N GLU G 79 -84.74 -8.08 20.68
CA GLU G 79 -85.05 -8.22 22.09
C GLU G 79 -85.50 -6.91 22.75
N LEU G 80 -85.03 -5.78 22.24
CA LEU G 80 -85.45 -4.50 22.81
C LEU G 80 -86.94 -4.26 22.47
N GLU G 81 -87.34 -4.73 21.29
CA GLU G 81 -88.72 -4.55 20.85
C GLU G 81 -89.68 -5.37 21.69
N SER G 82 -89.21 -6.51 22.17
CA SER G 82 -90.05 -7.37 23.00
C SER G 82 -90.34 -6.73 24.35
N CYS G 83 -89.75 -5.56 24.62
CA CYS G 83 -89.96 -4.83 25.87
C CYS G 83 -90.80 -3.58 25.65
N ILE G 84 -91.31 -3.41 24.44
CA ILE G 84 -92.10 -2.24 24.12
C ILE G 84 -93.27 -2.12 25.12
N ASP G 85 -93.78 -3.28 25.55
CA ASP G 85 -94.89 -3.34 26.50
C ASP G 85 -94.47 -3.03 27.92
N CYS G 86 -93.38 -3.64 28.37
CA CYS G 86 -92.89 -3.43 29.72
C CYS G 86 -91.50 -2.80 29.66
N PRO G 87 -91.44 -1.47 29.46
CA PRO G 87 -90.19 -0.71 29.38
C PRO G 87 -89.25 -0.75 30.58
N GLU G 88 -89.75 -1.10 31.76
CA GLU G 88 -88.89 -1.15 32.95
C GLU G 88 -88.05 -2.42 32.88
N LEU G 89 -88.50 -3.37 32.07
CA LEU G 89 -87.81 -4.65 31.93
C LEU G 89 -86.72 -4.69 30.86
N VAL G 90 -86.41 -3.54 30.28
CA VAL G 90 -85.38 -3.50 29.26
C VAL G 90 -84.02 -3.81 29.89
N GLY G 91 -83.92 -3.63 31.21
CA GLY G 91 -82.69 -3.91 31.93
C GLY G 91 -82.25 -5.35 31.75
N ARG G 92 -83.24 -6.24 31.66
CA ARG G 92 -82.96 -7.67 31.48
C ARG G 92 -82.35 -7.99 30.11
N CYS G 93 -82.66 -7.20 29.09
CA CYS G 93 -82.09 -7.45 27.76
C CYS G 93 -80.58 -7.32 27.83
N PHE G 94 -80.11 -6.20 28.39
CA PHE G 94 -78.68 -6.00 28.49
C PHE G 94 -78.07 -7.09 29.33
N LEU G 95 -78.69 -7.39 30.48
CA LEU G 95 -78.17 -8.41 31.38
C LEU G 95 -77.94 -9.75 30.69
N GLU G 96 -78.87 -10.15 29.83
CA GLU G 96 -78.76 -11.42 29.14
C GLU G 96 -77.88 -11.35 27.88
N ARG G 97 -77.22 -10.22 27.68
CA ARG G 97 -76.34 -10.06 26.52
C ARG G 97 -75.01 -9.39 26.85
N MET G 98 -74.71 -9.23 28.13
CA MET G 98 -73.46 -8.60 28.53
C MET G 98 -72.23 -9.22 27.87
N GLU G 99 -72.32 -10.50 27.54
CA GLU G 99 -71.20 -11.16 26.91
C GLU G 99 -71.06 -10.67 25.47
N GLU G 100 -72.15 -10.70 24.72
CA GLU G 100 -72.16 -10.25 23.34
C GLU G 100 -71.57 -8.85 23.16
N PHE G 101 -71.72 -8.00 24.18
CA PHE G 101 -71.20 -6.64 24.09
C PHE G 101 -69.68 -6.57 24.13
N GLN G 102 -69.05 -7.69 24.45
CA GLN G 102 -67.60 -7.72 24.51
C GLN G 102 -67.00 -7.42 23.13
N ILE G 103 -67.77 -7.64 22.08
CA ILE G 103 -67.26 -7.37 20.74
C ILE G 103 -66.87 -5.91 20.54
N TYR G 104 -67.36 -5.02 21.41
CA TYR G 104 -67.03 -3.60 21.29
C TYR G 104 -65.59 -3.27 21.68
N GLU G 105 -64.97 -4.15 22.43
CA GLU G 105 -63.60 -3.91 22.84
C GLU G 105 -62.69 -4.00 21.61
N LYS G 106 -62.94 -5.01 20.78
CA LYS G 106 -62.15 -5.22 19.58
C LYS G 106 -62.28 -4.02 18.63
N TYR G 107 -63.48 -3.49 18.55
CA TYR G 107 -63.73 -2.36 17.68
C TYR G 107 -63.04 -1.09 18.14
N CYS G 108 -63.08 -0.82 19.44
CA CYS G 108 -62.46 0.38 19.97
C CYS G 108 -60.95 0.31 19.90
N GLN G 109 -60.40 -0.85 20.20
CA GLN G 109 -58.96 -1.03 20.17
C GLN G 109 -58.39 -0.87 18.77
N ASN G 110 -59.19 -1.21 17.76
CA ASN G 110 -58.76 -1.09 16.37
C ASN G 110 -59.07 0.28 15.78
N LYS G 111 -59.97 1.04 16.42
CA LYS G 111 -60.33 2.35 15.91
C LYS G 111 -59.15 3.28 15.64
N PRO G 112 -58.18 3.34 16.55
CA PRO G 112 -57.06 4.24 16.27
C PRO G 112 -56.27 3.79 15.02
N ARG G 113 -56.24 2.48 14.76
CA ARG G 113 -55.55 1.94 13.60
C ARG G 113 -56.32 2.40 12.35
N SER G 114 -57.65 2.34 12.42
CA SER G 114 -58.50 2.78 11.31
C SER G 114 -58.33 4.29 11.10
N GLU G 115 -58.27 5.02 12.20
CA GLU G 115 -58.13 6.47 12.17
C GLU G 115 -56.88 6.87 11.38
N SER G 116 -55.77 6.20 11.67
CA SER G 116 -54.52 6.49 10.99
C SER G 116 -54.64 6.21 9.50
N LEU G 117 -55.26 5.09 9.17
CA LEU G 117 -55.45 4.69 7.78
C LEU G 117 -56.31 5.73 7.05
N TRP G 118 -57.45 6.06 7.63
CA TRP G 118 -58.36 7.03 7.03
C TRP G 118 -57.67 8.33 6.70
N ARG G 119 -56.71 8.71 7.54
CA ARG G 119 -55.98 9.94 7.34
C ARG G 119 -55.18 9.90 6.04
N GLN G 120 -54.69 8.72 5.71
CA GLN G 120 -53.88 8.53 4.51
C GLN G 120 -54.71 8.26 3.25
N CYS G 121 -55.90 7.71 3.42
CA CYS G 121 -56.72 7.36 2.27
C CYS G 121 -58.06 8.10 2.08
N SER G 122 -58.35 9.10 2.89
CA SER G 122 -59.62 9.79 2.77
C SER G 122 -59.80 10.51 1.44
N ASP G 123 -58.74 11.13 0.94
CA ASP G 123 -58.79 11.86 -0.32
C ASP G 123 -58.86 10.94 -1.54
N CYS G 124 -58.84 9.64 -1.28
CA CYS G 124 -58.93 8.64 -2.35
C CYS G 124 -60.27 8.80 -3.08
N PRO G 125 -60.24 8.73 -4.42
CA PRO G 125 -61.41 8.86 -5.31
C PRO G 125 -62.59 7.97 -4.96
N PHE G 126 -62.29 6.75 -4.51
CA PHE G 126 -63.31 5.78 -4.15
C PHE G 126 -64.36 6.30 -3.16
N PHE G 127 -63.90 6.84 -2.05
CA PHE G 127 -64.81 7.35 -1.03
C PHE G 127 -65.66 8.51 -1.51
N GLN G 128 -65.04 9.47 -2.20
CA GLN G 128 -65.78 10.61 -2.72
C GLN G 128 -66.91 10.12 -3.62
N GLU G 129 -66.67 8.99 -4.30
CA GLU G 129 -67.67 8.42 -5.19
C GLU G 129 -68.80 7.70 -4.43
N CYS G 130 -68.43 6.85 -3.46
CA CYS G 130 -69.43 6.13 -2.67
C CYS G 130 -70.32 7.11 -1.91
N GLN G 131 -69.70 8.17 -1.40
CA GLN G 131 -70.47 9.18 -0.67
C GLN G 131 -71.53 9.75 -1.60
N LYS G 132 -71.10 10.15 -2.79
CA LYS G 132 -72.02 10.72 -3.78
C LYS G 132 -73.19 9.75 -4.04
N LYS G 133 -72.86 8.50 -4.34
CA LYS G 133 -73.90 7.50 -4.58
C LYS G 133 -74.88 7.45 -3.43
N LEU G 134 -74.36 7.31 -2.22
CA LEU G 134 -75.20 7.23 -1.02
C LEU G 134 -75.92 8.53 -0.72
N ASP G 135 -75.44 9.64 -1.27
CA ASP G 135 -76.07 10.94 -1.06
C ASP G 135 -75.92 11.35 0.41
N HIS G 136 -74.70 11.22 0.95
CA HIS G 136 -74.43 11.57 2.34
C HIS G 136 -73.70 12.88 2.45
N LYS G 137 -74.16 13.76 3.34
CA LYS G 137 -73.49 15.04 3.52
C LYS G 137 -72.26 14.81 4.42
N LEU G 138 -72.17 13.60 4.97
CA LEU G 138 -71.07 13.23 5.86
C LEU G 138 -70.20 12.12 5.25
N SER G 139 -68.92 12.13 5.61
CA SER G 139 -67.98 11.14 5.11
C SER G 139 -67.92 9.87 5.97
N LEU G 140 -67.33 8.83 5.40
CA LEU G 140 -67.21 7.56 6.10
C LEU G 140 -66.69 7.68 7.52
N ASP G 141 -65.89 8.71 7.80
CA ASP G 141 -65.35 8.88 9.15
C ASP G 141 -66.43 9.08 10.23
N SER G 142 -67.49 9.79 9.87
CA SER G 142 -68.59 10.03 10.79
C SER G 142 -69.32 8.73 11.11
N TYR G 143 -69.38 7.83 10.14
CA TYR G 143 -70.06 6.57 10.33
C TYR G 143 -69.20 5.56 11.07
N LEU G 144 -67.89 5.62 10.85
CA LEU G 144 -66.96 4.68 11.50
C LEU G 144 -66.86 4.88 13.02
N LEU G 145 -67.37 6.01 13.51
CA LEU G 145 -67.32 6.30 14.94
C LEU G 145 -68.60 5.88 15.65
N LYS G 146 -69.64 5.58 14.88
CA LYS G 146 -70.92 5.19 15.43
C LYS G 146 -70.93 4.05 16.44
N PRO G 147 -70.15 2.99 16.20
CA PRO G 147 -70.21 1.93 17.22
C PRO G 147 -69.69 2.46 18.57
N VAL G 148 -68.70 3.35 18.52
CA VAL G 148 -68.13 3.92 19.73
C VAL G 148 -69.12 4.90 20.36
N GLN G 149 -69.81 5.66 19.52
CA GLN G 149 -70.77 6.61 20.03
C GLN G 149 -71.98 5.90 20.62
N ARG G 150 -72.37 4.78 20.01
CA ARG G 150 -73.54 4.02 20.45
C ARG G 150 -73.32 3.32 21.78
N ILE G 151 -72.22 2.57 21.90
CA ILE G 151 -71.92 1.86 23.13
C ILE G 151 -71.86 2.84 24.30
N THR G 152 -71.47 4.10 24.02
CA THR G 152 -71.40 5.10 25.07
C THR G 152 -72.65 5.96 25.23
N LYS G 153 -73.80 5.40 24.85
CA LYS G 153 -75.08 6.09 25.00
C LYS G 153 -76.03 5.19 25.79
N TYR G 154 -75.71 3.89 25.84
CA TYR G 154 -76.54 2.95 26.56
C TYR G 154 -76.65 3.25 28.05
N GLN G 155 -75.55 3.63 28.72
CA GLN G 155 -75.65 3.95 30.15
C GLN G 155 -76.54 5.16 30.37
N LEU G 156 -76.43 6.14 29.48
CA LEU G 156 -77.26 7.34 29.58
C LEU G 156 -78.72 6.95 29.50
N LEU G 157 -79.04 6.06 28.56
CA LEU G 157 -80.42 5.62 28.37
C LEU G 157 -80.93 4.78 29.55
N LEU G 158 -80.09 3.88 30.04
CA LEU G 158 -80.47 3.04 31.17
C LEU G 158 -80.59 3.89 32.43
N LYS G 159 -79.79 4.94 32.54
CA LYS G 159 -79.84 5.79 33.70
C LYS G 159 -81.18 6.55 33.68
N GLU G 160 -81.60 6.91 32.48
CA GLU G 160 -82.85 7.65 32.31
C GLU G 160 -84.02 6.73 32.66
N MET G 161 -83.96 5.49 32.20
CA MET G 161 -85.01 4.54 32.48
C MET G 161 -85.12 4.29 33.97
N LEU G 162 -83.97 4.17 34.63
CA LEU G 162 -83.93 3.90 36.06
C LEU G 162 -84.48 5.04 36.87
N LYS G 163 -84.28 6.27 36.39
CA LYS G 163 -84.77 7.43 37.10
C LYS G 163 -86.30 7.44 37.13
N TYR G 164 -86.93 6.92 36.08
CA TYR G 164 -88.39 6.89 35.98
C TYR G 164 -88.98 5.55 36.41
N SER G 165 -88.17 4.67 36.98
CA SER G 165 -88.66 3.37 37.40
C SER G 165 -88.36 2.99 38.85
N LYS G 166 -88.06 3.99 39.69
CA LYS G 166 -87.73 3.75 41.09
C LYS G 166 -88.68 2.82 41.82
N HIS G 167 -89.96 2.85 41.46
CA HIS G 167 -90.96 1.99 42.11
C HIS G 167 -91.55 0.91 41.24
N CYS G 168 -90.80 0.52 40.20
CA CYS G 168 -91.26 -0.51 39.27
C CYS G 168 -90.65 -1.88 39.62
N GLU G 169 -91.29 -2.95 39.16
CA GLU G 169 -90.80 -4.28 39.45
C GLU G 169 -89.50 -4.62 38.73
N GLY G 170 -88.86 -3.62 38.14
CA GLY G 170 -87.62 -3.88 37.43
C GLY G 170 -86.49 -2.93 37.78
N ALA G 171 -86.73 -2.05 38.74
CA ALA G 171 -85.73 -1.07 39.16
C ALA G 171 -84.38 -1.70 39.51
N GLU G 172 -84.40 -2.92 40.04
CA GLU G 172 -83.16 -3.58 40.40
C GLU G 172 -82.41 -4.05 39.17
N ASP G 173 -83.09 -4.75 38.27
CA ASP G 173 -82.45 -5.23 37.06
C ASP G 173 -81.88 -4.07 36.23
N LEU G 174 -82.53 -2.92 36.33
CA LEU G 174 -82.05 -1.75 35.59
C LEU G 174 -80.73 -1.29 36.18
N GLN G 175 -80.70 -1.14 37.49
CA GLN G 175 -79.49 -0.70 38.16
C GLN G 175 -78.33 -1.65 37.88
N GLU G 176 -78.64 -2.94 37.81
CA GLU G 176 -77.61 -3.93 37.54
C GLU G 176 -77.13 -3.74 36.11
N ALA G 177 -78.07 -3.65 35.17
CA ALA G 177 -77.72 -3.46 33.76
C ALA G 177 -76.86 -2.21 33.59
N LEU G 178 -77.28 -1.12 34.24
CA LEU G 178 -76.53 0.14 34.16
C LEU G 178 -75.09 -0.07 34.63
N SER G 179 -74.94 -0.80 35.72
CA SER G 179 -73.62 -1.08 36.29
C SER G 179 -72.82 -1.97 35.36
N SER G 180 -73.48 -2.96 34.77
CA SER G 180 -72.80 -3.87 33.85
C SER G 180 -72.27 -3.14 32.61
N ILE G 181 -73.05 -2.20 32.09
CA ILE G 181 -72.59 -1.46 30.92
C ILE G 181 -71.46 -0.54 31.34
N LEU G 182 -71.64 0.16 32.44
CA LEU G 182 -70.60 1.06 32.92
C LEU G 182 -69.30 0.25 33.13
N GLY G 183 -69.47 -1.02 33.50
CA GLY G 183 -68.33 -1.88 33.73
C GLY G 183 -67.63 -2.24 32.44
N ILE G 184 -68.42 -2.52 31.39
CA ILE G 184 -67.86 -2.86 30.09
C ILE G 184 -67.15 -1.64 29.51
N LEU G 185 -67.75 -0.47 29.67
CA LEU G 185 -67.16 0.76 29.18
C LEU G 185 -65.85 1.07 29.88
N LYS G 186 -65.77 0.79 31.17
CA LYS G 186 -64.53 1.03 31.90
C LYS G 186 -63.48 0.02 31.44
N ALA G 187 -63.88 -1.23 31.28
CA ALA G 187 -62.96 -2.25 30.85
C ALA G 187 -62.38 -1.89 29.48
N VAL G 188 -63.25 -1.54 28.53
CA VAL G 188 -62.80 -1.17 27.19
C VAL G 188 -61.84 0.01 27.28
N ASN G 189 -62.22 1.02 28.05
CA ASN G 189 -61.37 2.19 28.19
C ASN G 189 -60.01 1.83 28.80
N ASP G 190 -60.00 0.91 29.76
CA ASP G 190 -58.75 0.50 30.38
C ASP G 190 -57.86 -0.21 29.37
N SER G 191 -58.46 -1.09 28.58
CA SER G 191 -57.69 -1.84 27.61
C SER G 191 -57.03 -0.93 26.57
N MET G 192 -57.61 0.25 26.34
CA MET G 192 -57.03 1.19 25.39
C MET G 192 -55.63 1.58 25.87
N HIS G 193 -55.53 1.92 27.15
CA HIS G 193 -54.25 2.28 27.77
C HIS G 193 -53.28 1.09 27.73
N LEU G 194 -53.79 -0.10 28.02
CA LEU G 194 -52.98 -1.30 28.06
C LEU G 194 -52.23 -1.58 26.76
N ILE G 195 -52.93 -1.52 25.64
CA ILE G 195 -52.28 -1.79 24.36
C ILE G 195 -51.27 -0.71 23.96
N ALA G 196 -51.19 0.35 24.75
CA ALA G 196 -50.25 1.44 24.47
C ALA G 196 -48.96 1.29 25.28
N ILE G 197 -48.87 0.22 26.07
CA ILE G 197 -47.68 -0.03 26.86
C ILE G 197 -46.59 -0.55 25.93
N THR G 198 -45.38 -0.04 26.09
CA THR G 198 -44.25 -0.46 25.26
C THR G 198 -43.12 -1.01 26.09
N GLY G 199 -42.35 -1.91 25.47
CA GLY G 199 -41.21 -2.50 26.14
C GLY G 199 -41.48 -3.53 27.21
N TYR G 200 -42.62 -4.20 27.15
CA TYR G 200 -42.91 -5.20 28.17
C TYR G 200 -42.26 -6.55 27.83
N ASP G 201 -41.33 -6.96 28.70
CA ASP G 201 -40.61 -8.21 28.55
C ASP G 201 -41.52 -9.37 28.94
N GLY G 202 -42.33 -9.83 27.97
CA GLY G 202 -43.22 -10.94 28.26
C GLY G 202 -44.65 -10.75 27.78
N ASN G 203 -45.53 -11.66 28.19
CA ASN G 203 -46.93 -11.58 27.79
C ASN G 203 -47.76 -10.91 28.87
N LEU G 204 -48.61 -9.97 28.47
CA LEU G 204 -49.45 -9.25 29.41
C LEU G 204 -50.66 -10.08 29.78
N GLY G 205 -51.06 -10.97 28.88
CA GLY G 205 -52.22 -11.83 29.11
C GLY G 205 -52.16 -12.65 30.39
N ASP G 206 -51.04 -13.31 30.63
CA ASP G 206 -50.90 -14.13 31.83
C ASP G 206 -50.66 -13.35 33.13
N LEU G 207 -50.99 -12.06 33.09
CA LEU G 207 -50.87 -11.19 34.25
C LEU G 207 -52.24 -11.13 34.91
N GLY G 208 -53.20 -11.83 34.31
CA GLY G 208 -54.55 -11.84 34.83
C GLY G 208 -55.32 -10.66 34.24
N LYS G 209 -56.53 -10.45 34.74
CA LYS G 209 -57.37 -9.36 34.27
C LYS G 209 -56.86 -7.98 34.69
N LEU G 210 -56.99 -7.01 33.80
CA LEU G 210 -56.60 -5.64 34.07
C LEU G 210 -57.75 -5.04 34.90
N LEU G 211 -57.46 -4.62 36.13
CA LEU G 211 -58.46 -4.07 37.04
C LEU G 211 -58.53 -2.54 37.11
N MET G 212 -57.38 -1.89 37.07
CA MET G 212 -57.33 -0.43 37.14
C MET G 212 -56.09 0.09 36.41
N GLN G 213 -56.17 1.35 36.01
CA GLN G 213 -55.06 2.02 35.36
C GLN G 213 -55.23 3.51 35.60
N GLY G 214 -54.11 4.22 35.74
CA GLY G 214 -54.20 5.64 35.97
C GLY G 214 -52.85 6.28 36.20
N SER G 215 -52.78 7.59 36.02
CA SER G 215 -51.53 8.32 36.21
C SER G 215 -51.53 8.90 37.62
N PHE G 216 -50.40 8.77 38.30
CA PHE G 216 -50.28 9.31 39.65
C PHE G 216 -48.88 9.87 39.90
N SER G 217 -48.77 10.68 40.94
CA SER G 217 -47.50 11.23 41.38
C SER G 217 -47.07 10.15 42.36
N VAL G 218 -45.87 9.63 42.21
CA VAL G 218 -45.43 8.58 43.10
C VAL G 218 -44.15 8.90 43.85
N TRP G 219 -44.19 8.69 45.16
CA TRP G 219 -43.04 8.91 46.04
C TRP G 219 -42.58 7.54 46.49
N THR G 220 -41.31 7.42 46.83
CA THR G 220 -40.79 6.16 47.32
C THR G 220 -40.32 6.39 48.73
N ASP G 221 -40.17 5.31 49.49
CA ASP G 221 -39.72 5.37 50.87
C ASP G 221 -39.21 3.98 51.22
N HIS G 222 -38.35 3.48 50.34
CA HIS G 222 -37.73 2.16 50.47
C HIS G 222 -36.85 2.07 51.71
N LYS G 223 -36.37 0.88 52.03
CA LYS G 223 -35.51 0.68 53.19
C LYS G 223 -34.04 1.00 52.92
N LYS G 224 -33.42 0.19 52.07
CA LYS G 224 -32.00 0.39 51.72
C LYS G 224 -31.65 -0.21 50.36
N GLY G 225 -30.48 0.16 49.85
CA GLY G 225 -30.02 -0.33 48.56
C GLY G 225 -30.26 -1.81 48.34
N LEU G 232 -33.83 6.81 44.89
CA LEU G 232 -34.46 7.91 44.06
C LEU G 232 -36.00 8.00 43.98
N ALA G 233 -36.52 9.20 44.23
CA ALA G 233 -37.94 9.57 44.20
C ALA G 233 -38.40 9.67 45.65
N ARG G 234 -37.47 10.06 46.54
CA ARG G 234 -37.72 10.22 47.98
C ARG G 234 -38.32 11.59 48.36
N PHE G 235 -38.06 12.60 47.53
CA PHE G 235 -38.59 13.94 47.80
C PHE G 235 -39.34 14.54 46.60
N LYS G 236 -38.77 14.36 45.42
CA LYS G 236 -39.37 14.84 44.18
C LYS G 236 -40.07 13.58 43.65
N PRO G 237 -41.41 13.57 43.63
CA PRO G 237 -42.14 12.40 43.14
C PRO G 237 -41.93 12.16 41.66
N MET G 238 -42.08 10.92 41.25
CA MET G 238 -41.94 10.59 39.83
C MET G 238 -43.35 10.39 39.30
N GLN G 239 -43.55 10.63 38.01
CA GLN G 239 -44.86 10.48 37.40
C GLN G 239 -44.96 9.14 36.69
N ARG G 240 -45.75 8.24 37.25
CA ARG G 240 -45.93 6.94 36.65
C ARG G 240 -47.40 6.66 36.34
N HIS G 241 -47.63 5.77 35.37
CA HIS G 241 -48.99 5.39 35.03
C HIS G 241 -49.06 3.94 35.50
N LEU G 242 -50.00 3.64 36.39
CA LEU G 242 -50.09 2.29 36.91
C LEU G 242 -51.17 1.45 36.26
N PHE G 243 -50.93 0.14 36.23
CA PHE G 243 -51.87 -0.81 35.69
C PHE G 243 -52.00 -1.91 36.73
N LEU G 244 -53.15 -1.96 37.40
CA LEU G 244 -53.38 -2.97 38.41
C LEU G 244 -53.93 -4.21 37.71
N HIS G 245 -53.19 -5.30 37.81
CA HIS G 245 -53.59 -6.57 37.21
C HIS G 245 -53.81 -7.58 38.33
N GLU G 246 -54.43 -8.72 38.03
CA GLU G 246 -54.65 -9.71 39.06
C GLU G 246 -53.32 -10.26 39.56
N LYS G 247 -52.38 -10.44 38.63
CA LYS G 247 -51.06 -10.97 38.98
C LYS G 247 -50.04 -9.93 39.42
N ALA G 248 -50.10 -8.72 38.87
CA ALA G 248 -49.12 -7.69 39.24
C ALA G 248 -49.55 -6.25 39.00
N VAL G 249 -48.74 -5.33 39.50
CA VAL G 249 -48.96 -3.91 39.31
C VAL G 249 -47.82 -3.43 38.43
N LEU G 250 -48.13 -2.86 37.28
CA LEU G 250 -47.09 -2.39 36.37
C LEU G 250 -46.88 -0.90 36.52
N PHE G 251 -45.62 -0.48 36.50
CA PHE G 251 -45.28 0.93 36.60
C PHE G 251 -44.77 1.34 35.23
N CYS G 252 -45.39 2.37 34.65
CA CYS G 252 -44.99 2.86 33.33
C CYS G 252 -44.73 4.34 33.35
N LYS G 253 -43.88 4.79 32.43
CA LYS G 253 -43.58 6.20 32.34
C LYS G 253 -44.24 6.71 31.08
N LYS G 254 -45.08 7.72 31.25
CA LYS G 254 -45.80 8.35 30.16
C LYS G 254 -44.78 8.86 29.16
N ARG G 255 -44.90 8.42 27.90
CA ARG G 255 -44.01 8.83 26.84
C ARG G 255 -44.83 9.66 25.86
N GLU G 256 -44.47 10.93 25.73
CA GLU G 256 -45.21 11.82 24.85
C GLU G 256 -44.99 11.50 23.36
N GLU G 257 -46.09 11.31 22.64
CA GLU G 257 -46.05 11.01 21.20
C GLU G 257 -46.60 12.21 20.43
N ASN G 258 -46.12 12.43 19.22
CA ASN G 258 -46.60 13.55 18.43
C ASN G 258 -47.21 13.04 17.13
N GLY G 259 -48.19 13.79 16.63
CA GLY G 259 -48.86 13.40 15.42
C GLY G 259 -50.07 14.29 15.18
N GLU G 260 -51.05 13.79 14.43
CA GLU G 260 -52.23 14.58 14.12
C GLU G 260 -53.40 14.55 15.10
N GLY G 261 -53.93 13.37 15.40
CA GLY G 261 -55.06 13.29 16.31
C GLY G 261 -54.82 12.41 17.52
N TYR G 262 -55.36 11.19 17.46
CA TYR G 262 -55.19 10.24 18.55
C TYR G 262 -53.70 9.88 18.65
N GLU G 263 -52.94 10.23 17.62
CA GLU G 263 -51.50 9.95 17.61
C GLU G 263 -50.85 10.80 18.70
N LYS G 264 -51.54 11.87 19.08
CA LYS G 264 -51.06 12.77 20.13
C LYS G 264 -51.16 12.08 21.49
N ALA G 265 -52.04 11.09 21.62
CA ALA G 265 -52.19 10.36 22.87
C ALA G 265 -50.86 9.70 23.17
N PRO G 266 -50.37 9.83 24.42
CA PRO G 266 -49.10 9.24 24.83
C PRO G 266 -49.07 7.73 24.86
N SER G 267 -47.87 7.17 24.94
CA SER G 267 -47.69 5.74 25.02
C SER G 267 -47.14 5.54 26.43
N TYR G 268 -47.02 4.29 26.86
CA TYR G 268 -46.50 4.04 28.19
C TYR G 268 -45.30 3.12 28.15
N SER G 269 -44.14 3.67 28.53
CA SER G 269 -42.89 2.90 28.56
C SER G 269 -42.84 2.07 29.84
N TYR G 270 -42.86 0.75 29.66
CA TYR G 270 -42.81 -0.16 30.78
C TYR G 270 -41.55 0.06 31.61
N LYS G 271 -41.70 0.22 32.91
CA LYS G 271 -40.55 0.41 33.79
C LYS G 271 -40.41 -0.83 34.67
N GLN G 272 -41.11 -0.85 35.80
CA GLN G 272 -41.04 -2.01 36.68
C GLN G 272 -42.37 -2.75 36.84
N SER G 273 -42.34 -3.81 37.65
CA SER G 273 -43.53 -4.63 37.85
C SER G 273 -43.50 -5.33 39.21
N LEU G 274 -44.51 -5.08 40.04
CA LEU G 274 -44.60 -5.71 41.36
C LEU G 274 -45.53 -6.92 41.31
N ASN G 275 -45.01 -8.11 41.64
CA ASN G 275 -45.85 -9.30 41.63
C ASN G 275 -46.79 -9.20 42.84
N MET G 276 -48.09 -9.38 42.60
CA MET G 276 -49.07 -9.28 43.67
C MET G 276 -48.87 -10.19 44.87
N THR G 277 -48.29 -11.38 44.65
CA THR G 277 -48.07 -12.30 45.76
C THR G 277 -47.17 -11.72 46.86
N ALA G 278 -46.42 -10.69 46.53
CA ALA G 278 -45.54 -10.06 47.51
C ALA G 278 -45.97 -8.64 47.87
N VAL G 279 -47.06 -8.19 47.24
CA VAL G 279 -47.57 -6.85 47.47
C VAL G 279 -48.33 -6.74 48.78
N GLY G 280 -48.21 -5.59 49.43
CA GLY G 280 -48.89 -5.33 50.67
C GLY G 280 -49.44 -3.92 50.52
N ILE G 281 -50.36 -3.51 51.37
CA ILE G 281 -50.91 -2.16 51.20
C ILE G 281 -51.18 -1.41 52.50
N THR G 282 -50.89 -0.11 52.48
CA THR G 282 -51.11 0.77 53.63
C THR G 282 -52.20 1.73 53.19
N GLU G 283 -53.36 1.61 53.82
CA GLU G 283 -54.51 2.45 53.47
C GLU G 283 -54.43 3.87 53.99
N ASN G 284 -53.97 4.03 55.23
CA ASN G 284 -53.90 5.36 55.82
C ASN G 284 -52.47 5.83 56.01
N VAL G 285 -52.22 7.04 55.55
CA VAL G 285 -50.90 7.65 55.65
C VAL G 285 -51.02 8.97 56.39
N LYS G 286 -50.10 9.21 57.32
CA LYS G 286 -50.09 10.42 58.12
C LYS G 286 -49.95 11.68 57.27
N GLY G 287 -50.84 12.64 57.48
CA GLY G 287 -50.77 13.89 56.76
C GLY G 287 -51.52 14.05 55.45
N ASP G 288 -51.91 12.95 54.82
CA ASP G 288 -52.64 13.03 53.55
C ASP G 288 -53.64 11.90 53.43
N THR G 289 -54.91 12.24 53.39
CA THR G 289 -55.97 11.25 53.27
C THR G 289 -56.07 10.74 51.83
N LYS G 290 -55.37 11.41 50.92
CA LYS G 290 -55.38 11.03 49.52
C LYS G 290 -54.20 10.13 49.13
N LYS G 291 -53.31 9.88 50.09
CA LYS G 291 -52.17 9.00 49.82
C LYS G 291 -52.47 7.60 50.31
N PHE G 292 -51.83 6.62 49.69
CA PHE G 292 -51.94 5.23 50.09
C PHE G 292 -50.65 4.60 49.58
N GLU G 293 -50.13 3.64 50.31
CA GLU G 293 -48.88 3.00 49.94
C GLU G 293 -48.99 1.58 49.43
N ILE G 294 -48.31 1.32 48.33
CA ILE G 294 -48.28 -0.01 47.75
C ILE G 294 -46.86 -0.49 48.01
N TRP G 295 -46.66 -1.33 49.01
CA TRP G 295 -45.32 -1.80 49.28
C TRP G 295 -45.06 -3.20 48.74
N TYR G 296 -43.78 -3.58 48.73
CA TYR G 296 -43.37 -4.87 48.18
C TYR G 296 -42.43 -5.59 49.16
N ASN G 297 -42.40 -6.91 49.06
CA ASN G 297 -41.54 -7.75 49.91
C ASN G 297 -41.36 -7.28 51.35
N ALA G 298 -42.26 -7.70 52.22
CA ALA G 298 -42.18 -7.35 53.64
C ALA G 298 -41.98 -5.85 53.89
N ARG G 299 -42.32 -5.03 52.91
CA ARG G 299 -42.21 -3.59 53.05
C ARG G 299 -40.78 -3.06 52.91
N GLU G 300 -39.92 -3.80 52.20
CA GLU G 300 -38.55 -3.35 52.01
C GLU G 300 -38.52 -2.41 50.82
N GLU G 301 -39.67 -2.24 50.20
CA GLU G 301 -39.82 -1.38 49.04
C GLU G 301 -41.20 -0.76 49.17
N VAL G 302 -41.23 0.55 49.41
CA VAL G 302 -42.50 1.25 49.59
C VAL G 302 -42.77 2.34 48.56
N TYR G 303 -43.96 2.31 47.98
CA TYR G 303 -44.34 3.32 47.01
C TYR G 303 -45.55 4.08 47.52
N ILE G 304 -45.39 5.38 47.66
CA ILE G 304 -46.47 6.22 48.14
C ILE G 304 -47.19 6.81 46.94
N ILE G 305 -48.47 6.45 46.79
CA ILE G 305 -49.25 6.93 45.67
C ILE G 305 -50.08 8.13 46.03
N GLN G 306 -50.03 9.16 45.19
CA GLN G 306 -50.77 10.38 45.42
C GLN G 306 -52.06 10.32 44.59
N ALA G 307 -53.15 9.88 45.22
CA ALA G 307 -54.44 9.79 44.53
C ALA G 307 -55.03 11.18 44.36
N PRO G 308 -55.41 11.52 43.11
CA PRO G 308 -56.00 12.84 42.86
C PRO G 308 -57.29 13.14 43.61
N THR G 309 -58.04 12.10 43.98
CA THR G 309 -59.28 12.29 44.73
C THR G 309 -59.55 11.10 45.66
N PRO G 310 -60.46 11.27 46.62
CA PRO G 310 -60.81 10.21 47.55
C PRO G 310 -61.40 9.00 46.83
N GLU G 311 -62.29 9.26 45.88
CA GLU G 311 -62.95 8.21 45.11
C GLU G 311 -61.93 7.27 44.44
N ILE G 312 -60.90 7.86 43.83
CA ILE G 312 -59.86 7.09 43.16
C ILE G 312 -59.05 6.29 44.16
N LYS G 313 -58.70 6.91 45.28
CA LYS G 313 -57.95 6.22 46.30
C LYS G 313 -58.73 4.98 46.73
N ALA G 314 -60.01 5.21 47.03
CA ALA G 314 -60.89 4.14 47.47
C ALA G 314 -60.97 3.00 46.45
N ALA G 315 -61.17 3.35 45.19
CA ALA G 315 -61.26 2.33 44.15
C ALA G 315 -60.02 1.45 44.11
N TRP G 316 -58.85 2.10 44.13
CA TRP G 316 -57.59 1.37 44.10
C TRP G 316 -57.41 0.52 45.35
N VAL G 317 -57.62 1.11 46.52
CA VAL G 317 -57.48 0.35 47.77
C VAL G 317 -58.38 -0.87 47.73
N ASN G 318 -59.64 -0.66 47.33
CA ASN G 318 -60.61 -1.73 47.25
C ASN G 318 -60.19 -2.85 46.31
N GLU G 319 -59.75 -2.48 45.10
CA GLU G 319 -59.32 -3.47 44.12
C GLU G 319 -58.10 -4.25 44.62
N ILE G 320 -57.15 -3.56 45.23
CA ILE G 320 -55.95 -4.22 45.75
C ILE G 320 -56.38 -5.26 46.78
N ARG G 321 -57.21 -4.84 47.73
CA ARG G 321 -57.67 -5.73 48.78
C ARG G 321 -58.46 -6.92 48.26
N LYS G 322 -59.29 -6.74 47.24
CA LYS G 322 -60.03 -7.88 46.71
C LYS G 322 -59.02 -8.91 46.21
N VAL G 323 -58.03 -8.44 45.45
CA VAL G 323 -57.01 -9.32 44.91
C VAL G 323 -56.22 -10.01 46.02
N LEU G 324 -55.81 -9.23 47.02
CA LEU G 324 -55.05 -9.80 48.14
C LEU G 324 -55.92 -10.80 48.89
N THR G 325 -57.23 -10.56 48.93
CA THR G 325 -58.14 -11.46 49.62
C THR G 325 -58.26 -12.78 48.87
N SER G 326 -58.30 -12.73 47.55
CA SER G 326 -58.40 -13.95 46.72
C SER G 326 -57.15 -14.78 46.86
N GLN G 327 -56.01 -14.10 46.82
CA GLN G 327 -54.70 -14.73 46.94
C GLN G 327 -54.72 -15.60 48.18
N LEU G 328 -55.27 -15.04 49.25
CA LEU G 328 -55.40 -15.71 50.52
C LEU G 328 -56.18 -17.00 50.34
N GLN G 329 -57.46 -16.87 50.00
CA GLN G 329 -58.35 -18.01 49.80
C GLN G 329 -57.83 -19.04 48.79
N ALA G 330 -56.80 -18.66 48.03
CA ALA G 330 -56.22 -19.56 47.03
C ALA G 330 -54.92 -20.18 47.55
N CYS G 331 -54.22 -19.48 48.42
CA CYS G 331 -52.95 -19.95 49.00
C CYS G 331 -53.21 -20.98 50.10
N ARG G 332 -54.38 -21.61 50.05
CA ARG G 332 -54.76 -22.61 51.04
C ARG G 332 -56.18 -23.14 50.78
N ALA H 5 -71.06 23.76 -1.54
CA ALA H 5 -71.22 24.35 -0.17
C ALA H 5 -69.99 24.05 0.68
N ILE H 6 -69.72 24.92 1.65
CA ILE H 6 -68.58 24.75 2.55
C ILE H 6 -68.96 23.78 3.67
N ARG H 7 -68.05 22.86 3.98
CA ARG H 7 -68.29 21.88 5.05
C ARG H 7 -67.36 22.09 6.24
N LYS H 8 -67.96 22.22 7.43
CA LYS H 8 -67.20 22.43 8.66
C LYS H 8 -67.66 21.49 9.77
N LYS H 9 -66.72 21.04 10.59
CA LYS H 9 -67.01 20.13 11.70
C LYS H 9 -66.99 20.80 13.07
N LEU H 10 -68.11 20.69 13.79
CA LEU H 10 -68.21 21.26 15.12
C LEU H 10 -68.35 20.13 16.15
N VAL H 11 -67.46 20.13 17.13
CA VAL H 11 -67.50 19.14 18.19
C VAL H 11 -67.76 19.91 19.48
N ILE H 12 -68.85 19.57 20.18
CA ILE H 12 -69.19 20.23 21.42
C ILE H 12 -68.66 19.44 22.61
N VAL H 13 -67.85 20.07 23.45
CA VAL H 13 -67.30 19.36 24.61
C VAL H 13 -67.70 19.97 25.95
N GLY H 14 -67.39 19.25 27.03
CA GLY H 14 -67.73 19.74 28.35
C GLY H 14 -68.38 18.68 29.23
N ASP H 15 -68.51 19.02 30.52
CA ASP H 15 -69.11 18.13 31.52
C ASP H 15 -70.49 17.61 31.12
N GLY H 16 -70.82 16.41 31.57
CA GLY H 16 -72.13 15.86 31.29
C GLY H 16 -73.13 16.66 32.11
N ALA H 17 -74.39 16.69 31.69
CA ALA H 17 -75.41 17.43 32.44
C ALA H 17 -75.11 18.92 32.51
N CYS H 18 -74.45 19.44 31.49
CA CYS H 18 -74.13 20.86 31.43
C CYS H 18 -74.95 21.43 30.26
N GLY H 19 -75.80 20.59 29.68
CA GLY H 19 -76.65 21.02 28.58
C GLY H 19 -76.24 20.77 27.13
N LYS H 20 -75.08 20.15 26.90
CA LYS H 20 -74.58 19.89 25.54
C LYS H 20 -75.61 19.36 24.53
N THR H 21 -76.14 18.16 24.77
CA THR H 21 -77.10 17.56 23.86
C THR H 21 -78.35 18.41 23.65
N CYS H 22 -78.81 19.08 24.70
CA CYS H 22 -80.01 19.89 24.61
C CYS H 22 -79.79 21.11 23.72
N LEU H 23 -78.62 21.72 23.84
CA LEU H 23 -78.28 22.89 23.03
C LEU H 23 -78.33 22.49 21.56
N LEU H 24 -77.71 21.36 21.22
CA LEU H 24 -77.70 20.89 19.84
C LEU H 24 -79.13 20.60 19.40
N ILE H 25 -79.93 20.01 20.28
CA ILE H 25 -81.33 19.71 19.96
C ILE H 25 -82.06 21.00 19.60
N VAL H 26 -81.99 21.99 20.48
CA VAL H 26 -82.66 23.26 20.27
C VAL H 26 -82.21 23.96 18.99
N PHE H 27 -80.91 24.00 18.74
CA PHE H 27 -80.40 24.65 17.55
C PHE H 27 -80.84 23.96 16.26
N SER H 28 -80.55 22.68 16.14
CA SER H 28 -80.90 21.92 14.94
C SER H 28 -82.39 21.86 14.63
N LYS H 29 -83.22 21.94 15.66
CA LYS H 29 -84.66 21.89 15.48
C LYS H 29 -85.37 23.20 15.80
N ASP H 30 -84.63 24.16 16.34
CA ASP H 30 -85.17 25.46 16.69
C ASP H 30 -86.43 25.39 17.54
N GLN H 31 -86.40 24.54 18.57
CA GLN H 31 -87.53 24.39 19.48
C GLN H 31 -87.14 23.49 20.65
N PHE H 32 -87.31 24.02 21.85
CA PHE H 32 -86.99 23.30 23.08
C PHE H 32 -88.00 22.20 23.40
N PRO H 33 -87.52 20.97 23.62
CA PRO H 33 -88.44 19.85 23.94
C PRO H 33 -89.14 20.19 25.24
N GLU H 34 -90.42 19.86 25.36
CA GLU H 34 -91.14 20.19 26.58
C GLU H 34 -91.32 19.01 27.52
N VAL H 35 -91.84 17.90 27.03
CA VAL H 35 -92.06 16.72 27.85
C VAL H 35 -90.77 15.96 28.15
N TYR H 36 -90.20 15.36 27.12
CA TYR H 36 -88.98 14.57 27.24
C TYR H 36 -87.83 15.17 26.45
N VAL H 37 -86.68 15.31 27.11
CA VAL H 37 -85.49 15.83 26.45
C VAL H 37 -84.65 14.65 25.94
N PRO H 38 -84.52 14.51 24.61
CA PRO H 38 -83.75 13.41 24.05
C PRO H 38 -82.37 13.27 24.69
N THR H 39 -81.88 12.05 24.74
CA THR H 39 -80.59 11.73 25.31
C THR H 39 -79.57 11.58 24.18
N VAL H 40 -80.04 11.02 23.07
CA VAL H 40 -79.23 10.78 21.89
C VAL H 40 -79.30 11.88 20.82
N PHE H 41 -78.14 12.29 20.32
CA PHE H 41 -78.05 13.27 19.26
C PHE H 41 -76.94 12.78 18.34
N GLU H 42 -77.31 11.98 17.34
CA GLU H 42 -76.33 11.44 16.40
C GLU H 42 -75.87 12.50 15.43
N ASN H 43 -74.65 12.33 14.92
CA ASN H 43 -74.04 13.26 13.96
C ASN H 43 -75.06 13.82 12.96
N TYR H 44 -75.25 15.12 13.01
CA TYR H 44 -76.20 15.82 12.16
C TYR H 44 -75.55 17.02 11.45
N VAL H 45 -75.91 17.24 10.19
CA VAL H 45 -75.38 18.37 9.43
C VAL H 45 -76.46 19.46 9.37
N ALA H 46 -76.14 20.63 9.89
CA ALA H 46 -77.08 21.74 9.88
C ALA H 46 -76.69 22.79 8.85
N ASP H 47 -77.70 23.31 8.16
CA ASP H 47 -77.48 24.35 7.15
C ASP H 47 -77.60 25.70 7.82
N ILE H 48 -76.49 26.43 7.83
CA ILE H 48 -76.43 27.75 8.43
C ILE H 48 -75.70 28.65 7.45
N GLU H 49 -76.03 29.94 7.47
CA GLU H 49 -75.39 30.89 6.57
C GLU H 49 -74.91 32.13 7.31
N VAL H 50 -73.62 32.41 7.21
CA VAL H 50 -73.05 33.58 7.86
C VAL H 50 -72.14 34.29 6.87
N ASP H 51 -72.10 35.62 6.95
CA ASP H 51 -71.27 36.42 6.06
C ASP H 51 -71.61 36.04 4.62
N GLY H 52 -72.90 35.85 4.36
CA GLY H 52 -73.36 35.50 3.04
C GLY H 52 -72.66 34.29 2.44
N LYS H 53 -72.27 33.35 3.27
CA LYS H 53 -71.61 32.14 2.80
C LYS H 53 -72.32 30.90 3.33
N GLN H 54 -72.80 30.05 2.43
CA GLN H 54 -73.52 28.84 2.81
C GLN H 54 -72.60 27.76 3.37
N VAL H 55 -72.87 27.38 4.62
CA VAL H 55 -72.07 26.36 5.30
C VAL H 55 -72.90 25.16 5.75
N GLU H 56 -72.28 23.98 5.65
CA GLU H 56 -72.90 22.73 6.09
C GLU H 56 -72.13 22.34 7.34
N LEU H 57 -72.67 22.74 8.48
CA LEU H 57 -72.05 22.50 9.77
C LEU H 57 -72.41 21.12 10.35
N ALA H 58 -71.40 20.26 10.43
CA ALA H 58 -71.57 18.92 10.96
C ALA H 58 -71.48 19.01 12.49
N LEU H 59 -72.58 18.65 13.16
CA LEU H 59 -72.62 18.71 14.62
C LEU H 59 -72.35 17.35 15.26
N TRP H 60 -71.28 17.27 16.06
CA TRP H 60 -70.90 16.04 16.75
C TRP H 60 -71.10 16.17 18.26
N ASP H 61 -72.00 15.35 18.81
CA ASP H 61 -72.26 15.40 20.24
C ASP H 61 -71.21 14.53 20.94
N THR H 62 -70.96 14.79 22.22
CA THR H 62 -69.99 13.99 22.96
C THR H 62 -70.61 13.48 24.26
N ALA H 63 -71.89 13.75 24.44
CA ALA H 63 -72.60 13.31 25.63
C ALA H 63 -72.43 11.81 25.78
N GLY H 64 -72.11 11.39 26.99
CA GLY H 64 -71.95 9.98 27.28
C GLY H 64 -70.51 9.51 27.29
N GLN H 65 -69.58 10.35 26.85
CA GLN H 65 -68.19 9.91 26.84
C GLN H 65 -67.24 10.74 27.71
N GLU H 66 -67.80 11.64 28.50
CA GLU H 66 -67.01 12.50 29.38
C GLU H 66 -66.05 11.76 30.33
N ASP H 67 -66.45 10.57 30.78
CA ASP H 67 -65.63 9.79 31.70
C ASP H 67 -64.60 8.87 31.07
N TYR H 68 -64.46 8.89 29.75
CA TYR H 68 -63.50 8.01 29.11
C TYR H 68 -62.46 8.79 28.31
N ASP H 69 -61.32 9.03 28.95
CA ASP H 69 -60.24 9.80 28.34
C ASP H 69 -59.59 9.22 27.08
N ARG H 70 -59.76 7.93 26.84
CA ARG H 70 -59.18 7.29 25.65
C ARG H 70 -60.20 7.04 24.54
N LEU H 71 -61.47 7.28 24.83
CA LEU H 71 -62.51 7.10 23.83
C LEU H 71 -62.94 8.48 23.36
N ARG H 72 -62.72 9.46 24.22
CA ARG H 72 -63.06 10.85 23.95
C ARG H 72 -62.32 11.46 22.75
N PRO H 73 -60.99 11.27 22.64
CA PRO H 73 -60.19 11.82 21.54
C PRO H 73 -60.59 11.31 20.17
N LEU H 74 -61.22 10.14 20.14
CA LEU H 74 -61.66 9.52 18.90
C LEU H 74 -62.60 10.45 18.12
N SER H 75 -63.12 11.49 18.76
CA SER H 75 -64.02 12.42 18.10
C SER H 75 -63.33 13.67 17.55
N TYR H 76 -62.17 14.00 18.10
CA TYR H 76 -61.44 15.20 17.71
C TYR H 76 -60.83 15.34 16.30
N PRO H 77 -60.50 14.23 15.63
CA PRO H 77 -59.92 14.41 14.30
C PRO H 77 -60.65 15.39 13.38
N ASP H 78 -59.87 16.20 12.69
CA ASP H 78 -60.37 17.19 11.75
C ASP H 78 -61.53 18.06 12.23
N THR H 79 -61.40 18.63 13.41
CA THR H 79 -62.44 19.49 13.96
C THR H 79 -62.14 20.94 13.56
N ASP H 80 -63.13 21.63 13.01
CA ASP H 80 -62.93 23.02 12.58
C ASP H 80 -63.18 24.03 13.71
N VAL H 81 -64.09 23.72 14.61
CA VAL H 81 -64.38 24.59 15.74
C VAL H 81 -64.90 23.77 16.91
N ILE H 82 -64.54 24.18 18.13
CA ILE H 82 -64.95 23.47 19.33
C ILE H 82 -65.83 24.31 20.24
N LEU H 83 -67.04 23.83 20.51
CA LEU H 83 -67.94 24.53 21.41
C LEU H 83 -67.74 23.96 22.80
N MET H 84 -66.83 24.56 23.56
CA MET H 84 -66.55 24.10 24.92
C MET H 84 -67.51 24.81 25.86
N CYS H 85 -68.32 24.05 26.61
CA CYS H 85 -69.25 24.71 27.52
C CYS H 85 -69.44 24.13 28.92
N PHE H 86 -69.98 24.98 29.79
CA PHE H 86 -70.27 24.65 31.18
C PHE H 86 -71.69 25.12 31.47
N SER H 87 -72.22 24.74 32.63
CA SER H 87 -73.58 25.13 33.00
C SER H 87 -73.55 26.35 33.92
N ILE H 88 -74.33 27.38 33.56
CA ILE H 88 -74.40 28.60 34.35
C ILE H 88 -74.71 28.30 35.81
N ASP H 89 -75.54 27.29 36.05
CA ASP H 89 -75.93 26.92 37.41
C ASP H 89 -75.04 25.83 37.99
N SER H 90 -73.76 25.87 37.65
CA SER H 90 -72.80 24.89 38.16
C SER H 90 -71.38 25.43 38.09
N PRO H 91 -70.94 26.16 39.12
CA PRO H 91 -69.58 26.70 39.13
C PRO H 91 -68.57 25.56 39.06
N ASP H 92 -69.04 24.34 39.28
CA ASP H 92 -68.18 23.16 39.22
C ASP H 92 -67.79 22.86 37.78
N SER H 93 -68.80 22.79 36.91
CA SER H 93 -68.57 22.51 35.50
C SER H 93 -67.61 23.52 34.90
N LEU H 94 -67.68 24.76 35.40
CA LEU H 94 -66.80 25.82 34.92
C LEU H 94 -65.35 25.55 35.32
N GLU H 95 -65.15 25.05 36.53
CA GLU H 95 -63.81 24.78 37.00
C GLU H 95 -63.12 23.74 36.12
N ASN H 96 -63.90 22.90 35.45
CA ASN H 96 -63.31 21.89 34.58
C ASN H 96 -62.84 22.46 33.25
N ILE H 97 -63.45 23.56 32.82
CA ILE H 97 -63.07 24.20 31.55
C ILE H 97 -61.54 24.38 31.48
N PRO H 98 -60.93 24.96 32.53
CA PRO H 98 -59.48 25.15 32.48
C PRO H 98 -58.70 23.94 33.01
N GLU H 99 -59.28 23.28 34.01
CA GLU H 99 -58.65 22.13 34.64
C GLU H 99 -58.64 20.86 33.78
N LYS H 100 -59.72 20.63 33.05
CA LYS H 100 -59.86 19.42 32.24
C LYS H 100 -59.96 19.59 30.72
N TRP H 101 -61.08 20.11 30.28
CA TRP H 101 -61.36 20.29 28.87
C TRP H 101 -60.32 21.05 28.03
N THR H 102 -60.00 22.28 28.43
CA THR H 102 -59.04 23.08 27.66
C THR H 102 -57.70 22.39 27.38
N PRO H 103 -57.03 21.87 28.42
CA PRO H 103 -55.75 21.22 28.17
C PRO H 103 -55.89 20.13 27.12
N GLU H 104 -56.99 19.39 27.17
CA GLU H 104 -57.23 18.31 26.24
C GLU H 104 -57.55 18.81 24.83
N VAL H 105 -58.54 19.68 24.75
CA VAL H 105 -58.95 20.26 23.47
C VAL H 105 -57.79 20.92 22.74
N LYS H 106 -56.86 21.49 23.49
CA LYS H 106 -55.71 22.15 22.88
C LYS H 106 -54.62 21.17 22.45
N HIS H 107 -54.61 19.99 23.05
CA HIS H 107 -53.60 19.00 22.72
C HIS H 107 -53.94 18.18 21.47
N PHE H 108 -55.22 17.87 21.29
CA PHE H 108 -55.65 17.09 20.14
C PHE H 108 -56.11 17.99 18.99
N CYS H 109 -56.54 19.20 19.32
CA CYS H 109 -57.01 20.16 18.33
C CYS H 109 -56.25 21.48 18.37
N PRO H 110 -54.92 21.43 18.25
CA PRO H 110 -54.14 22.67 18.29
C PRO H 110 -54.61 23.71 17.28
N ASN H 111 -54.59 24.97 17.70
CA ASN H 111 -54.98 26.08 16.84
C ASN H 111 -56.40 26.01 16.29
N VAL H 112 -57.25 25.23 16.95
CA VAL H 112 -58.65 25.14 16.53
C VAL H 112 -59.41 26.10 17.43
N PRO H 113 -60.15 27.04 16.83
CA PRO H 113 -60.94 28.03 17.59
C PRO H 113 -61.89 27.41 18.61
N ILE H 114 -61.95 28.03 19.79
CA ILE H 114 -62.79 27.57 20.88
C ILE H 114 -63.82 28.63 21.26
N ILE H 115 -65.08 28.23 21.36
CA ILE H 115 -66.14 29.15 21.74
C ILE H 115 -66.65 28.74 23.12
N LEU H 116 -66.23 29.46 24.16
CA LEU H 116 -66.69 29.13 25.52
C LEU H 116 -68.18 29.43 25.60
N VAL H 117 -68.95 28.53 26.20
CA VAL H 117 -70.38 28.74 26.30
C VAL H 117 -70.94 28.45 27.69
N GLY H 118 -71.89 29.29 28.10
CA GLY H 118 -72.52 29.12 29.39
C GLY H 118 -73.96 28.75 29.11
N ASN H 119 -74.30 27.49 29.34
CA ASN H 119 -75.67 27.01 29.10
C ASN H 119 -76.57 27.27 30.29
N LYS H 120 -77.87 27.24 30.04
CA LYS H 120 -78.86 27.45 31.08
C LYS H 120 -78.71 28.79 31.81
N LYS H 121 -78.59 29.87 31.05
CA LYS H 121 -78.45 31.20 31.64
C LYS H 121 -79.72 31.57 32.42
N ASP H 122 -80.85 31.06 31.94
CA ASP H 122 -82.14 31.32 32.57
C ASP H 122 -82.20 30.87 34.03
N LEU H 123 -81.34 29.93 34.42
CA LEU H 123 -81.31 29.43 35.80
C LEU H 123 -80.46 30.30 36.72
N ARG H 124 -79.95 31.40 36.20
CA ARG H 124 -79.13 32.31 37.00
C ARG H 124 -80.01 33.10 37.95
N ASN H 125 -81.19 33.49 37.47
CA ASN H 125 -82.14 34.25 38.27
C ASN H 125 -83.18 33.35 38.94
N ASP H 126 -83.09 32.05 38.67
CA ASP H 126 -84.00 31.07 39.24
C ASP H 126 -83.71 30.89 40.73
N GLU H 127 -84.68 31.19 41.59
CA GLU H 127 -84.48 31.07 43.03
C GLU H 127 -84.24 29.62 43.45
N HIS H 128 -84.95 28.68 42.83
CA HIS H 128 -84.78 27.27 43.18
C HIS H 128 -83.32 26.81 43.10
N THR H 129 -82.65 27.10 41.98
CA THR H 129 -81.26 26.70 41.82
C THR H 129 -80.36 27.54 42.73
N ARG H 130 -80.75 28.79 42.96
CA ARG H 130 -79.96 29.66 43.84
C ARG H 130 -79.96 29.07 45.24
N ARG H 131 -81.10 28.48 45.62
CA ARG H 131 -81.26 27.86 46.94
C ARG H 131 -80.39 26.61 47.04
N GLU H 132 -80.61 25.65 46.15
CA GLU H 132 -79.86 24.41 46.14
C GLU H 132 -78.35 24.63 46.15
N LEU H 133 -77.91 25.62 45.38
CA LEU H 133 -76.49 25.95 45.30
C LEU H 133 -75.98 26.42 46.65
N ALA H 134 -76.75 27.32 47.28
CA ALA H 134 -76.40 27.87 48.58
C ALA H 134 -76.01 26.75 49.56
N LYS H 135 -76.83 25.70 49.61
CA LYS H 135 -76.56 24.57 50.50
C LYS H 135 -75.14 24.04 50.29
N MET H 136 -74.72 24.01 49.02
CA MET H 136 -73.39 23.53 48.67
C MET H 136 -72.36 24.64 48.82
N LYS H 137 -72.80 25.78 49.36
CA LYS H 137 -71.94 26.94 49.55
C LYS H 137 -71.52 27.50 48.20
N GLN H 138 -72.46 27.57 47.27
CA GLN H 138 -72.21 28.08 45.94
C GLN H 138 -73.35 28.96 45.43
N GLU H 139 -73.07 29.67 44.34
CA GLU H 139 -74.05 30.55 43.71
C GLU H 139 -73.84 30.49 42.20
N PRO H 140 -74.88 30.79 41.42
CA PRO H 140 -74.77 30.76 39.95
C PRO H 140 -73.50 31.43 39.43
N VAL H 141 -73.14 31.14 38.20
CA VAL H 141 -71.94 31.72 37.61
C VAL H 141 -72.29 33.09 37.05
N LYS H 142 -71.48 34.09 37.41
CA LYS H 142 -71.67 35.46 36.97
C LYS H 142 -70.97 35.73 35.65
N PRO H 143 -71.64 36.44 34.72
CA PRO H 143 -71.10 36.77 33.40
C PRO H 143 -69.62 37.17 33.48
N GLU H 144 -69.30 38.01 34.46
CA GLU H 144 -67.93 38.46 34.65
C GLU H 144 -66.98 37.27 34.73
N GLU H 145 -67.42 36.21 35.42
CA GLU H 145 -66.62 35.00 35.57
C GLU H 145 -66.44 34.27 34.24
N GLY H 146 -67.49 34.30 33.42
CA GLY H 146 -67.43 33.66 32.12
C GLY H 146 -66.40 34.29 31.21
N ARG H 147 -66.54 35.60 30.97
CA ARG H 147 -65.61 36.32 30.12
C ARG H 147 -64.17 36.12 30.59
N ASP H 148 -63.96 36.14 31.90
CA ASP H 148 -62.63 35.95 32.45
C ASP H 148 -62.06 34.60 32.01
N MET H 149 -62.83 33.55 32.24
CA MET H 149 -62.42 32.21 31.87
C MET H 149 -62.19 32.15 30.36
N ALA H 150 -63.13 32.72 29.61
CA ALA H 150 -63.05 32.76 28.16
C ALA H 150 -61.71 33.31 27.67
N ASN H 151 -61.23 34.37 28.33
CA ASN H 151 -59.95 34.97 27.96
C ASN H 151 -58.79 34.22 28.58
N ARG H 152 -59.03 33.65 29.77
CA ARG H 152 -58.01 32.89 30.47
C ARG H 152 -57.55 31.72 29.63
N ILE H 153 -58.51 31.03 29.02
CA ILE H 153 -58.19 29.87 28.18
C ILE H 153 -57.84 30.30 26.76
N GLY H 154 -58.18 31.54 26.42
CA GLY H 154 -57.88 32.05 25.10
C GLY H 154 -58.94 31.72 24.06
N ALA H 155 -60.19 31.65 24.51
CA ALA H 155 -61.31 31.35 23.62
C ALA H 155 -61.41 32.37 22.49
N PHE H 156 -62.22 32.03 21.49
CA PHE H 156 -62.46 32.89 20.34
C PHE H 156 -63.62 33.79 20.72
N GLY H 157 -64.11 33.60 21.94
CA GLY H 157 -65.22 34.40 22.42
C GLY H 157 -66.07 33.69 23.45
N TYR H 158 -66.72 34.47 24.30
CA TYR H 158 -67.57 33.94 25.35
C TYR H 158 -69.01 34.15 24.89
N MET H 159 -69.92 33.33 25.39
CA MET H 159 -71.33 33.42 25.01
C MET H 159 -72.24 32.64 25.96
N GLU H 160 -73.45 33.17 26.15
CA GLU H 160 -74.42 32.52 27.01
C GLU H 160 -75.70 32.28 26.23
N CYS H 161 -76.51 31.33 26.70
CA CYS H 161 -77.76 31.00 26.04
C CYS H 161 -78.66 30.18 26.94
N SER H 162 -79.90 30.00 26.51
CA SER H 162 -80.88 29.23 27.26
C SER H 162 -81.61 28.30 26.30
N ALA H 163 -81.57 27.01 26.58
CA ALA H 163 -82.22 26.03 25.72
C ALA H 163 -83.74 26.17 25.84
N LYS H 164 -84.20 26.57 27.02
CA LYS H 164 -85.64 26.74 27.26
C LYS H 164 -86.22 27.89 26.44
N THR H 165 -85.58 29.04 26.52
CA THR H 165 -86.03 30.24 25.81
C THR H 165 -85.40 30.40 24.43
N LYS H 166 -84.49 29.49 24.08
CA LYS H 166 -83.81 29.53 22.78
C LYS H 166 -82.99 30.82 22.68
N ASP H 167 -82.96 31.55 23.78
CA ASP H 167 -82.25 32.81 23.88
C ASP H 167 -80.74 32.64 23.76
N GLY H 168 -80.17 33.11 22.65
CA GLY H 168 -78.73 33.00 22.47
C GLY H 168 -78.27 31.76 21.74
N VAL H 169 -79.18 30.80 21.53
CA VAL H 169 -78.83 29.57 20.83
C VAL H 169 -78.26 29.88 19.45
N ARG H 170 -79.10 30.43 18.58
CA ARG H 170 -78.69 30.78 17.23
C ARG H 170 -77.35 31.52 17.24
N GLU H 171 -77.20 32.48 18.15
CA GLU H 171 -75.99 33.29 18.28
C GLU H 171 -74.71 32.47 18.48
N VAL H 172 -74.82 31.39 19.25
CA VAL H 172 -73.67 30.53 19.55
C VAL H 172 -73.14 29.83 18.31
N PHE H 173 -74.03 29.17 17.57
CA PHE H 173 -73.66 28.44 16.37
C PHE H 173 -73.30 29.35 15.20
N GLU H 174 -73.82 30.57 15.25
CA GLU H 174 -73.54 31.54 14.20
C GLU H 174 -72.11 32.05 14.41
N MET H 175 -71.76 32.30 15.66
CA MET H 175 -70.43 32.78 16.02
C MET H 175 -69.37 31.70 15.83
N ALA H 176 -69.73 30.46 16.12
CA ALA H 176 -68.81 29.33 15.98
C ALA H 176 -68.55 28.99 14.51
N THR H 177 -69.57 29.19 13.67
CA THR H 177 -69.46 28.92 12.24
C THR H 177 -68.47 29.92 11.64
N ARG H 178 -68.53 31.14 12.16
CA ARG H 178 -67.66 32.21 11.70
C ARG H 178 -66.22 31.87 12.05
N ALA H 179 -65.98 31.49 13.31
CA ALA H 179 -64.64 31.13 13.77
C ALA H 179 -64.07 29.96 12.98
N ALA H 180 -64.97 29.12 12.47
CA ALA H 180 -64.57 27.96 11.68
C ALA H 180 -64.12 28.36 10.29
N LEU H 181 -64.73 29.40 9.74
CA LEU H 181 -64.39 29.89 8.40
C LEU H 181 -63.03 30.60 8.36
N GLN H 182 -62.51 30.93 9.53
CA GLN H 182 -61.23 31.60 9.64
C GLN H 182 -60.08 30.60 9.51
#